data_1WE6
#
_entry.id   1WE6
#
_entity_poly.entity_id   1
_entity_poly.type   'polypeptide(L)'
_entity_poly.pdbx_seq_one_letter_code
;GSSGSSGKFDESALVPEDQFLAQHPGPATIRVSKPNENDGQFMEITVQSLSENVGSLKEKIAGEIQIPANKQKLSGKAGF
LKDNMSLAHYNVGAGEILTLSLRERSGPSSG
;
_entity_poly.pdbx_strand_id   A
#
# COMPACT_ATOMS: atom_id res chain seq x y z
N GLY A 1 -18.17 19.92 12.82
CA GLY A 1 -19.17 19.36 11.93
C GLY A 1 -18.89 19.67 10.47
N SER A 2 -19.16 18.71 9.59
CA SER A 2 -18.93 18.89 8.17
C SER A 2 -19.53 17.73 7.37
N SER A 3 -19.47 17.84 6.05
CA SER A 3 -20.01 16.81 5.18
C SER A 3 -19.95 17.24 3.71
N GLY A 4 -19.79 16.27 2.82
CA GLY A 4 -19.72 16.58 1.41
C GLY A 4 -19.09 15.45 0.60
N SER A 5 -19.09 15.61 -0.73
CA SER A 5 -18.52 14.59 -1.61
C SER A 5 -17.15 15.02 -2.12
N SER A 6 -16.44 14.09 -2.76
CA SER A 6 -15.12 14.37 -3.29
C SER A 6 -14.93 13.69 -4.64
N GLY A 7 -13.92 14.15 -5.39
CA GLY A 7 -13.65 13.56 -6.69
C GLY A 7 -12.16 13.49 -6.99
N LYS A 8 -11.55 14.65 -7.20
CA LYS A 8 -10.13 14.72 -7.50
C LYS A 8 -9.30 14.72 -6.23
N PHE A 9 -8.06 14.23 -6.32
CA PHE A 9 -7.17 14.18 -5.16
C PHE A 9 -6.48 15.52 -4.95
N ASP A 10 -6.66 16.08 -3.76
CA ASP A 10 -6.06 17.37 -3.41
C ASP A 10 -4.96 17.20 -2.37
N GLU A 11 -3.82 17.85 -2.60
CA GLU A 11 -2.69 17.77 -1.68
C GLU A 11 -2.93 18.63 -0.45
N SER A 12 -3.41 19.86 -0.67
CA SER A 12 -3.67 20.79 0.42
C SER A 12 -5.10 20.62 0.94
N ALA A 13 -5.49 19.39 1.19
CA ALA A 13 -6.83 19.09 1.70
C ALA A 13 -7.08 17.59 1.75
N LEU A 14 -6.05 16.83 2.10
CA LEU A 14 -6.15 15.38 2.19
C LEU A 14 -7.06 14.98 3.34
N VAL A 15 -7.70 13.81 3.21
CA VAL A 15 -8.60 13.31 4.24
C VAL A 15 -7.82 12.73 5.40
N PRO A 16 -8.23 13.08 6.64
CA PRO A 16 -7.58 12.61 7.85
C PRO A 16 -7.83 11.12 8.11
N GLU A 17 -6.82 10.43 8.62
CA GLU A 17 -6.93 9.01 8.90
C GLU A 17 -8.25 8.70 9.61
N ASP A 18 -8.76 9.68 10.34
CA ASP A 18 -10.02 9.51 11.07
C ASP A 18 -11.20 9.43 10.11
N GLN A 19 -11.22 10.33 9.13
CA GLN A 19 -12.30 10.35 8.14
C GLN A 19 -12.14 9.23 7.13
N PHE A 20 -10.90 9.06 6.63
CA PHE A 20 -10.62 8.03 5.65
C PHE A 20 -11.04 6.65 6.16
N LEU A 21 -10.94 6.46 7.47
CA LEU A 21 -11.31 5.19 8.09
C LEU A 21 -12.80 4.92 7.93
N ALA A 22 -13.62 5.80 8.52
CA ALA A 22 -15.07 5.66 8.44
C ALA A 22 -15.54 5.64 6.99
N GLN A 23 -15.08 6.62 6.21
CA GLN A 23 -15.45 6.72 4.80
C GLN A 23 -15.61 5.34 4.19
N HIS A 24 -14.80 4.38 4.65
CA HIS A 24 -14.85 3.01 4.15
C HIS A 24 -14.93 2.02 5.29
N PRO A 25 -16.17 1.65 5.67
CA PRO A 25 -16.42 0.70 6.76
C PRO A 25 -16.01 -0.72 6.38
N GLY A 26 -16.41 -1.15 5.19
CA GLY A 26 -16.07 -2.49 4.73
C GLY A 26 -14.60 -2.63 4.39
N PRO A 27 -14.19 -3.86 4.01
CA PRO A 27 -12.81 -4.14 3.65
C PRO A 27 -12.41 -3.51 2.32
N ALA A 28 -11.18 -3.00 2.25
CA ALA A 28 -10.68 -2.36 1.04
C ALA A 28 -9.57 -3.20 0.40
N THR A 29 -9.80 -3.64 -0.83
CA THR A 29 -8.82 -4.45 -1.55
C THR A 29 -7.60 -3.61 -1.93
N ILE A 30 -6.46 -3.93 -1.33
CA ILE A 30 -5.23 -3.20 -1.61
C ILE A 30 -4.38 -3.94 -2.65
N ARG A 31 -4.18 -3.31 -3.79
CA ARG A 31 -3.38 -3.91 -4.86
C ARG A 31 -1.90 -3.62 -4.66
N VAL A 32 -1.06 -4.64 -4.87
CA VAL A 32 0.37 -4.50 -4.72
C VAL A 32 1.11 -5.06 -5.93
N SER A 33 2.07 -4.30 -6.44
CA SER A 33 2.85 -4.73 -7.60
C SER A 33 3.84 -5.82 -7.21
N LYS A 34 4.20 -6.66 -8.19
CA LYS A 34 5.14 -7.74 -7.95
C LYS A 34 6.56 -7.21 -7.79
N PRO A 35 7.40 -7.97 -7.06
CA PRO A 35 8.79 -7.61 -6.82
C PRO A 35 9.64 -7.68 -8.08
N ASN A 36 10.04 -6.52 -8.59
CA ASN A 36 10.86 -6.46 -9.80
C ASN A 36 10.02 -6.73 -11.04
N GLU A 37 8.82 -6.17 -11.08
CA GLU A 37 7.93 -6.35 -12.20
C GLU A 37 6.84 -5.28 -12.22
N ASN A 38 6.00 -5.31 -13.24
CA ASN A 38 4.93 -4.34 -13.38
C ASN A 38 3.93 -4.77 -14.46
N ASP A 39 4.43 -4.92 -15.69
CA ASP A 39 3.59 -5.33 -16.81
C ASP A 39 2.97 -6.70 -16.55
N GLY A 40 3.71 -7.56 -15.87
CA GLY A 40 3.21 -8.89 -15.58
C GLY A 40 1.81 -8.87 -14.98
N GLN A 41 1.74 -8.83 -13.65
CA GLN A 41 0.45 -8.80 -12.97
C GLN A 41 0.63 -8.51 -11.48
N PHE A 42 -0.35 -7.84 -10.89
CA PHE A 42 -0.31 -7.50 -9.48
C PHE A 42 -1.03 -8.54 -8.64
N MET A 43 -0.88 -8.44 -7.32
CA MET A 43 -1.53 -9.37 -6.40
C MET A 43 -2.78 -8.75 -5.78
N GLU A 44 -3.53 -9.56 -5.04
CA GLU A 44 -4.74 -9.09 -4.39
C GLU A 44 -4.66 -9.30 -2.88
N ILE A 45 -4.39 -8.21 -2.16
CA ILE A 45 -4.29 -8.26 -0.70
C ILE A 45 -5.27 -7.30 -0.05
N THR A 46 -6.37 -7.83 0.46
CA THR A 46 -7.38 -7.01 1.13
C THR A 46 -7.16 -6.97 2.63
N VAL A 47 -7.69 -5.94 3.27
CA VAL A 47 -7.56 -5.77 4.72
C VAL A 47 -8.89 -5.42 5.36
N GLN A 48 -9.37 -6.30 6.23
CA GLN A 48 -10.64 -6.08 6.92
C GLN A 48 -10.83 -4.61 7.24
N SER A 49 -9.78 -3.96 7.73
CA SER A 49 -9.85 -2.55 8.08
C SER A 49 -8.61 -1.81 7.56
N LEU A 50 -8.76 -0.50 7.36
CA LEU A 50 -7.65 0.32 6.86
C LEU A 50 -6.76 0.78 8.01
N SER A 51 -7.35 0.95 9.19
CA SER A 51 -6.62 1.38 10.36
C SER A 51 -5.35 0.54 10.55
N GLU A 52 -5.40 -0.70 10.07
CA GLU A 52 -4.27 -1.60 10.19
C GLU A 52 -2.96 -0.88 9.90
N ASN A 53 -1.86 -1.38 10.47
CA ASN A 53 -0.56 -0.77 10.28
C ASN A 53 0.13 -1.33 9.02
N VAL A 54 0.69 -0.45 8.21
CA VAL A 54 1.37 -0.85 6.99
C VAL A 54 2.17 -2.13 7.20
N GLY A 55 2.68 -2.31 8.41
CA GLY A 55 3.46 -3.49 8.74
C GLY A 55 2.66 -4.77 8.61
N SER A 56 1.51 -4.80 9.27
CA SER A 56 0.64 -5.98 9.23
C SER A 56 0.44 -6.45 7.80
N LEU A 57 0.40 -5.51 6.86
CA LEU A 57 0.21 -5.84 5.46
C LEU A 57 1.44 -6.53 4.88
N LYS A 58 2.61 -5.92 5.09
CA LYS A 58 3.86 -6.48 4.61
C LYS A 58 3.96 -7.96 4.93
N GLU A 59 3.28 -8.38 5.99
CA GLU A 59 3.29 -9.77 6.41
C GLU A 59 2.48 -10.64 5.44
N LYS A 60 1.29 -10.16 5.09
CA LYS A 60 0.42 -10.89 4.18
C LYS A 60 1.17 -11.30 2.92
N ILE A 61 1.80 -10.32 2.26
CA ILE A 61 2.56 -10.60 1.04
C ILE A 61 3.82 -11.38 1.34
N ALA A 62 4.48 -11.01 2.45
CA ALA A 62 5.71 -11.68 2.85
C ALA A 62 5.59 -13.19 2.72
N GLY A 63 4.35 -13.68 2.77
CA GLY A 63 4.11 -15.11 2.65
C GLY A 63 4.23 -15.60 1.22
N GLU A 64 3.62 -14.88 0.29
CA GLU A 64 3.66 -15.25 -1.12
C GLU A 64 5.09 -15.19 -1.66
N ILE A 65 5.74 -14.05 -1.48
CA ILE A 65 7.10 -13.87 -1.94
C ILE A 65 8.10 -14.55 -1.02
N GLN A 66 7.64 -14.92 0.17
CA GLN A 66 8.49 -15.59 1.15
C GLN A 66 9.62 -14.67 1.60
N ILE A 67 9.30 -13.40 1.81
CA ILE A 67 10.29 -12.42 2.24
C ILE A 67 9.82 -11.67 3.48
N PRO A 68 10.75 -11.47 4.43
CA PRO A 68 10.46 -10.76 5.69
C PRO A 68 10.21 -9.28 5.46
N ALA A 69 9.16 -8.76 6.10
CA ALA A 69 8.81 -7.34 5.98
C ALA A 69 10.06 -6.47 6.02
N ASN A 70 11.07 -6.92 6.77
CA ASN A 70 12.31 -6.18 6.89
C ASN A 70 13.04 -6.09 5.55
N LYS A 71 13.17 -7.24 4.88
CA LYS A 71 13.83 -7.30 3.59
C LYS A 71 13.09 -6.45 2.55
N GLN A 72 11.87 -6.87 2.22
CA GLN A 72 11.05 -6.16 1.24
C GLN A 72 10.66 -4.79 1.77
N LYS A 73 10.60 -3.80 0.88
CA LYS A 73 10.22 -2.45 1.25
C LYS A 73 8.98 -2.00 0.49
N LEU A 74 8.04 -1.39 1.20
CA LEU A 74 6.80 -0.91 0.60
C LEU A 74 6.87 0.59 0.35
N SER A 75 6.50 1.00 -0.87
CA SER A 75 6.52 2.41 -1.24
C SER A 75 5.13 2.88 -1.67
N GLY A 76 4.71 4.02 -1.14
CA GLY A 76 3.40 4.57 -1.47
C GLY A 76 3.49 5.88 -2.20
N LYS A 77 2.39 6.30 -2.82
CA LYS A 77 2.34 7.55 -3.56
C LYS A 77 3.21 8.61 -2.89
N ALA A 78 3.00 8.79 -1.58
CA ALA A 78 3.76 9.77 -0.82
C ALA A 78 5.22 9.37 -0.71
N GLY A 79 5.46 8.08 -0.48
CA GLY A 79 6.82 7.59 -0.34
C GLY A 79 6.89 6.33 0.51
N PHE A 80 8.12 5.89 0.80
CA PHE A 80 8.33 4.70 1.61
C PHE A 80 7.37 4.67 2.79
N LEU A 81 6.40 3.77 2.73
CA LEU A 81 5.42 3.63 3.80
C LEU A 81 6.06 3.07 5.06
N LYS A 82 5.72 3.66 6.20
CA LYS A 82 6.26 3.22 7.48
C LYS A 82 5.30 2.27 8.19
N ASP A 83 5.83 1.16 8.68
CA ASP A 83 5.01 0.17 9.38
C ASP A 83 4.26 0.80 10.54
N ASN A 84 4.89 1.77 11.20
CA ASN A 84 4.29 2.46 12.33
C ASN A 84 3.07 3.27 11.89
N MET A 85 3.09 3.71 10.64
CA MET A 85 1.99 4.50 10.09
C MET A 85 0.87 3.59 9.62
N SER A 86 -0.32 4.16 9.44
CA SER A 86 -1.48 3.40 8.99
C SER A 86 -1.75 3.64 7.51
N LEU A 87 -2.72 2.92 6.97
CA LEU A 87 -3.08 3.05 5.56
C LEU A 87 -4.00 4.25 5.33
N ALA A 88 -5.02 4.36 6.17
CA ALA A 88 -5.97 5.46 6.07
C ALA A 88 -5.25 6.82 6.06
N HIS A 89 -4.26 6.95 6.94
CA HIS A 89 -3.49 8.19 7.03
C HIS A 89 -2.92 8.58 5.67
N TYR A 90 -2.35 7.61 4.97
CA TYR A 90 -1.77 7.85 3.66
C TYR A 90 -2.86 7.92 2.58
N ASN A 91 -4.11 7.78 3.00
CA ASN A 91 -5.24 7.84 2.09
C ASN A 91 -5.22 6.64 1.14
N VAL A 92 -5.03 5.45 1.69
CA VAL A 92 -4.99 4.23 0.90
C VAL A 92 -6.23 3.38 1.13
N GLY A 93 -7.06 3.26 0.10
CA GLY A 93 -8.27 2.47 0.21
C GLY A 93 -9.06 2.43 -1.09
N ALA A 94 -9.29 1.23 -1.60
CA ALA A 94 -10.04 1.05 -2.84
C ALA A 94 -9.75 2.20 -3.81
N GLY A 95 -8.52 2.26 -4.30
CA GLY A 95 -8.13 3.31 -5.23
C GLY A 95 -6.63 3.49 -5.33
N GLU A 96 -5.99 3.63 -4.17
CA GLU A 96 -4.54 3.82 -4.13
C GLU A 96 -3.82 2.49 -4.33
N ILE A 97 -2.67 2.54 -4.99
CA ILE A 97 -1.87 1.34 -5.25
C ILE A 97 -0.47 1.47 -4.66
N LEU A 98 -0.02 0.42 -3.99
CA LEU A 98 1.30 0.41 -3.37
C LEU A 98 2.27 -0.43 -4.20
N THR A 99 3.56 -0.09 -4.14
CA THR A 99 4.58 -0.82 -4.87
C THR A 99 5.48 -1.59 -3.92
N LEU A 100 5.95 -2.75 -4.38
CA LEU A 100 6.83 -3.60 -3.57
C LEU A 100 8.20 -3.72 -4.21
N SER A 101 9.24 -3.32 -3.48
CA SER A 101 10.60 -3.40 -3.98
C SER A 101 11.42 -4.41 -3.18
N LEU A 102 12.24 -5.18 -3.87
CA LEU A 102 13.08 -6.19 -3.24
C LEU A 102 14.44 -5.61 -2.85
N ARG A 103 14.85 -5.86 -1.62
CA ARG A 103 16.13 -5.36 -1.13
C ARG A 103 17.29 -6.10 -1.78
N GLU A 104 18.01 -5.40 -2.66
CA GLU A 104 19.15 -6.00 -3.36
C GLU A 104 18.69 -7.14 -4.27
N ARG A 105 18.45 -6.82 -5.54
CA ARG A 105 18.02 -7.82 -6.51
C ARG A 105 18.93 -9.03 -6.49
N SER A 106 18.34 -10.22 -6.43
CA SER A 106 19.10 -11.47 -6.40
C SER A 106 19.86 -11.66 -7.71
N GLY A 107 19.11 -11.95 -8.77
CA GLY A 107 19.73 -12.17 -10.07
C GLY A 107 19.21 -13.40 -10.76
N PRO A 108 19.60 -14.58 -10.27
CA PRO A 108 19.18 -15.87 -10.83
C PRO A 108 17.69 -16.15 -10.59
N SER A 109 17.01 -15.21 -9.93
CA SER A 109 15.60 -15.35 -9.64
C SER A 109 14.75 -14.46 -10.54
N SER A 110 14.45 -14.95 -11.73
CA SER A 110 13.65 -14.20 -12.70
C SER A 110 12.18 -14.59 -12.61
N GLY A 111 11.32 -13.80 -13.26
CA GLY A 111 9.91 -14.07 -13.23
C GLY A 111 9.53 -15.29 -14.06
N GLY A 1 -26.79 18.38 4.34
CA GLY A 1 -26.31 17.84 3.08
C GLY A 1 -24.79 17.81 3.02
N SER A 2 -24.26 17.13 2.01
CA SER A 2 -22.82 17.02 1.83
C SER A 2 -22.47 16.66 0.39
N SER A 3 -23.25 15.75 -0.20
CA SER A 3 -23.02 15.32 -1.57
C SER A 3 -21.65 14.67 -1.72
N GLY A 4 -21.57 13.66 -2.57
CA GLY A 4 -20.31 12.97 -2.79
C GLY A 4 -20.11 12.57 -4.24
N SER A 5 -19.71 13.54 -5.06
CA SER A 5 -19.48 13.30 -6.48
C SER A 5 -18.19 12.53 -6.69
N SER A 6 -18.08 11.86 -7.84
CA SER A 6 -16.89 11.08 -8.17
C SER A 6 -15.78 11.99 -8.70
N GLY A 7 -14.55 11.51 -8.62
CA GLY A 7 -13.42 12.29 -9.09
C GLY A 7 -12.12 11.89 -8.44
N LYS A 8 -11.06 12.65 -8.70
CA LYS A 8 -9.75 12.38 -8.12
C LYS A 8 -9.36 13.45 -7.10
N PHE A 9 -8.64 13.04 -6.06
CA PHE A 9 -8.21 13.96 -5.03
C PHE A 9 -6.72 14.27 -5.16
N ASP A 10 -6.37 15.53 -4.95
CA ASP A 10 -4.98 15.96 -5.05
C ASP A 10 -4.41 16.30 -3.68
N GLU A 11 -3.09 16.23 -3.55
CA GLU A 11 -2.42 16.53 -2.28
C GLU A 11 -2.98 17.81 -1.66
N SER A 12 -3.44 18.72 -2.51
CA SER A 12 -4.00 19.99 -2.04
C SER A 12 -5.08 19.74 -1.00
N ALA A 13 -5.90 18.73 -1.22
CA ALA A 13 -6.96 18.39 -0.29
C ALA A 13 -6.91 16.92 0.10
N LEU A 14 -6.12 16.61 1.13
CA LEU A 14 -5.98 15.24 1.60
C LEU A 14 -7.00 14.93 2.68
N VAL A 15 -7.57 13.73 2.63
CA VAL A 15 -8.56 13.31 3.61
C VAL A 15 -7.90 12.76 4.87
N PRO A 16 -8.46 13.12 6.04
CA PRO A 16 -7.94 12.67 7.33
C PRO A 16 -8.17 11.18 7.57
N GLU A 17 -7.47 10.63 8.55
CA GLU A 17 -7.60 9.21 8.87
C GLU A 17 -8.96 8.93 9.50
N ASP A 18 -9.55 9.95 10.12
CA ASP A 18 -10.85 9.81 10.76
C ASP A 18 -11.95 9.61 9.71
N GLN A 19 -11.97 10.49 8.72
CA GLN A 19 -12.98 10.42 7.66
C GLN A 19 -12.72 9.24 6.75
N PHE A 20 -11.50 9.18 6.20
CA PHE A 20 -11.11 8.11 5.29
C PHE A 20 -11.55 6.75 5.85
N LEU A 21 -11.36 6.56 7.15
CA LEU A 21 -11.74 5.32 7.80
C LEU A 21 -13.16 4.90 7.43
N ALA A 22 -14.12 5.75 7.77
CA ALA A 22 -15.52 5.47 7.47
C ALA A 22 -15.77 5.51 5.96
N GLN A 23 -15.24 6.52 5.30
CA GLN A 23 -15.40 6.66 3.86
C GLN A 23 -15.43 5.30 3.18
N HIS A 24 -14.66 4.36 3.72
CA HIS A 24 -14.60 3.01 3.17
C HIS A 24 -14.88 1.96 4.24
N PRO A 25 -16.17 1.58 4.37
CA PRO A 25 -16.60 0.59 5.35
C PRO A 25 -16.12 -0.81 5.01
N GLY A 26 -16.35 -1.76 5.92
CA GLY A 26 -15.93 -3.13 5.70
C GLY A 26 -14.49 -3.23 5.24
N PRO A 27 -14.07 -4.43 4.84
CA PRO A 27 -12.71 -4.68 4.37
C PRO A 27 -12.43 -4.03 3.02
N ALA A 28 -11.20 -3.57 2.82
CA ALA A 28 -10.81 -2.94 1.57
C ALA A 28 -9.69 -3.72 0.88
N THR A 29 -9.70 -3.70 -0.45
CA THR A 29 -8.69 -4.41 -1.24
C THR A 29 -7.52 -3.49 -1.57
N ILE A 30 -6.32 -4.04 -1.54
CA ILE A 30 -5.11 -3.27 -1.85
C ILE A 30 -4.34 -3.91 -2.98
N ARG A 31 -3.97 -3.09 -3.98
CA ARG A 31 -3.22 -3.58 -5.13
C ARG A 31 -1.73 -3.32 -4.96
N VAL A 32 -0.95 -4.39 -4.99
CA VAL A 32 0.50 -4.28 -4.83
C VAL A 32 1.23 -4.90 -6.02
N SER A 33 2.27 -4.21 -6.48
CA SER A 33 3.06 -4.69 -7.63
C SER A 33 4.01 -5.80 -7.20
N LYS A 34 4.34 -6.68 -8.14
CA LYS A 34 5.25 -7.79 -7.87
C LYS A 34 6.68 -7.30 -7.71
N PRO A 35 7.47 -8.01 -6.91
CA PRO A 35 8.87 -7.67 -6.64
C PRO A 35 9.75 -7.88 -7.88
N ASN A 36 9.15 -8.37 -8.96
CA ASN A 36 9.88 -8.62 -10.19
C ASN A 36 9.68 -7.48 -11.18
N GLU A 37 10.41 -7.52 -12.29
CA GLU A 37 10.31 -6.49 -13.32
C GLU A 37 8.97 -6.57 -14.05
N ASN A 38 8.58 -7.79 -14.41
CA ASN A 38 7.32 -7.99 -15.12
C ASN A 38 6.14 -7.52 -14.27
N ASP A 39 5.45 -6.49 -14.75
CA ASP A 39 4.30 -5.95 -14.03
C ASP A 39 2.99 -6.38 -14.70
N GLY A 40 3.04 -7.48 -15.44
CA GLY A 40 1.86 -7.96 -16.12
C GLY A 40 0.63 -7.95 -15.23
N GLN A 41 0.73 -8.60 -14.08
CA GLN A 41 -0.38 -8.66 -13.14
C GLN A 41 0.03 -8.15 -11.76
N PHE A 42 -0.94 -7.99 -10.88
CA PHE A 42 -0.68 -7.50 -9.53
C PHE A 42 -1.39 -8.36 -8.49
N MET A 43 -1.08 -8.13 -7.22
CA MET A 43 -1.69 -8.87 -6.13
C MET A 43 -2.69 -8.01 -5.37
N GLU A 44 -3.85 -8.59 -5.07
CA GLU A 44 -4.90 -7.87 -4.34
C GLU A 44 -5.01 -8.38 -2.91
N ILE A 45 -4.33 -7.71 -1.99
CA ILE A 45 -4.35 -8.10 -0.58
C ILE A 45 -5.44 -7.35 0.18
N THR A 46 -6.52 -8.05 0.51
CA THR A 46 -7.63 -7.44 1.24
C THR A 46 -7.39 -7.50 2.75
N VAL A 47 -7.75 -6.41 3.43
CA VAL A 47 -7.56 -6.33 4.88
C VAL A 47 -8.89 -6.04 5.57
N GLN A 48 -9.13 -6.74 6.68
CA GLN A 48 -10.37 -6.56 7.45
C GLN A 48 -10.70 -5.09 7.59
N SER A 49 -9.68 -4.26 7.79
CA SER A 49 -9.87 -2.83 7.95
C SER A 49 -8.64 -2.06 7.47
N LEU A 50 -8.86 -0.81 7.07
CA LEU A 50 -7.77 0.03 6.58
C LEU A 50 -6.92 0.54 7.74
N SER A 51 -7.58 0.88 8.85
CA SER A 51 -6.88 1.37 10.03
C SER A 51 -5.59 0.60 10.27
N GLU A 52 -5.56 -0.65 9.83
CA GLU A 52 -4.39 -1.50 9.99
C GLU A 52 -3.11 -0.73 9.69
N ASN A 53 -2.00 -1.22 10.23
CA ASN A 53 -0.70 -0.57 10.01
C ASN A 53 0.02 -1.19 8.82
N VAL A 54 0.67 -0.34 8.02
CA VAL A 54 1.40 -0.80 6.85
C VAL A 54 2.21 -2.07 7.17
N GLY A 55 2.85 -2.08 8.33
CA GLY A 55 3.63 -3.22 8.74
C GLY A 55 2.86 -4.53 8.64
N SER A 56 1.60 -4.49 9.06
CA SER A 56 0.75 -5.67 9.03
C SER A 56 0.62 -6.21 7.62
N LEU A 57 0.37 -5.31 6.67
CA LEU A 57 0.22 -5.70 5.27
C LEU A 57 1.40 -6.54 4.81
N LYS A 58 2.61 -5.99 4.93
CA LYS A 58 3.82 -6.69 4.53
C LYS A 58 3.75 -8.16 4.92
N GLU A 59 3.22 -8.42 6.11
CA GLU A 59 3.10 -9.79 6.60
C GLU A 59 2.41 -10.67 5.57
N LYS A 60 1.34 -10.16 4.97
CA LYS A 60 0.58 -10.90 3.97
C LYS A 60 1.49 -11.34 2.82
N ILE A 61 1.91 -10.37 2.00
CA ILE A 61 2.78 -10.66 0.88
C ILE A 61 3.97 -11.50 1.29
N ALA A 62 4.60 -11.13 2.42
CA ALA A 62 5.74 -11.86 2.93
C ALA A 62 5.58 -13.36 2.74
N GLY A 63 4.34 -13.84 2.86
CA GLY A 63 4.07 -15.25 2.70
C GLY A 63 4.24 -15.71 1.26
N GLU A 64 3.78 -14.90 0.32
CA GLU A 64 3.89 -15.23 -1.10
C GLU A 64 5.33 -15.12 -1.58
N ILE A 65 5.97 -14.01 -1.25
CA ILE A 65 7.36 -13.78 -1.64
C ILE A 65 8.32 -14.46 -0.68
N GLN A 66 7.80 -14.90 0.46
CA GLN A 66 8.62 -15.57 1.46
C GLN A 66 9.69 -14.63 2.00
N ILE A 67 9.34 -13.37 2.19
CA ILE A 67 10.28 -12.37 2.70
C ILE A 67 9.71 -11.65 3.92
N PRO A 68 10.56 -11.44 4.93
CA PRO A 68 10.16 -10.75 6.17
C PRO A 68 9.90 -9.27 5.95
N ALA A 69 8.81 -8.78 6.53
CA ALA A 69 8.44 -7.37 6.40
C ALA A 69 9.68 -6.48 6.42
N ASN A 70 10.67 -6.88 7.21
CA ASN A 70 11.90 -6.11 7.32
C ASN A 70 12.60 -5.99 5.96
N LYS A 71 12.85 -7.14 5.33
CA LYS A 71 13.50 -7.16 4.03
C LYS A 71 12.67 -6.41 2.99
N GLN A 72 11.49 -6.93 2.69
CA GLN A 72 10.61 -6.30 1.71
C GLN A 72 10.15 -4.93 2.20
N LYS A 73 10.19 -3.95 1.30
CA LYS A 73 9.78 -2.60 1.63
C LYS A 73 8.59 -2.16 0.77
N LEU A 74 7.68 -1.40 1.36
CA LEU A 74 6.51 -0.91 0.65
C LEU A 74 6.63 0.57 0.33
N SER A 75 6.38 0.93 -0.93
CA SER A 75 6.47 2.31 -1.36
C SER A 75 5.13 2.81 -1.88
N GLY A 76 4.75 4.02 -1.47
CA GLY A 76 3.49 4.59 -1.91
C GLY A 76 3.67 5.84 -2.75
N LYS A 77 2.57 6.35 -3.28
CA LYS A 77 2.61 7.56 -4.11
C LYS A 77 3.36 8.68 -3.40
N ALA A 78 3.18 8.76 -2.09
CA ALA A 78 3.85 9.78 -1.29
C ALA A 78 5.32 9.44 -1.05
N GLY A 79 5.57 8.17 -0.76
CA GLY A 79 6.93 7.72 -0.51
C GLY A 79 6.99 6.41 0.24
N PHE A 80 8.19 6.03 0.67
CA PHE A 80 8.37 4.78 1.40
C PHE A 80 7.41 4.69 2.58
N LEU A 81 6.30 4.00 2.37
CA LEU A 81 5.29 3.85 3.43
C LEU A 81 5.94 3.36 4.73
N LYS A 82 5.46 3.89 5.85
CA LYS A 82 5.98 3.52 7.15
C LYS A 82 5.12 2.43 7.79
N ASP A 83 5.76 1.37 8.27
CA ASP A 83 5.05 0.27 8.90
C ASP A 83 4.25 0.76 10.10
N ASN A 84 4.74 1.80 10.75
CA ASN A 84 4.06 2.37 11.91
C ASN A 84 2.82 3.15 11.49
N MET A 85 2.87 3.75 10.31
CA MET A 85 1.74 4.52 9.79
C MET A 85 0.63 3.60 9.30
N SER A 86 -0.58 4.12 9.22
CA SER A 86 -1.73 3.36 8.77
C SER A 86 -1.97 3.57 7.28
N LEU A 87 -2.92 2.81 6.72
CA LEU A 87 -3.25 2.92 5.30
C LEU A 87 -4.23 4.07 5.06
N ALA A 88 -5.21 4.20 5.96
CA ALA A 88 -6.20 5.26 5.84
C ALA A 88 -5.54 6.64 5.78
N HIS A 89 -4.59 6.87 6.68
CA HIS A 89 -3.88 8.14 6.72
C HIS A 89 -3.23 8.45 5.37
N TYR A 90 -2.80 7.41 4.67
CA TYR A 90 -2.17 7.57 3.36
C TYR A 90 -3.21 7.60 2.26
N ASN A 91 -4.47 7.41 2.62
CA ASN A 91 -5.56 7.42 1.65
C ASN A 91 -5.42 6.26 0.67
N VAL A 92 -5.03 5.10 1.19
CA VAL A 92 -4.86 3.91 0.36
C VAL A 92 -5.98 2.92 0.59
N GLY A 93 -6.84 2.75 -0.42
CA GLY A 93 -7.95 1.83 -0.29
C GLY A 93 -8.15 1.00 -1.56
N ALA A 94 -9.41 0.83 -1.95
CA ALA A 94 -9.73 0.06 -3.15
C ALA A 94 -9.53 0.89 -4.41
N GLY A 95 -8.42 1.63 -4.46
CA GLY A 95 -8.13 2.46 -5.62
C GLY A 95 -6.65 2.73 -5.77
N GLU A 96 -5.99 3.06 -4.66
CA GLU A 96 -4.56 3.35 -4.68
C GLU A 96 -3.75 2.08 -4.92
N ILE A 97 -2.62 2.21 -5.60
CA ILE A 97 -1.75 1.08 -5.88
C ILE A 97 -0.36 1.29 -5.29
N LEU A 98 0.06 0.33 -4.47
CA LEU A 98 1.38 0.41 -3.84
C LEU A 98 2.38 -0.48 -4.56
N THR A 99 3.67 -0.18 -4.39
CA THR A 99 4.72 -0.96 -5.02
C THR A 99 5.54 -1.73 -3.98
N LEU A 100 6.00 -2.91 -4.37
CA LEU A 100 6.79 -3.75 -3.47
C LEU A 100 8.23 -3.89 -3.98
N SER A 101 9.19 -3.52 -3.14
CA SER A 101 10.60 -3.60 -3.50
C SER A 101 11.32 -4.64 -2.65
N LEU A 102 12.12 -5.48 -3.31
CA LEU A 102 12.87 -6.52 -2.61
C LEU A 102 14.23 -6.01 -2.16
N ARG A 103 14.57 -6.25 -0.89
CA ARG A 103 15.84 -5.82 -0.34
C ARG A 103 17.01 -6.47 -1.09
N GLU A 104 17.82 -5.64 -1.74
CA GLU A 104 18.97 -6.14 -2.49
C GLU A 104 20.26 -5.48 -2.00
N ARG A 105 21.01 -6.19 -1.17
CA ARG A 105 22.26 -5.69 -0.63
C ARG A 105 23.45 -6.22 -1.43
N SER A 106 23.94 -5.40 -2.35
CA SER A 106 25.08 -5.78 -3.18
C SER A 106 25.81 -4.55 -3.70
N GLY A 107 27.14 -4.57 -3.57
CA GLY A 107 27.95 -3.45 -4.02
C GLY A 107 28.02 -3.36 -5.53
N PRO A 108 29.10 -3.92 -6.10
CA PRO A 108 29.32 -3.92 -7.56
C PRO A 108 28.33 -4.83 -8.29
N SER A 109 27.98 -5.95 -7.65
CA SER A 109 27.06 -6.90 -8.25
C SER A 109 27.70 -7.64 -9.41
N SER A 110 27.62 -8.97 -9.39
CA SER A 110 28.20 -9.80 -10.43
C SER A 110 27.33 -9.78 -11.69
N GLY A 111 26.02 -9.92 -11.50
CA GLY A 111 25.10 -9.93 -12.62
C GLY A 111 24.74 -11.32 -13.07
N GLY A 1 -5.19 25.12 4.50
CA GLY A 1 -6.09 25.70 3.51
C GLY A 1 -7.45 25.01 3.49
N SER A 2 -8.18 25.19 2.40
CA SER A 2 -9.50 24.57 2.26
C SER A 2 -10.02 24.72 0.83
N SER A 3 -9.83 23.68 0.03
CA SER A 3 -10.28 23.70 -1.36
C SER A 3 -10.90 22.35 -1.74
N GLY A 4 -11.64 22.35 -2.85
CA GLY A 4 -12.28 21.13 -3.31
C GLY A 4 -11.71 20.64 -4.62
N SER A 5 -12.12 19.45 -5.03
CA SER A 5 -11.64 18.86 -6.28
C SER A 5 -12.19 17.44 -6.46
N SER A 6 -12.95 17.24 -7.53
CA SER A 6 -13.53 15.93 -7.81
C SER A 6 -12.71 15.20 -8.87
N GLY A 7 -12.40 13.94 -8.60
CA GLY A 7 -11.63 13.13 -9.53
C GLY A 7 -10.21 12.91 -9.06
N LYS A 8 -9.41 13.97 -9.06
CA LYS A 8 -8.02 13.88 -8.63
C LYS A 8 -7.89 14.23 -7.15
N PHE A 9 -7.32 13.31 -6.37
CA PHE A 9 -7.14 13.51 -4.94
C PHE A 9 -5.92 14.38 -4.67
N ASP A 10 -6.17 15.63 -4.31
CA ASP A 10 -5.10 16.58 -4.02
C ASP A 10 -4.54 16.35 -2.62
N GLU A 11 -3.28 16.74 -2.42
CA GLU A 11 -2.63 16.57 -1.13
C GLU A 11 -3.08 17.66 -0.15
N SER A 12 -3.35 18.84 -0.68
CA SER A 12 -3.78 19.97 0.14
C SER A 12 -5.07 19.63 0.89
N ALA A 13 -5.90 18.80 0.27
CA ALA A 13 -7.17 18.39 0.88
C ALA A 13 -7.12 16.93 1.32
N LEU A 14 -6.12 16.60 2.13
CA LEU A 14 -5.96 15.24 2.63
C LEU A 14 -7.00 14.93 3.70
N VAL A 15 -7.53 13.71 3.66
CA VAL A 15 -8.53 13.28 4.63
C VAL A 15 -7.88 12.70 5.88
N PRO A 16 -8.42 13.06 7.05
CA PRO A 16 -7.91 12.59 8.34
C PRO A 16 -8.18 11.11 8.56
N GLU A 17 -7.17 10.39 9.05
CA GLU A 17 -7.30 8.96 9.30
C GLU A 17 -8.59 8.65 10.05
N ASP A 18 -9.13 9.66 10.71
CA ASP A 18 -10.37 9.51 11.47
C ASP A 18 -11.57 9.38 10.54
N GLN A 19 -11.55 10.14 9.44
CA GLN A 19 -12.64 10.11 8.48
C GLN A 19 -12.43 9.00 7.47
N PHE A 20 -11.28 8.99 6.82
CA PHE A 20 -10.96 7.98 5.82
C PHE A 20 -11.40 6.59 6.30
N LEU A 21 -11.18 6.32 7.58
CA LEU A 21 -11.55 5.04 8.17
C LEU A 21 -13.04 4.75 7.96
N ALA A 22 -13.89 5.54 8.61
CA ALA A 22 -15.32 5.38 8.49
C ALA A 22 -15.76 5.35 7.03
N GLN A 23 -15.26 6.30 6.25
CA GLN A 23 -15.59 6.38 4.83
C GLN A 23 -15.77 4.99 4.24
N HIS A 24 -14.98 4.04 4.73
CA HIS A 24 -15.04 2.66 4.24
C HIS A 24 -15.21 1.69 5.39
N PRO A 25 -16.47 1.36 5.72
CA PRO A 25 -16.79 0.44 6.81
C PRO A 25 -16.41 -1.00 6.49
N GLY A 26 -16.50 -1.35 5.21
CA GLY A 26 -16.16 -2.71 4.79
C GLY A 26 -14.70 -2.84 4.41
N PRO A 27 -14.27 -4.07 4.14
CA PRO A 27 -12.89 -4.37 3.77
C PRO A 27 -12.53 -3.84 2.38
N ALA A 28 -11.36 -3.22 2.26
CA ALA A 28 -10.91 -2.67 0.99
C ALA A 28 -9.78 -3.51 0.40
N THR A 29 -9.87 -3.77 -0.90
CA THR A 29 -8.86 -4.57 -1.59
C THR A 29 -7.67 -3.72 -1.98
N ILE A 30 -6.53 -3.96 -1.34
CA ILE A 30 -5.31 -3.21 -1.62
C ILE A 30 -4.42 -3.96 -2.61
N ARG A 31 -4.21 -3.37 -3.78
CA ARG A 31 -3.37 -3.98 -4.80
C ARG A 31 -1.90 -3.61 -4.60
N VAL A 32 -1.01 -4.54 -4.95
CA VAL A 32 0.42 -4.32 -4.82
C VAL A 32 1.18 -4.86 -6.01
N SER A 33 2.18 -4.12 -6.47
CA SER A 33 2.98 -4.53 -7.61
C SER A 33 3.93 -5.67 -7.24
N LYS A 34 4.15 -6.58 -8.17
CA LYS A 34 5.03 -7.72 -7.95
C LYS A 34 6.49 -7.27 -7.88
N PRO A 35 7.32 -8.06 -7.18
CA PRO A 35 8.75 -7.78 -7.03
C PRO A 35 9.52 -7.95 -8.33
N ASN A 36 10.74 -7.40 -8.37
CA ASN A 36 11.57 -7.50 -9.56
C ASN A 36 10.93 -6.79 -10.74
N GLU A 37 11.25 -5.50 -10.89
CA GLU A 37 10.70 -4.71 -11.98
C GLU A 37 9.18 -4.84 -12.05
N ASN A 38 8.57 -4.15 -13.00
CA ASN A 38 7.12 -4.19 -13.18
C ASN A 38 6.75 -4.97 -14.43
N ASP A 39 6.09 -6.11 -14.23
CA ASP A 39 5.68 -6.95 -15.36
C ASP A 39 4.24 -6.63 -15.77
N GLY A 40 3.42 -6.26 -14.79
CA GLY A 40 2.03 -5.93 -15.08
C GLY A 40 1.08 -6.58 -14.09
N GLN A 41 1.14 -7.90 -13.99
CA GLN A 41 0.27 -8.65 -13.09
C GLN A 41 0.54 -8.27 -11.64
N PHE A 42 -0.49 -7.81 -10.93
CA PHE A 42 -0.35 -7.42 -9.54
C PHE A 42 -1.06 -8.41 -8.62
N MET A 43 -0.85 -8.25 -7.32
CA MET A 43 -1.47 -9.13 -6.34
C MET A 43 -2.72 -8.48 -5.72
N GLU A 44 -3.51 -9.28 -5.01
CA GLU A 44 -4.72 -8.77 -4.38
C GLU A 44 -4.73 -9.08 -2.89
N ILE A 45 -4.49 -8.06 -2.08
CA ILE A 45 -4.46 -8.21 -0.63
C ILE A 45 -5.50 -7.33 0.04
N THR A 46 -6.62 -7.93 0.43
CA THR A 46 -7.70 -7.20 1.09
C THR A 46 -7.52 -7.18 2.60
N VAL A 47 -7.77 -6.03 3.22
CA VAL A 47 -7.64 -5.88 4.65
C VAL A 47 -8.99 -5.66 5.32
N GLN A 48 -9.24 -6.40 6.40
CA GLN A 48 -10.51 -6.28 7.11
C GLN A 48 -10.76 -4.84 7.56
N SER A 49 -9.67 -4.12 7.84
CA SER A 49 -9.77 -2.73 8.28
C SER A 49 -8.55 -1.94 7.84
N LEU A 50 -8.79 -0.76 7.27
CA LEU A 50 -7.70 0.10 6.81
C LEU A 50 -6.83 0.56 7.98
N SER A 51 -7.45 0.74 9.14
CA SER A 51 -6.73 1.18 10.34
C SER A 51 -5.41 0.42 10.47
N GLU A 52 -5.41 -0.84 10.05
CA GLU A 52 -4.23 -1.67 10.13
C GLU A 52 -2.96 -0.86 9.83
N ASN A 53 -1.84 -1.31 10.37
CA ASN A 53 -0.57 -0.63 10.17
C ASN A 53 0.21 -1.24 8.99
N VAL A 54 0.74 -0.38 8.13
CA VAL A 54 1.48 -0.84 6.97
C VAL A 54 2.36 -2.04 7.33
N GLY A 55 2.83 -2.07 8.57
CA GLY A 55 3.68 -3.16 9.01
C GLY A 55 3.02 -4.52 8.83
N SER A 56 1.74 -4.60 9.21
CA SER A 56 0.99 -5.85 9.09
C SER A 56 0.82 -6.25 7.63
N LEU A 57 0.70 -5.25 6.76
CA LEU A 57 0.53 -5.49 5.34
C LEU A 57 1.69 -6.32 4.78
N LYS A 58 2.91 -5.92 5.13
CA LYS A 58 4.10 -6.62 4.67
C LYS A 58 4.05 -8.10 5.06
N GLU A 59 3.45 -8.38 6.21
CA GLU A 59 3.33 -9.75 6.70
C GLU A 59 2.51 -10.60 5.73
N LYS A 60 1.48 -10.00 5.15
CA LYS A 60 0.61 -10.69 4.21
C LYS A 60 1.39 -11.12 2.97
N ILE A 61 1.86 -10.16 2.20
CA ILE A 61 2.63 -10.44 0.99
C ILE A 61 3.84 -11.32 1.30
N ALA A 62 4.53 -11.01 2.39
CA ALA A 62 5.70 -11.77 2.79
C ALA A 62 5.50 -13.26 2.52
N GLY A 63 4.27 -13.73 2.67
CA GLY A 63 3.98 -15.13 2.44
C GLY A 63 4.10 -15.51 0.97
N GLU A 64 3.60 -14.65 0.10
CA GLU A 64 3.66 -14.91 -1.34
C GLU A 64 5.10 -14.86 -1.85
N ILE A 65 5.79 -13.77 -1.53
CA ILE A 65 7.18 -13.61 -1.95
C ILE A 65 8.12 -14.36 -1.03
N GLN A 66 7.60 -14.84 0.09
CA GLN A 66 8.40 -15.58 1.06
C GLN A 66 9.55 -14.72 1.59
N ILE A 67 9.26 -13.44 1.80
CA ILE A 67 10.27 -12.51 2.31
C ILE A 67 9.78 -11.80 3.57
N PRO A 68 10.68 -11.65 4.55
CA PRO A 68 10.36 -10.98 5.82
C PRO A 68 10.15 -9.48 5.65
N ALA A 69 9.11 -8.96 6.28
CA ALA A 69 8.81 -7.54 6.20
C ALA A 69 10.07 -6.71 6.22
N ASN A 70 11.08 -7.16 6.96
CA ASN A 70 12.35 -6.45 7.07
C ASN A 70 12.99 -6.30 5.69
N LYS A 71 13.17 -7.43 5.00
CA LYS A 71 13.78 -7.41 3.67
C LYS A 71 12.91 -6.63 2.69
N GLN A 72 11.73 -7.17 2.40
CA GLN A 72 10.81 -6.52 1.46
C GLN A 72 10.35 -5.17 2.01
N LYS A 73 10.31 -4.18 1.12
CA LYS A 73 9.89 -2.82 1.50
C LYS A 73 8.69 -2.38 0.68
N LEU A 74 7.79 -1.65 1.33
CA LEU A 74 6.59 -1.16 0.66
C LEU A 74 6.64 0.36 0.48
N SER A 75 6.37 0.83 -0.73
CA SER A 75 6.39 2.25 -1.02
C SER A 75 5.03 2.72 -1.52
N GLY A 76 4.58 3.87 -0.99
CA GLY A 76 3.29 4.41 -1.39
C GLY A 76 3.42 5.69 -2.19
N LYS A 77 2.30 6.16 -2.73
CA LYS A 77 2.30 7.38 -3.52
C LYS A 77 3.15 8.46 -2.86
N ALA A 78 2.95 8.66 -1.56
CA ALA A 78 3.71 9.65 -0.81
C ALA A 78 5.18 9.29 -0.74
N GLY A 79 5.46 8.01 -0.47
CA GLY A 79 6.83 7.55 -0.37
C GLY A 79 6.95 6.25 0.41
N PHE A 80 8.17 5.89 0.76
CA PHE A 80 8.42 4.66 1.50
C PHE A 80 7.50 4.57 2.71
N LEU A 81 6.40 3.82 2.55
CA LEU A 81 5.43 3.64 3.62
C LEU A 81 6.13 3.26 4.92
N LYS A 82 5.58 3.73 6.05
CA LYS A 82 6.14 3.43 7.36
C LYS A 82 5.15 2.64 8.21
N ASP A 83 5.64 1.57 8.82
CA ASP A 83 4.80 0.73 9.66
C ASP A 83 4.13 1.56 10.76
N ASN A 84 4.86 2.53 11.30
CA ASN A 84 4.33 3.39 12.35
C ASN A 84 3.10 4.16 11.86
N MET A 85 2.87 4.12 10.55
CA MET A 85 1.74 4.81 9.96
C MET A 85 0.68 3.82 9.49
N SER A 86 -0.58 4.26 9.48
CA SER A 86 -1.69 3.40 9.06
C SER A 86 -1.97 3.58 7.57
N LEU A 87 -2.97 2.87 7.08
CA LEU A 87 -3.36 2.95 5.68
C LEU A 87 -4.32 4.10 5.44
N ALA A 88 -5.29 4.26 6.34
CA ALA A 88 -6.26 5.34 6.22
C ALA A 88 -5.58 6.69 6.12
N HIS A 89 -4.68 6.96 7.06
CA HIS A 89 -3.95 8.23 7.08
C HIS A 89 -3.26 8.48 5.75
N TYR A 90 -2.60 7.44 5.23
CA TYR A 90 -1.89 7.54 3.96
C TYR A 90 -2.86 7.62 2.79
N ASN A 91 -4.11 7.25 3.04
CA ASN A 91 -5.14 7.27 2.02
C ASN A 91 -4.88 6.21 0.95
N VAL A 92 -5.27 4.97 1.25
CA VAL A 92 -5.08 3.86 0.32
C VAL A 92 -6.21 2.85 0.44
N GLY A 93 -6.98 2.71 -0.63
CA GLY A 93 -8.09 1.77 -0.62
C GLY A 93 -8.49 1.35 -2.03
N ALA A 94 -9.80 1.34 -2.28
CA ALA A 94 -10.32 0.96 -3.58
C ALA A 94 -9.94 1.98 -4.66
N GLY A 95 -8.67 1.96 -5.06
CA GLY A 95 -8.20 2.90 -6.07
C GLY A 95 -6.71 3.11 -6.01
N GLU A 96 -6.17 3.29 -4.80
CA GLU A 96 -4.75 3.51 -4.62
C GLU A 96 -3.97 2.20 -4.79
N ILE A 97 -2.73 2.31 -5.25
CA ILE A 97 -1.89 1.14 -5.46
C ILE A 97 -0.50 1.36 -4.86
N LEU A 98 0.04 0.32 -4.23
CA LEU A 98 1.36 0.39 -3.61
C LEU A 98 2.36 -0.43 -4.42
N THR A 99 3.65 -0.11 -4.24
CA THR A 99 4.71 -0.82 -4.95
C THR A 99 5.55 -1.64 -3.98
N LEU A 100 5.96 -2.83 -4.42
CA LEU A 100 6.77 -3.70 -3.59
C LEU A 100 8.18 -3.83 -4.14
N SER A 101 9.17 -3.50 -3.32
CA SER A 101 10.57 -3.57 -3.73
C SER A 101 11.32 -4.62 -2.91
N LEU A 102 12.16 -5.39 -3.59
CA LEU A 102 12.95 -6.43 -2.93
C LEU A 102 14.28 -5.88 -2.43
N ARG A 103 14.81 -6.49 -1.38
CA ARG A 103 16.08 -6.06 -0.81
C ARG A 103 17.24 -6.85 -1.40
N GLU A 104 17.85 -6.31 -2.45
CA GLU A 104 18.96 -6.97 -3.12
C GLU A 104 20.00 -5.95 -3.58
N ARG A 105 19.60 -5.06 -4.47
CA ARG A 105 20.50 -4.03 -4.99
C ARG A 105 19.80 -2.68 -5.03
N SER A 106 20.56 -1.64 -5.33
CA SER A 106 20.02 -0.28 -5.40
C SER A 106 19.87 0.17 -6.85
N GLY A 107 18.74 -0.16 -7.45
CA GLY A 107 18.50 0.21 -8.84
C GLY A 107 19.07 -0.78 -9.82
N PRO A 108 18.58 -0.74 -11.07
CA PRO A 108 19.04 -1.65 -12.13
C PRO A 108 20.47 -1.34 -12.57
N SER A 109 21.40 -2.18 -12.15
CA SER A 109 22.80 -2.00 -12.51
C SER A 109 23.36 -0.72 -11.88
N SER A 110 24.65 -0.74 -11.56
CA SER A 110 25.31 0.41 -10.95
C SER A 110 24.90 1.71 -11.66
N GLY A 111 25.07 1.73 -12.97
CA GLY A 111 24.73 2.91 -13.75
C GLY A 111 24.99 4.19 -13.00
N GLY A 1 -16.47 28.56 -15.63
CA GLY A 1 -16.14 27.39 -16.41
C GLY A 1 -14.83 26.75 -15.97
N SER A 2 -14.86 25.44 -15.74
CA SER A 2 -13.68 24.71 -15.31
C SER A 2 -13.76 23.24 -15.73
N SER A 3 -12.79 22.82 -16.54
CA SER A 3 -12.75 21.44 -17.02
C SER A 3 -11.37 20.83 -16.79
N GLY A 4 -11.13 20.36 -15.57
CA GLY A 4 -9.85 19.76 -15.25
C GLY A 4 -9.91 18.24 -15.22
N SER A 5 -8.85 17.60 -15.67
CA SER A 5 -8.79 16.14 -15.70
C SER A 5 -7.98 15.61 -14.51
N SER A 6 -7.96 14.29 -14.38
CA SER A 6 -7.23 13.65 -13.29
C SER A 6 -5.76 13.48 -13.64
N GLY A 7 -4.88 13.75 -12.68
CA GLY A 7 -3.45 13.63 -12.90
C GLY A 7 -2.69 13.30 -11.64
N LYS A 8 -2.48 14.30 -10.80
CA LYS A 8 -1.77 14.11 -9.54
C LYS A 8 -2.70 14.25 -8.35
N PHE A 9 -2.32 13.65 -7.23
CA PHE A 9 -3.12 13.71 -6.01
C PHE A 9 -2.98 15.07 -5.33
N ASP A 10 -4.09 15.59 -4.82
CA ASP A 10 -4.09 16.88 -4.14
C ASP A 10 -3.28 16.82 -2.86
N GLU A 11 -2.11 17.46 -2.86
CA GLU A 11 -1.25 17.47 -1.68
C GLU A 11 -1.73 18.50 -0.66
N SER A 12 -2.13 19.67 -1.15
CA SER A 12 -2.61 20.73 -0.29
C SER A 12 -4.08 20.53 0.06
N ALA A 13 -4.47 19.28 0.28
CA ALA A 13 -5.85 18.95 0.62
C ALA A 13 -6.01 17.46 0.87
N LEU A 14 -5.08 16.88 1.62
CA LEU A 14 -5.12 15.46 1.94
C LEU A 14 -6.21 15.16 2.96
N VAL A 15 -6.79 13.96 2.86
CA VAL A 15 -7.85 13.55 3.77
C VAL A 15 -7.26 12.96 5.06
N PRO A 16 -7.86 13.34 6.20
CA PRO A 16 -7.42 12.85 7.51
C PRO A 16 -7.73 11.37 7.72
N GLU A 17 -6.99 10.74 8.63
CA GLU A 17 -7.19 9.32 8.92
C GLU A 17 -8.57 9.08 9.50
N ASP A 18 -9.19 10.13 10.02
CA ASP A 18 -10.52 10.02 10.61
C ASP A 18 -11.59 9.88 9.53
N GLN A 19 -11.51 10.74 8.52
CA GLN A 19 -12.47 10.72 7.42
C GLN A 19 -12.21 9.53 6.49
N PHE A 20 -10.99 9.45 5.97
CA PHE A 20 -10.62 8.37 5.07
C PHE A 20 -11.11 7.03 5.60
N LEU A 21 -11.06 6.86 6.92
CA LEU A 21 -11.50 5.63 7.55
C LEU A 21 -12.93 5.29 7.13
N ALA A 22 -13.86 6.16 7.50
CA ALA A 22 -15.26 5.97 7.17
C ALA A 22 -15.48 6.02 5.66
N GLN A 23 -14.90 7.02 5.01
CA GLN A 23 -15.04 7.18 3.56
C GLN A 23 -15.08 5.83 2.87
N HIS A 24 -14.40 4.85 3.45
CA HIS A 24 -14.36 3.51 2.87
C HIS A 24 -14.71 2.46 3.93
N PRO A 25 -16.00 2.11 4.04
CA PRO A 25 -16.48 1.12 5.01
C PRO A 25 -16.02 -0.29 4.67
N GLY A 26 -16.32 -1.24 5.55
CA GLY A 26 -15.93 -2.62 5.32
C GLY A 26 -14.49 -2.75 4.91
N PRO A 27 -14.09 -3.98 4.50
CA PRO A 27 -12.73 -4.27 4.08
C PRO A 27 -12.39 -3.62 2.74
N ALA A 28 -11.13 -3.18 2.60
CA ALA A 28 -10.68 -2.54 1.37
C ALA A 28 -9.61 -3.38 0.69
N THR A 29 -9.84 -3.69 -0.59
CA THR A 29 -8.91 -4.48 -1.36
C THR A 29 -7.70 -3.65 -1.79
N ILE A 30 -6.52 -4.02 -1.30
CA ILE A 30 -5.29 -3.31 -1.63
C ILE A 30 -4.55 -4.00 -2.77
N ARG A 31 -4.03 -3.19 -3.70
CA ARG A 31 -3.31 -3.72 -4.85
C ARG A 31 -1.81 -3.48 -4.70
N VAL A 32 -1.02 -4.51 -4.97
CA VAL A 32 0.43 -4.41 -4.87
C VAL A 32 1.12 -5.06 -6.06
N SER A 33 2.06 -4.35 -6.66
CA SER A 33 2.80 -4.86 -7.81
C SER A 33 3.82 -5.92 -7.40
N LYS A 34 4.09 -6.86 -8.29
CA LYS A 34 5.05 -7.92 -8.02
C LYS A 34 6.48 -7.38 -8.00
N PRO A 35 7.36 -8.04 -7.25
CA PRO A 35 8.77 -7.65 -7.12
C PRO A 35 9.54 -7.88 -8.41
N ASN A 36 10.67 -7.20 -8.55
CA ASN A 36 11.51 -7.33 -9.74
C ASN A 36 10.84 -6.69 -10.95
N GLU A 37 11.53 -6.73 -12.09
CA GLU A 37 10.99 -6.16 -13.32
C GLU A 37 9.49 -6.39 -13.42
N ASN A 38 8.74 -5.30 -13.61
CA ASN A 38 7.28 -5.38 -13.71
C ASN A 38 6.87 -6.57 -14.57
N ASP A 39 6.07 -7.46 -13.99
CA ASP A 39 5.61 -8.64 -14.69
C ASP A 39 4.27 -8.38 -15.39
N GLY A 40 3.45 -7.53 -14.77
CA GLY A 40 2.16 -7.21 -15.34
C GLY A 40 1.04 -7.28 -14.31
N GLN A 41 0.58 -8.49 -14.01
CA GLN A 41 -0.50 -8.68 -13.06
C GLN A 41 -0.06 -8.28 -11.66
N PHE A 42 -1.03 -8.04 -10.78
CA PHE A 42 -0.73 -7.64 -9.40
C PHE A 42 -1.37 -8.61 -8.41
N MET A 43 -1.03 -8.46 -7.14
CA MET A 43 -1.57 -9.31 -6.09
C MET A 43 -2.76 -8.64 -5.40
N GLU A 44 -3.77 -9.45 -5.06
CA GLU A 44 -4.96 -8.93 -4.39
C GLU A 44 -4.89 -9.18 -2.89
N ILE A 45 -4.46 -8.16 -2.15
CA ILE A 45 -4.35 -8.27 -0.70
C ILE A 45 -5.35 -7.34 0.00
N THR A 46 -6.44 -7.91 0.48
CA THR A 46 -7.46 -7.14 1.18
C THR A 46 -7.29 -7.21 2.68
N VAL A 47 -7.62 -6.11 3.37
CA VAL A 47 -7.50 -6.05 4.82
C VAL A 47 -8.84 -5.73 5.47
N GLN A 48 -9.22 -6.53 6.47
CA GLN A 48 -10.47 -6.33 7.17
C GLN A 48 -10.78 -4.84 7.34
N SER A 49 -9.74 -4.05 7.62
CA SER A 49 -9.90 -2.62 7.81
C SER A 49 -8.66 -1.87 7.32
N LEU A 50 -8.85 -0.62 6.92
CA LEU A 50 -7.74 0.20 6.44
C LEU A 50 -6.88 0.68 7.61
N SER A 51 -7.53 1.04 8.71
CA SER A 51 -6.82 1.52 9.89
C SER A 51 -5.54 0.71 10.12
N GLU A 52 -5.58 -0.57 9.75
CA GLU A 52 -4.43 -1.44 9.93
C GLU A 52 -3.14 -0.70 9.65
N ASN A 53 -2.03 -1.21 10.19
CA ASN A 53 -0.73 -0.59 10.00
C ASN A 53 -0.04 -1.17 8.77
N VAL A 54 0.70 -0.31 8.07
CA VAL A 54 1.42 -0.74 6.87
C VAL A 54 2.24 -2.00 7.13
N GLY A 55 2.81 -2.08 8.33
CA GLY A 55 3.61 -3.24 8.68
C GLY A 55 2.84 -4.54 8.56
N SER A 56 1.67 -4.59 9.18
CA SER A 56 0.83 -5.80 9.14
C SER A 56 0.63 -6.27 7.70
N LEU A 57 0.57 -5.32 6.77
CA LEU A 57 0.39 -5.64 5.37
C LEU A 57 1.56 -6.46 4.83
N LYS A 58 2.77 -6.05 5.19
CA LYS A 58 3.98 -6.73 4.76
C LYS A 58 3.90 -8.22 5.07
N GLU A 59 3.15 -8.56 6.13
CA GLU A 59 3.00 -9.95 6.54
C GLU A 59 2.26 -10.75 5.46
N LYS A 60 1.21 -10.17 4.92
CA LYS A 60 0.42 -10.82 3.88
C LYS A 60 1.29 -11.22 2.70
N ILE A 61 1.86 -10.22 2.02
CA ILE A 61 2.72 -10.46 0.88
C ILE A 61 3.93 -11.30 1.26
N ALA A 62 4.51 -10.99 2.41
CA ALA A 62 5.68 -11.72 2.90
C ALA A 62 5.50 -13.22 2.73
N GLY A 63 4.24 -13.65 2.64
CA GLY A 63 3.96 -15.07 2.47
C GLY A 63 4.13 -15.54 1.03
N GLU A 64 3.66 -14.72 0.09
CA GLU A 64 3.76 -15.06 -1.31
C GLU A 64 5.23 -15.12 -1.76
N ILE A 65 5.96 -14.04 -1.50
CA ILE A 65 7.36 -13.96 -1.86
C ILE A 65 8.24 -14.65 -0.82
N GLN A 66 7.64 -15.00 0.30
CA GLN A 66 8.37 -15.67 1.38
C GLN A 66 9.47 -14.78 1.94
N ILE A 67 9.21 -13.47 1.95
CA ILE A 67 10.18 -12.51 2.45
C ILE A 67 9.64 -11.77 3.68
N PRO A 68 10.50 -11.58 4.69
CA PRO A 68 10.14 -10.88 5.92
C PRO A 68 9.92 -9.39 5.69
N ALA A 69 8.92 -8.82 6.38
CA ALA A 69 8.61 -7.41 6.26
C ALA A 69 9.87 -6.56 6.32
N ASN A 70 10.84 -7.01 7.11
CA ASN A 70 12.10 -6.29 7.26
C ASN A 70 12.83 -6.19 5.92
N LYS A 71 12.85 -7.30 5.17
CA LYS A 71 13.50 -7.34 3.88
C LYS A 71 12.72 -6.52 2.85
N GLN A 72 11.51 -6.97 2.53
CA GLN A 72 10.67 -6.28 1.56
C GLN A 72 10.27 -4.90 2.07
N LYS A 73 10.26 -3.93 1.18
CA LYS A 73 9.88 -2.56 1.53
C LYS A 73 8.70 -2.08 0.70
N LEU A 74 7.76 -1.41 1.35
CA LEU A 74 6.58 -0.88 0.67
C LEU A 74 6.70 0.61 0.43
N SER A 75 6.41 1.04 -0.80
CA SER A 75 6.48 2.45 -1.16
C SER A 75 5.14 2.95 -1.70
N GLY A 76 4.66 4.06 -1.14
CA GLY A 76 3.39 4.61 -1.59
C GLY A 76 3.58 5.80 -2.51
N LYS A 77 2.50 6.24 -3.14
CA LYS A 77 2.54 7.37 -4.06
C LYS A 77 3.45 8.47 -3.50
N ALA A 78 3.30 8.77 -2.22
CA ALA A 78 4.11 9.80 -1.58
C ALA A 78 5.56 9.34 -1.43
N GLY A 79 5.75 8.09 -1.05
CA GLY A 79 7.09 7.56 -0.88
C GLY A 79 7.13 6.39 0.07
N PHE A 80 8.34 5.92 0.38
CA PHE A 80 8.52 4.80 1.29
C PHE A 80 7.51 4.85 2.44
N LEU A 81 6.67 3.83 2.53
CA LEU A 81 5.66 3.76 3.58
C LEU A 81 6.25 3.24 4.88
N LYS A 82 5.76 3.78 5.99
CA LYS A 82 6.24 3.37 7.31
C LYS A 82 5.31 2.34 7.94
N ASP A 83 5.89 1.25 8.43
CA ASP A 83 5.11 0.19 9.05
C ASP A 83 4.29 0.73 10.22
N ASN A 84 4.89 1.64 10.98
CA ASN A 84 4.21 2.24 12.13
C ASN A 84 2.97 3.00 11.69
N MET A 85 3.06 3.68 10.55
CA MET A 85 1.94 4.45 10.01
C MET A 85 0.86 3.52 9.48
N SER A 86 -0.35 4.06 9.32
CA SER A 86 -1.47 3.28 8.81
C SER A 86 -1.68 3.53 7.32
N LEU A 87 -2.72 2.92 6.76
CA LEU A 87 -3.02 3.07 5.35
C LEU A 87 -3.93 4.27 5.11
N ALA A 88 -4.94 4.43 5.97
CA ALA A 88 -5.87 5.53 5.86
C ALA A 88 -5.15 6.87 5.87
N HIS A 89 -4.22 7.03 6.82
CA HIS A 89 -3.46 8.27 6.93
C HIS A 89 -2.75 8.60 5.63
N TYR A 90 -2.29 7.56 4.94
CA TYR A 90 -1.58 7.73 3.67
C TYR A 90 -2.56 7.78 2.51
N ASN A 91 -3.84 7.57 2.81
CA ASN A 91 -4.88 7.60 1.79
C ASN A 91 -4.70 6.44 0.81
N VAL A 92 -5.00 5.23 1.28
CA VAL A 92 -4.87 4.04 0.44
C VAL A 92 -6.07 3.11 0.64
N GLY A 93 -6.75 2.79 -0.45
CA GLY A 93 -7.90 1.90 -0.39
C GLY A 93 -8.10 1.11 -1.66
N ALA A 94 -9.33 1.12 -2.17
CA ALA A 94 -9.65 0.40 -3.40
C ALA A 94 -9.36 1.24 -4.64
N GLY A 95 -8.19 1.87 -4.66
CA GLY A 95 -7.81 2.70 -5.78
C GLY A 95 -6.31 2.92 -5.86
N GLU A 96 -5.68 3.18 -4.71
CA GLU A 96 -4.25 3.41 -4.67
C GLU A 96 -3.48 2.10 -4.83
N ILE A 97 -2.41 2.14 -5.61
CA ILE A 97 -1.59 0.97 -5.84
C ILE A 97 -0.20 1.13 -5.24
N LEU A 98 0.10 0.34 -4.23
CA LEU A 98 1.40 0.40 -3.57
C LEU A 98 2.44 -0.42 -4.32
N THR A 99 3.70 0.00 -4.24
CA THR A 99 4.78 -0.70 -4.91
C THR A 99 5.60 -1.54 -3.93
N LEU A 100 5.98 -2.73 -4.35
CA LEU A 100 6.77 -3.63 -3.51
C LEU A 100 8.18 -3.79 -4.05
N SER A 101 9.17 -3.42 -3.23
CA SER A 101 10.56 -3.52 -3.63
C SER A 101 11.29 -4.58 -2.80
N LEU A 102 12.13 -5.37 -3.47
CA LEU A 102 12.89 -6.41 -2.79
C LEU A 102 14.28 -5.94 -2.42
N ARG A 103 14.74 -6.29 -1.23
CA ARG A 103 16.06 -5.88 -0.75
C ARG A 103 17.12 -6.87 -1.22
N GLU A 104 16.92 -8.15 -0.90
CA GLU A 104 17.86 -9.19 -1.28
C GLU A 104 17.14 -10.52 -1.54
N ARG A 105 17.43 -11.14 -2.67
CA ARG A 105 16.82 -12.41 -3.02
C ARG A 105 17.85 -13.53 -3.04
N SER A 106 18.97 -13.29 -3.73
CA SER A 106 20.02 -14.29 -3.83
C SER A 106 21.21 -13.75 -4.63
N GLY A 107 21.55 -12.48 -4.36
CA GLY A 107 22.66 -11.86 -5.07
C GLY A 107 22.39 -10.41 -5.41
N PRO A 108 23.12 -9.89 -6.42
CA PRO A 108 22.98 -8.50 -6.86
C PRO A 108 21.65 -8.25 -7.57
N SER A 109 20.99 -7.16 -7.21
CA SER A 109 19.70 -6.82 -7.81
C SER A 109 19.90 -6.17 -9.18
N SER A 110 20.83 -5.23 -9.25
CA SER A 110 21.12 -4.53 -10.50
C SER A 110 22.62 -4.48 -10.76
N GLY A 111 23.12 -5.45 -11.50
CA GLY A 111 24.54 -5.50 -11.82
C GLY A 111 24.88 -6.60 -12.80
N GLY A 1 -10.53 21.75 0.42
CA GLY A 1 -11.40 21.43 -0.69
C GLY A 1 -11.53 19.93 -0.90
N SER A 2 -12.28 19.55 -1.92
CA SER A 2 -12.49 18.14 -2.23
C SER A 2 -12.57 17.91 -3.74
N SER A 3 -13.42 18.67 -4.40
CA SER A 3 -13.59 18.55 -5.84
C SER A 3 -13.99 17.13 -6.23
N GLY A 4 -14.50 16.97 -7.44
CA GLY A 4 -14.92 15.67 -7.91
C GLY A 4 -14.21 15.25 -9.19
N SER A 5 -13.75 14.00 -9.23
CA SER A 5 -13.05 13.49 -10.40
C SER A 5 -12.45 12.11 -10.11
N SER A 6 -11.78 11.99 -8.96
CA SER A 6 -11.16 10.73 -8.58
C SER A 6 -10.20 10.24 -9.66
N GLY A 7 -8.95 10.68 -9.58
CA GLY A 7 -7.96 10.28 -10.56
C GLY A 7 -6.57 10.77 -10.22
N LYS A 8 -6.40 12.09 -10.22
CA LYS A 8 -5.12 12.70 -9.91
C LYS A 8 -5.10 13.26 -8.49
N PHE A 9 -4.49 12.52 -7.57
CA PHE A 9 -4.40 12.94 -6.18
C PHE A 9 -3.38 14.06 -6.01
N ASP A 10 -3.87 15.29 -5.90
CA ASP A 10 -2.99 16.44 -5.73
C ASP A 10 -2.57 16.60 -4.27
N GLU A 11 -1.40 17.18 -4.05
CA GLU A 11 -0.89 17.40 -2.70
C GLU A 11 -1.42 18.70 -2.12
N SER A 12 -2.74 18.86 -2.15
CA SER A 12 -3.37 20.06 -1.62
C SER A 12 -4.65 19.72 -0.85
N ALA A 13 -5.41 18.78 -1.40
CA ALA A 13 -6.66 18.36 -0.77
C ALA A 13 -6.60 16.89 -0.38
N LEU A 14 -6.02 16.60 0.79
CA LEU A 14 -5.89 15.23 1.27
C LEU A 14 -6.92 14.95 2.36
N VAL A 15 -7.54 13.78 2.31
CA VAL A 15 -8.54 13.39 3.29
C VAL A 15 -7.88 12.93 4.59
N PRO A 16 -8.45 13.36 5.72
CA PRO A 16 -7.93 13.00 7.05
C PRO A 16 -8.15 11.53 7.38
N GLU A 17 -7.28 10.98 8.23
CA GLU A 17 -7.38 9.58 8.62
C GLU A 17 -8.66 9.32 9.42
N ASP A 18 -9.16 10.37 10.08
CA ASP A 18 -10.37 10.26 10.87
C ASP A 18 -11.58 10.00 9.98
N GLN A 19 -11.66 10.73 8.87
CA GLN A 19 -12.77 10.57 7.93
C GLN A 19 -12.51 9.42 6.97
N PHE A 20 -11.35 9.43 6.32
CA PHE A 20 -10.99 8.39 5.38
C PHE A 20 -11.37 7.01 5.92
N LEU A 21 -11.12 6.80 7.20
CA LEU A 21 -11.44 5.52 7.85
C LEU A 21 -12.93 5.20 7.70
N ALA A 22 -13.77 6.00 8.33
CA ALA A 22 -15.22 5.81 8.27
C ALA A 22 -15.69 5.69 6.82
N GLN A 23 -15.25 6.63 5.98
CA GLN A 23 -15.64 6.64 4.58
C GLN A 23 -15.76 5.21 4.05
N HIS A 24 -14.95 4.31 4.58
CA HIS A 24 -14.96 2.92 4.16
C HIS A 24 -15.11 1.99 5.36
N PRO A 25 -16.36 1.64 5.69
CA PRO A 25 -16.68 0.76 6.81
C PRO A 25 -16.24 -0.68 6.55
N GLY A 26 -16.57 -1.18 5.37
CA GLY A 26 -16.21 -2.55 5.02
C GLY A 26 -14.75 -2.69 4.65
N PRO A 27 -14.30 -3.93 4.42
CA PRO A 27 -12.91 -4.22 4.06
C PRO A 27 -12.57 -3.73 2.65
N ALA A 28 -11.35 -3.25 2.48
CA ALA A 28 -10.90 -2.76 1.19
C ALA A 28 -9.83 -3.68 0.58
N THR A 29 -9.67 -3.61 -0.73
CA THR A 29 -8.69 -4.44 -1.43
C THR A 29 -7.48 -3.63 -1.83
N ILE A 30 -6.34 -3.94 -1.22
CA ILE A 30 -5.09 -3.23 -1.52
C ILE A 30 -4.31 -3.94 -2.62
N ARG A 31 -3.96 -3.20 -3.67
CA ARG A 31 -3.21 -3.75 -4.78
C ARG A 31 -1.71 -3.50 -4.61
N VAL A 32 -0.92 -4.57 -4.71
CA VAL A 32 0.52 -4.46 -4.56
C VAL A 32 1.24 -4.97 -5.80
N SER A 33 2.32 -4.28 -6.18
CA SER A 33 3.09 -4.66 -7.36
C SER A 33 4.04 -5.81 -7.04
N LYS A 34 4.44 -6.54 -8.08
CA LYS A 34 5.35 -7.67 -7.91
C LYS A 34 6.78 -7.19 -7.69
N PRO A 35 7.55 -7.95 -6.91
CA PRO A 35 8.95 -7.62 -6.60
C PRO A 35 9.86 -7.78 -7.81
N ASN A 36 10.06 -6.69 -8.54
CA ASN A 36 10.90 -6.70 -9.73
C ASN A 36 10.31 -7.61 -10.81
N GLU A 37 10.23 -7.09 -12.03
CA GLU A 37 9.68 -7.84 -13.14
C GLU A 37 8.23 -8.23 -12.88
N ASN A 38 7.34 -7.87 -13.82
CA ASN A 38 5.94 -8.18 -13.69
C ASN A 38 5.31 -8.45 -15.05
N ASP A 39 5.49 -9.68 -15.54
CA ASP A 39 4.95 -10.07 -16.84
C ASP A 39 3.58 -10.73 -16.68
N GLY A 40 2.93 -10.45 -15.55
CA GLY A 40 1.62 -11.02 -15.30
C GLY A 40 0.61 -10.00 -14.82
N GLN A 41 0.56 -9.79 -13.50
CA GLN A 41 -0.37 -8.83 -12.92
C GLN A 41 -0.06 -8.61 -11.44
N PHE A 42 -0.68 -7.59 -10.87
CA PHE A 42 -0.47 -7.27 -9.46
C PHE A 42 -1.29 -8.20 -8.56
N MET A 43 -1.05 -8.12 -7.26
CA MET A 43 -1.76 -8.95 -6.30
C MET A 43 -2.90 -8.19 -5.64
N GLU A 44 -3.75 -8.91 -4.92
CA GLU A 44 -4.88 -8.29 -4.24
C GLU A 44 -4.89 -8.65 -2.75
N ILE A 45 -4.35 -7.77 -1.93
CA ILE A 45 -4.30 -7.99 -0.49
C ILE A 45 -5.42 -7.24 0.23
N THR A 46 -6.45 -7.98 0.63
CA THR A 46 -7.59 -7.39 1.32
C THR A 46 -7.34 -7.30 2.82
N VAL A 47 -7.73 -6.19 3.43
CA VAL A 47 -7.54 -5.99 4.86
C VAL A 47 -8.88 -5.70 5.55
N GLN A 48 -9.19 -6.48 6.58
CA GLN A 48 -10.43 -6.32 7.32
C GLN A 48 -10.72 -4.84 7.56
N SER A 49 -9.69 -4.10 7.97
CA SER A 49 -9.83 -2.67 8.24
C SER A 49 -8.61 -1.90 7.74
N LEU A 50 -8.84 -0.65 7.36
CA LEU A 50 -7.76 0.20 6.86
C LEU A 50 -6.84 0.64 7.99
N SER A 51 -7.44 1.02 9.12
CA SER A 51 -6.67 1.48 10.27
C SER A 51 -5.39 0.67 10.42
N GLU A 52 -5.43 -0.60 10.00
CA GLU A 52 -4.26 -1.47 10.08
C GLU A 52 -2.99 -0.70 9.75
N ASN A 53 -1.86 -1.20 10.25
CA ASN A 53 -0.57 -0.57 10.00
C ASN A 53 0.10 -1.16 8.77
N VAL A 54 0.69 -0.29 7.95
CA VAL A 54 1.36 -0.73 6.74
C VAL A 54 2.17 -2.00 6.99
N GLY A 55 2.75 -2.10 8.18
CA GLY A 55 3.55 -3.26 8.53
C GLY A 55 2.75 -4.55 8.43
N SER A 56 1.58 -4.58 9.06
CA SER A 56 0.74 -5.76 9.05
C SER A 56 0.56 -6.28 7.62
N LEU A 57 0.37 -5.36 6.69
CA LEU A 57 0.19 -5.73 5.29
C LEU A 57 1.39 -6.49 4.76
N LYS A 58 2.58 -6.01 5.09
CA LYS A 58 3.82 -6.65 4.64
C LYS A 58 3.80 -8.14 4.96
N GLU A 59 3.17 -8.50 6.07
CA GLU A 59 3.08 -9.89 6.48
C GLU A 59 2.35 -10.72 5.43
N LYS A 60 1.27 -10.15 4.88
CA LYS A 60 0.47 -10.84 3.86
C LYS A 60 1.34 -11.23 2.67
N ILE A 61 1.88 -10.23 1.97
CA ILE A 61 2.72 -10.48 0.81
C ILE A 61 3.96 -11.28 1.20
N ALA A 62 4.56 -10.92 2.33
CA ALA A 62 5.75 -11.61 2.81
C ALA A 62 5.64 -13.12 2.61
N GLY A 63 4.42 -13.63 2.70
CA GLY A 63 4.19 -15.06 2.52
C GLY A 63 4.32 -15.48 1.06
N GLU A 64 3.83 -14.64 0.16
CA GLU A 64 3.89 -14.94 -1.27
C GLU A 64 5.31 -14.81 -1.79
N ILE A 65 5.96 -13.70 -1.45
CA ILE A 65 7.32 -13.46 -1.89
C ILE A 65 8.33 -14.20 -1.02
N GLN A 66 7.85 -14.73 0.11
CA GLN A 66 8.70 -15.47 1.03
C GLN A 66 9.81 -14.57 1.57
N ILE A 67 9.45 -13.34 1.93
CA ILE A 67 10.42 -12.39 2.47
C ILE A 67 9.86 -11.68 3.70
N PRO A 68 10.71 -11.51 4.72
CA PRO A 68 10.33 -10.86 5.97
C PRO A 68 10.10 -9.36 5.79
N ALA A 69 9.00 -8.86 6.34
CA ALA A 69 8.68 -7.44 6.24
C ALA A 69 9.93 -6.58 6.33
N ASN A 70 10.91 -7.04 7.12
CA ASN A 70 12.16 -6.31 7.30
C ASN A 70 12.89 -6.15 5.97
N LYS A 71 13.02 -7.25 5.24
CA LYS A 71 13.69 -7.23 3.95
C LYS A 71 12.89 -6.44 2.92
N GLN A 72 11.74 -6.97 2.54
CA GLN A 72 10.88 -6.31 1.56
C GLN A 72 10.42 -4.94 2.08
N LYS A 73 10.30 -3.98 1.17
CA LYS A 73 9.87 -2.64 1.54
C LYS A 73 8.65 -2.22 0.71
N LEU A 74 7.77 -1.43 1.33
CA LEU A 74 6.57 -0.96 0.65
C LEU A 74 6.65 0.54 0.39
N SER A 75 6.41 0.93 -0.86
CA SER A 75 6.46 2.34 -1.24
C SER A 75 5.10 2.80 -1.78
N GLY A 76 4.68 4.00 -1.39
CA GLY A 76 3.41 4.53 -1.84
C GLY A 76 3.58 5.81 -2.64
N LYS A 77 2.50 6.26 -3.28
CA LYS A 77 2.52 7.47 -4.08
C LYS A 77 3.30 8.57 -3.36
N ALA A 78 3.07 8.71 -2.05
CA ALA A 78 3.75 9.71 -1.26
C ALA A 78 5.22 9.37 -1.07
N GLY A 79 5.50 8.10 -0.82
CA GLY A 79 6.87 7.66 -0.61
C GLY A 79 6.96 6.44 0.29
N PHE A 80 8.19 6.00 0.55
CA PHE A 80 8.41 4.83 1.40
C PHE A 80 7.43 4.82 2.57
N LEU A 81 6.43 3.95 2.48
CA LEU A 81 5.42 3.83 3.53
C LEU A 81 6.02 3.23 4.79
N LYS A 82 5.73 3.87 5.92
CA LYS A 82 6.24 3.40 7.22
C LYS A 82 5.29 2.38 7.84
N ASP A 83 5.84 1.27 8.27
CA ASP A 83 5.05 0.21 8.89
C ASP A 83 4.20 0.76 10.03
N ASN A 84 4.76 1.71 10.77
CA ASN A 84 4.06 2.32 11.90
C ASN A 84 2.83 3.08 11.42
N MET A 85 2.97 3.76 10.28
CA MET A 85 1.88 4.53 9.71
C MET A 85 0.76 3.61 9.22
N SER A 86 -0.46 4.11 9.22
CA SER A 86 -1.62 3.34 8.78
C SER A 86 -1.88 3.56 7.29
N LEU A 87 -2.89 2.88 6.77
CA LEU A 87 -3.25 3.00 5.35
C LEU A 87 -4.25 4.14 5.15
N ALA A 88 -5.18 4.27 6.09
CA ALA A 88 -6.19 5.32 6.01
C ALA A 88 -5.55 6.70 5.91
N HIS A 89 -4.46 6.90 6.65
CA HIS A 89 -3.76 8.18 6.64
C HIS A 89 -3.11 8.43 5.29
N TYR A 90 -2.69 7.35 4.63
CA TYR A 90 -2.06 7.47 3.32
C TYR A 90 -3.10 7.51 2.20
N ASN A 91 -4.37 7.59 2.60
CA ASN A 91 -5.46 7.64 1.63
C ASN A 91 -5.42 6.45 0.69
N VAL A 92 -5.01 5.30 1.22
CA VAL A 92 -4.93 4.07 0.43
C VAL A 92 -6.09 3.14 0.74
N GLY A 93 -6.71 2.60 -0.31
CA GLY A 93 -7.83 1.70 -0.13
C GLY A 93 -8.13 0.89 -1.37
N ALA A 94 -9.29 1.14 -1.98
CA ALA A 94 -9.69 0.43 -3.19
C ALA A 94 -9.43 1.29 -4.43
N GLY A 95 -8.23 1.83 -4.53
CA GLY A 95 -7.87 2.66 -5.67
C GLY A 95 -6.39 2.88 -5.78
N GLU A 96 -5.74 3.12 -4.64
CA GLU A 96 -4.30 3.36 -4.62
C GLU A 96 -3.52 2.04 -4.69
N ILE A 97 -2.52 2.01 -5.55
CA ILE A 97 -1.69 0.81 -5.72
C ILE A 97 -0.32 1.00 -5.08
N LEU A 98 0.07 0.06 -4.22
CA LEU A 98 1.36 0.12 -3.55
C LEU A 98 2.41 -0.69 -4.32
N THR A 99 3.66 -0.25 -4.23
CA THR A 99 4.76 -0.94 -4.90
C THR A 99 5.61 -1.73 -3.93
N LEU A 100 5.98 -2.94 -4.32
CA LEU A 100 6.81 -3.80 -3.47
C LEU A 100 8.22 -3.91 -4.02
N SER A 101 9.19 -3.55 -3.21
CA SER A 101 10.60 -3.60 -3.61
C SER A 101 11.36 -4.64 -2.78
N LEU A 102 12.28 -5.34 -3.44
CA LEU A 102 13.08 -6.36 -2.76
C LEU A 102 14.41 -5.78 -2.29
N ARG A 103 14.89 -6.28 -1.15
CA ARG A 103 16.16 -5.82 -0.60
C ARG A 103 17.33 -6.65 -1.12
N GLU A 104 18.55 -6.22 -0.80
CA GLU A 104 19.74 -6.93 -1.24
C GLU A 104 19.78 -7.03 -2.76
N ARG A 105 20.94 -7.40 -3.29
CA ARG A 105 21.12 -7.53 -4.74
C ARG A 105 21.00 -6.18 -5.42
N SER A 106 22.13 -5.58 -5.75
CA SER A 106 22.16 -4.28 -6.41
C SER A 106 21.48 -3.22 -5.54
N GLY A 107 22.27 -2.27 -5.05
CA GLY A 107 21.72 -1.22 -4.21
C GLY A 107 20.88 -0.24 -4.99
N PRO A 108 20.39 0.81 -4.31
CA PRO A 108 19.56 1.84 -4.92
C PRO A 108 20.33 2.71 -5.90
N SER A 109 21.65 2.60 -5.86
CA SER A 109 22.52 3.39 -6.74
C SER A 109 21.87 3.59 -8.10
N SER A 110 21.35 4.79 -8.34
CA SER A 110 20.70 5.11 -9.60
C SER A 110 20.91 6.58 -9.97
N GLY A 111 21.25 6.82 -11.24
CA GLY A 111 21.48 8.18 -11.69
C GLY A 111 20.21 9.00 -11.71
N GLY A 1 -12.47 22.67 -3.21
CA GLY A 1 -13.42 21.59 -3.32
C GLY A 1 -12.88 20.43 -4.13
N SER A 2 -13.77 19.56 -4.58
CA SER A 2 -13.38 18.39 -5.36
C SER A 2 -14.54 17.91 -6.24
N SER A 3 -15.71 17.75 -5.63
CA SER A 3 -16.88 17.30 -6.36
C SER A 3 -16.76 15.82 -6.72
N GLY A 4 -17.90 15.15 -6.87
CA GLY A 4 -17.90 13.75 -7.23
C GLY A 4 -17.27 13.48 -8.58
N SER A 5 -15.95 13.33 -8.61
CA SER A 5 -15.23 13.08 -9.85
C SER A 5 -13.95 12.31 -9.59
N SER A 6 -13.59 11.42 -10.51
CA SER A 6 -12.39 10.61 -10.38
C SER A 6 -11.15 11.44 -10.70
N GLY A 7 -10.39 11.78 -9.67
CA GLY A 7 -9.19 12.57 -9.86
C GLY A 7 -8.02 12.06 -9.02
N LYS A 8 -7.15 12.98 -8.62
CA LYS A 8 -5.99 12.61 -7.82
C LYS A 8 -6.03 13.32 -6.47
N PHE A 9 -5.54 12.63 -5.43
CA PHE A 9 -5.52 13.19 -4.08
C PHE A 9 -4.53 14.34 -3.99
N ASP A 10 -5.02 15.53 -3.69
CA ASP A 10 -4.18 16.71 -3.56
C ASP A 10 -3.29 16.61 -2.33
N GLU A 11 -1.98 16.48 -2.56
CA GLU A 11 -1.02 16.36 -1.47
C GLU A 11 -1.40 17.27 -0.32
N SER A 12 -1.82 18.49 -0.64
CA SER A 12 -2.22 19.47 0.38
C SER A 12 -3.56 19.11 0.98
N ALA A 13 -4.51 18.72 0.13
CA ALA A 13 -5.84 18.34 0.58
C ALA A 13 -5.94 16.84 0.81
N LEU A 14 -5.42 16.39 1.95
CA LEU A 14 -5.44 14.97 2.30
C LEU A 14 -6.57 14.67 3.28
N VAL A 15 -7.12 13.46 3.18
CA VAL A 15 -8.20 13.06 4.07
C VAL A 15 -7.66 12.51 5.39
N PRO A 16 -8.28 12.93 6.51
CA PRO A 16 -7.89 12.49 7.84
C PRO A 16 -8.19 11.01 8.09
N GLU A 17 -7.33 10.35 8.86
CA GLU A 17 -7.51 8.95 9.17
C GLU A 17 -8.89 8.70 9.76
N ASP A 18 -9.55 9.77 10.19
CA ASP A 18 -10.88 9.68 10.79
C ASP A 18 -11.95 9.56 9.70
N GLN A 19 -11.85 10.40 8.69
CA GLN A 19 -12.82 10.41 7.59
C GLN A 19 -12.58 9.20 6.67
N PHE A 20 -11.39 9.12 6.11
CA PHE A 20 -11.04 8.02 5.21
C PHE A 20 -11.57 6.69 5.75
N LEU A 21 -11.44 6.50 7.05
CA LEU A 21 -11.90 5.27 7.68
C LEU A 21 -13.35 4.97 7.29
N ALA A 22 -14.24 5.92 7.53
CA ALA A 22 -15.64 5.76 7.20
C ALA A 22 -15.86 5.82 5.69
N GLN A 23 -15.30 6.86 5.06
CA GLN A 23 -15.45 7.03 3.62
C GLN A 23 -15.47 5.69 2.91
N HIS A 24 -14.72 4.72 3.44
CA HIS A 24 -14.66 3.39 2.85
C HIS A 24 -14.94 2.32 3.90
N PRO A 25 -16.22 1.94 4.02
CA PRO A 25 -16.65 0.91 4.98
C PRO A 25 -16.16 -0.48 4.60
N GLY A 26 -16.43 -1.44 5.48
CA GLY A 26 -16.01 -2.81 5.22
C GLY A 26 -14.56 -2.90 4.81
N PRO A 27 -14.11 -4.13 4.48
CA PRO A 27 -12.72 -4.37 4.06
C PRO A 27 -12.43 -3.80 2.68
N ALA A 28 -11.21 -3.30 2.50
CA ALA A 28 -10.80 -2.72 1.22
C ALA A 28 -9.69 -3.55 0.57
N THR A 29 -9.78 -3.71 -0.75
CA THR A 29 -8.78 -4.48 -1.48
C THR A 29 -7.58 -3.63 -1.84
N ILE A 30 -6.44 -3.94 -1.23
CA ILE A 30 -5.20 -3.19 -1.49
C ILE A 30 -4.35 -3.89 -2.54
N ARG A 31 -4.11 -3.22 -3.66
CA ARG A 31 -3.31 -3.77 -4.73
C ARG A 31 -1.82 -3.52 -4.49
N VAL A 32 -0.99 -4.49 -4.87
CA VAL A 32 0.44 -4.39 -4.68
C VAL A 32 1.19 -4.92 -5.90
N SER A 33 2.19 -4.16 -6.36
CA SER A 33 2.97 -4.56 -7.52
C SER A 33 3.95 -5.68 -7.16
N LYS A 34 4.34 -6.47 -8.16
CA LYS A 34 5.26 -7.57 -7.94
C LYS A 34 6.68 -7.06 -7.72
N PRO A 35 7.51 -7.88 -7.08
CA PRO A 35 8.91 -7.54 -6.78
C PRO A 35 9.77 -7.51 -8.03
N ASN A 36 11.04 -7.15 -7.86
CA ASN A 36 11.97 -7.09 -8.98
C ASN A 36 11.47 -6.10 -10.04
N GLU A 37 10.63 -6.60 -10.95
CA GLU A 37 10.07 -5.77 -12.02
C GLU A 37 8.60 -6.09 -12.24
N ASN A 38 7.84 -5.09 -12.65
CA ASN A 38 6.42 -5.26 -12.92
C ASN A 38 6.16 -5.57 -14.39
N ASP A 39 6.13 -6.86 -14.73
CA ASP A 39 5.90 -7.28 -16.09
C ASP A 39 4.56 -8.01 -16.22
N GLY A 40 4.15 -8.67 -15.14
CA GLY A 40 2.89 -9.40 -15.15
C GLY A 40 1.76 -8.60 -14.52
N GLN A 41 0.97 -9.28 -13.69
CA GLN A 41 -0.15 -8.63 -13.02
C GLN A 41 0.12 -8.45 -11.53
N PHE A 42 -0.57 -7.51 -10.91
CA PHE A 42 -0.40 -7.23 -9.49
C PHE A 42 -1.13 -8.26 -8.64
N MET A 43 -0.90 -8.20 -7.33
CA MET A 43 -1.55 -9.14 -6.41
C MET A 43 -2.80 -8.51 -5.79
N GLU A 44 -3.55 -9.32 -5.05
CA GLU A 44 -4.77 -8.84 -4.40
C GLU A 44 -4.74 -9.13 -2.90
N ILE A 45 -4.37 -8.13 -2.12
CA ILE A 45 -4.30 -8.28 -0.66
C ILE A 45 -5.33 -7.39 0.03
N THR A 46 -6.43 -8.00 0.45
CA THR A 46 -7.50 -7.27 1.13
C THR A 46 -7.29 -7.27 2.64
N VAL A 47 -7.65 -6.16 3.29
CA VAL A 47 -7.50 -6.04 4.73
C VAL A 47 -8.85 -5.83 5.40
N GLN A 48 -9.11 -6.60 6.46
CA GLN A 48 -10.36 -6.50 7.19
C GLN A 48 -10.68 -5.05 7.54
N SER A 49 -9.64 -4.29 7.86
CA SER A 49 -9.80 -2.89 8.22
C SER A 49 -8.58 -2.07 7.80
N LEU A 50 -8.82 -0.91 7.21
CA LEU A 50 -7.73 -0.04 6.76
C LEU A 50 -6.89 0.41 7.94
N SER A 51 -7.55 0.69 9.07
CA SER A 51 -6.86 1.15 10.26
C SER A 51 -5.57 0.37 10.48
N GLU A 52 -5.55 -0.88 10.00
CA GLU A 52 -4.38 -1.74 10.15
C GLU A 52 -3.10 -0.94 9.92
N ASN A 53 -1.99 -1.45 10.46
CA ASN A 53 -0.70 -0.78 10.31
C ASN A 53 0.06 -1.34 9.11
N VAL A 54 0.57 -0.44 8.28
CA VAL A 54 1.32 -0.84 7.09
C VAL A 54 2.18 -2.07 7.37
N GLY A 55 2.75 -2.13 8.58
CA GLY A 55 3.58 -3.25 8.95
C GLY A 55 2.89 -4.59 8.70
N SER A 56 1.65 -4.69 9.12
CA SER A 56 0.89 -5.93 8.95
C SER A 56 0.77 -6.29 7.47
N LEU A 57 0.62 -5.28 6.64
CA LEU A 57 0.50 -5.48 5.20
C LEU A 57 1.67 -6.31 4.66
N LYS A 58 2.89 -5.91 5.04
CA LYS A 58 4.08 -6.62 4.61
C LYS A 58 4.01 -8.10 4.96
N GLU A 59 3.39 -8.40 6.09
CA GLU A 59 3.23 -9.78 6.53
C GLU A 59 2.41 -10.59 5.54
N LYS A 60 1.35 -9.98 5.03
CA LYS A 60 0.47 -10.64 4.07
C LYS A 60 1.26 -11.13 2.86
N ILE A 61 1.80 -10.19 2.10
CA ILE A 61 2.59 -10.52 0.91
C ILE A 61 3.79 -11.38 1.27
N ALA A 62 4.46 -11.02 2.37
CA ALA A 62 5.63 -11.76 2.83
C ALA A 62 5.43 -13.26 2.68
N GLY A 63 4.17 -13.69 2.79
CA GLY A 63 3.87 -15.11 2.68
C GLY A 63 3.99 -15.61 1.25
N GLU A 64 3.54 -14.80 0.30
CA GLU A 64 3.62 -15.17 -1.12
C GLU A 64 5.05 -15.09 -1.64
N ILE A 65 5.65 -13.92 -1.47
CA ILE A 65 7.03 -13.71 -1.92
C ILE A 65 8.02 -14.43 -1.02
N GLN A 66 7.53 -14.90 0.13
CA GLN A 66 8.39 -15.61 1.08
C GLN A 66 9.53 -14.73 1.55
N ILE A 67 9.20 -13.50 1.96
CA ILE A 67 10.20 -12.56 2.43
C ILE A 67 9.70 -11.81 3.67
N PRO A 68 10.59 -11.64 4.65
CA PRO A 68 10.27 -10.95 5.90
C PRO A 68 10.08 -9.45 5.69
N ALA A 69 9.03 -8.90 6.30
CA ALA A 69 8.73 -7.48 6.19
C ALA A 69 10.01 -6.64 6.24
N ASN A 70 11.02 -7.14 6.96
CA ASN A 70 12.29 -6.45 7.08
C ASN A 70 12.99 -6.35 5.73
N LYS A 71 13.07 -7.47 5.02
CA LYS A 71 13.71 -7.50 3.71
C LYS A 71 12.90 -6.70 2.69
N GLN A 72 11.67 -7.14 2.42
CA GLN A 72 10.81 -6.47 1.46
C GLN A 72 10.33 -5.13 2.02
N LYS A 73 10.25 -4.13 1.15
CA LYS A 73 9.81 -2.80 1.54
C LYS A 73 8.61 -2.35 0.71
N LEU A 74 7.77 -1.50 1.29
CA LEU A 74 6.60 -0.99 0.61
C LEU A 74 6.71 0.51 0.35
N SER A 75 6.41 0.92 -0.88
CA SER A 75 6.49 2.33 -1.25
C SER A 75 5.15 2.83 -1.75
N GLY A 76 4.73 3.98 -1.27
CA GLY A 76 3.46 4.56 -1.68
C GLY A 76 3.62 5.90 -2.37
N LYS A 77 2.52 6.40 -2.95
CA LYS A 77 2.56 7.68 -3.64
C LYS A 77 3.36 8.71 -2.86
N ALA A 78 3.02 8.87 -1.58
CA ALA A 78 3.71 9.83 -0.72
C ALA A 78 5.17 9.42 -0.52
N GLY A 79 5.41 8.12 -0.37
CA GLY A 79 6.76 7.63 -0.18
C GLY A 79 6.80 6.31 0.55
N PHE A 80 7.98 5.91 1.02
CA PHE A 80 8.14 4.66 1.73
C PHE A 80 7.19 4.58 2.93
N LEU A 81 6.15 3.77 2.78
CA LEU A 81 5.16 3.61 3.85
C LEU A 81 5.83 3.17 5.15
N LYS A 82 5.29 3.65 6.26
CA LYS A 82 5.84 3.31 7.57
C LYS A 82 4.96 2.28 8.27
N ASP A 83 5.59 1.22 8.78
CA ASP A 83 4.87 0.16 9.47
C ASP A 83 4.11 0.71 10.68
N ASN A 84 4.64 1.79 11.25
CA ASN A 84 4.01 2.42 12.41
C ASN A 84 2.72 3.13 12.01
N MET A 85 2.72 3.74 10.83
CA MET A 85 1.55 4.45 10.34
C MET A 85 0.53 3.48 9.75
N SER A 86 -0.70 3.94 9.62
CA SER A 86 -1.78 3.11 9.08
C SER A 86 -2.00 3.43 7.59
N LEU A 87 -2.96 2.72 6.99
CA LEU A 87 -3.27 2.92 5.58
C LEU A 87 -4.23 4.10 5.40
N ALA A 88 -5.29 4.12 6.21
CA ALA A 88 -6.28 5.20 6.12
C ALA A 88 -5.60 6.57 6.10
N HIS A 89 -4.77 6.83 7.12
CA HIS A 89 -4.06 8.09 7.21
C HIS A 89 -3.36 8.43 5.89
N TYR A 90 -2.73 7.42 5.29
CA TYR A 90 -2.02 7.61 4.03
C TYR A 90 -2.99 7.66 2.86
N ASN A 91 -4.23 7.23 3.10
CA ASN A 91 -5.25 7.23 2.07
C ASN A 91 -4.98 6.15 1.04
N VAL A 92 -5.17 4.89 1.42
CA VAL A 92 -4.95 3.77 0.53
C VAL A 92 -6.06 2.74 0.64
N GLY A 93 -6.75 2.48 -0.47
CA GLY A 93 -7.83 1.52 -0.48
C GLY A 93 -8.26 1.14 -1.87
N ALA A 94 -9.57 1.10 -2.11
CA ALA A 94 -10.10 0.74 -3.41
C ALA A 94 -9.80 1.82 -4.45
N GLY A 95 -8.54 1.94 -4.82
CA GLY A 95 -8.14 2.94 -5.79
C GLY A 95 -6.64 3.16 -5.83
N GLU A 96 -6.05 3.37 -4.66
CA GLU A 96 -4.61 3.59 -4.56
C GLU A 96 -3.84 2.29 -4.74
N ILE A 97 -2.67 2.38 -5.37
CA ILE A 97 -1.84 1.21 -5.60
C ILE A 97 -0.44 1.40 -5.02
N LEU A 98 0.04 0.38 -4.31
CA LEU A 98 1.36 0.43 -3.70
C LEU A 98 2.36 -0.40 -4.48
N THR A 99 3.64 -0.09 -4.34
CA THR A 99 4.70 -0.81 -5.03
C THR A 99 5.56 -1.61 -4.05
N LEU A 100 5.99 -2.78 -4.48
CA LEU A 100 6.82 -3.64 -3.64
C LEU A 100 8.25 -3.68 -4.16
N SER A 101 9.19 -3.39 -3.27
CA SER A 101 10.61 -3.39 -3.63
C SER A 101 11.37 -4.43 -2.82
N LEU A 102 12.43 -4.98 -3.42
CA LEU A 102 13.25 -5.99 -2.76
C LEU A 102 14.56 -5.39 -2.27
N ARG A 103 15.18 -6.05 -1.31
CA ARG A 103 16.46 -5.59 -0.76
C ARG A 103 17.62 -6.35 -1.37
N GLU A 104 18.72 -5.62 -1.63
CA GLU A 104 19.90 -6.23 -2.23
C GLU A 104 20.86 -6.70 -1.15
N ARG A 105 21.44 -7.88 -1.34
CA ARG A 105 22.37 -8.45 -0.38
C ARG A 105 23.80 -8.37 -0.91
N SER A 106 23.99 -8.85 -2.14
CA SER A 106 25.31 -8.83 -2.76
C SER A 106 25.49 -7.59 -3.63
N GLY A 107 24.49 -7.30 -4.45
CA GLY A 107 24.56 -6.13 -5.31
C GLY A 107 25.16 -6.45 -6.67
N PRO A 108 25.23 -5.44 -7.54
CA PRO A 108 25.78 -5.60 -8.89
C PRO A 108 27.30 -5.81 -8.88
N SER A 109 27.77 -6.75 -9.70
CA SER A 109 29.19 -7.05 -9.78
C SER A 109 29.46 -8.11 -10.84
N SER A 110 29.80 -7.65 -12.04
CA SER A 110 30.08 -8.56 -13.15
C SER A 110 28.98 -9.61 -13.28
N GLY A 111 27.91 -9.25 -14.00
CA GLY A 111 26.80 -10.17 -14.19
C GLY A 111 25.67 -9.91 -13.23
N GLY A 1 -14.91 17.31 -1.22
CA GLY A 1 -14.35 16.06 -1.70
C GLY A 1 -14.25 16.02 -3.22
N SER A 2 -13.34 16.81 -3.77
CA SER A 2 -13.15 16.85 -5.22
C SER A 2 -11.68 16.61 -5.58
N SER A 3 -11.43 15.59 -6.37
CA SER A 3 -10.08 15.25 -6.79
C SER A 3 -10.09 14.18 -7.88
N GLY A 4 -9.05 14.19 -8.71
CA GLY A 4 -8.97 13.22 -9.79
C GLY A 4 -8.80 11.81 -9.30
N SER A 5 -9.37 10.85 -10.02
CA SER A 5 -9.29 9.44 -9.63
C SER A 5 -8.43 8.66 -10.62
N SER A 6 -7.31 9.27 -11.04
CA SER A 6 -6.41 8.64 -11.99
C SER A 6 -5.11 9.43 -12.10
N GLY A 7 -4.04 8.76 -12.51
CA GLY A 7 -2.76 9.41 -12.66
C GLY A 7 -2.17 9.85 -11.34
N LYS A 8 -2.20 11.15 -11.08
CA LYS A 8 -1.65 11.70 -9.85
C LYS A 8 -2.71 12.51 -9.11
N PHE A 9 -2.92 12.20 -7.83
CA PHE A 9 -3.90 12.90 -7.01
C PHE A 9 -3.36 14.26 -6.58
N ASP A 10 -4.27 15.22 -6.42
CA ASP A 10 -3.89 16.57 -6.00
C ASP A 10 -3.48 16.59 -4.53
N GLU A 11 -2.46 17.37 -4.21
CA GLU A 11 -1.97 17.48 -2.85
C GLU A 11 -2.51 18.75 -2.18
N SER A 12 -3.65 18.62 -1.52
CA SER A 12 -4.26 19.76 -0.83
C SER A 12 -5.55 19.35 -0.13
N ALA A 13 -6.40 18.61 -0.85
CA ALA A 13 -7.67 18.15 -0.31
C ALA A 13 -7.54 16.72 0.23
N LEU A 14 -6.44 16.44 0.91
CA LEU A 14 -6.20 15.12 1.48
C LEU A 14 -7.22 14.80 2.56
N VAL A 15 -7.60 13.52 2.65
CA VAL A 15 -8.57 13.08 3.65
C VAL A 15 -7.87 12.57 4.91
N PRO A 16 -8.43 12.93 6.07
CA PRO A 16 -7.88 12.52 7.37
C PRO A 16 -8.05 11.03 7.63
N GLU A 17 -7.18 10.47 8.45
CA GLU A 17 -7.22 9.05 8.78
C GLU A 17 -8.51 8.72 9.55
N ASP A 18 -9.14 9.76 10.10
CA ASP A 18 -10.36 9.57 10.86
C ASP A 18 -11.56 9.36 9.92
N GLN A 19 -11.63 10.16 8.87
CA GLN A 19 -12.72 10.06 7.91
C GLN A 19 -12.47 8.91 6.93
N PHE A 20 -11.29 8.90 6.32
CA PHE A 20 -10.94 7.86 5.37
C PHE A 20 -11.30 6.48 5.91
N LEU A 21 -11.14 6.30 7.21
CA LEU A 21 -11.45 5.02 7.87
C LEU A 21 -12.93 4.70 7.73
N ALA A 22 -13.77 5.53 8.35
CA ALA A 22 -15.21 5.33 8.30
C ALA A 22 -15.71 5.25 6.85
N GLN A 23 -15.27 6.19 6.03
CA GLN A 23 -15.67 6.22 4.63
C GLN A 23 -15.79 4.81 4.06
N HIS A 24 -14.97 3.90 4.57
CA HIS A 24 -14.99 2.51 4.12
C HIS A 24 -15.07 1.56 5.30
N PRO A 25 -16.30 1.19 5.68
CA PRO A 25 -16.55 0.28 6.81
C PRO A 25 -16.12 -1.15 6.50
N GLY A 26 -16.36 -1.59 5.27
CA GLY A 26 -15.99 -2.93 4.86
C GLY A 26 -14.52 -3.05 4.52
N PRO A 27 -14.07 -4.28 4.23
CA PRO A 27 -12.68 -4.55 3.87
C PRO A 27 -12.31 -3.99 2.51
N ALA A 28 -11.09 -3.45 2.40
CA ALA A 28 -10.62 -2.88 1.14
C ALA A 28 -9.52 -3.75 0.53
N THR A 29 -9.53 -3.84 -0.80
CA THR A 29 -8.53 -4.63 -1.50
C THR A 29 -7.36 -3.77 -1.97
N ILE A 30 -6.22 -3.94 -1.32
CA ILE A 30 -5.02 -3.19 -1.67
C ILE A 30 -4.23 -3.87 -2.78
N ARG A 31 -4.05 -3.17 -3.89
CA ARG A 31 -3.32 -3.71 -5.02
C ARG A 31 -1.82 -3.46 -4.88
N VAL A 32 -1.03 -4.49 -5.14
CA VAL A 32 0.42 -4.39 -5.04
C VAL A 32 1.11 -5.10 -6.20
N SER A 33 2.13 -4.45 -6.76
CA SER A 33 2.87 -5.03 -7.88
C SER A 33 3.85 -6.08 -7.40
N LYS A 34 4.10 -7.08 -8.23
CA LYS A 34 5.02 -8.17 -7.90
C LYS A 34 6.47 -7.68 -7.95
N PRO A 35 7.33 -8.31 -7.14
CA PRO A 35 8.76 -7.97 -7.07
C PRO A 35 9.50 -8.37 -8.35
N ASN A 36 8.80 -9.02 -9.26
CA ASN A 36 9.39 -9.46 -10.52
C ASN A 36 8.85 -8.65 -11.70
N GLU A 37 9.42 -8.88 -12.87
CA GLU A 37 8.99 -8.17 -14.08
C GLU A 37 7.65 -8.71 -14.58
N ASN A 38 6.57 -7.99 -14.27
CA ASN A 38 5.23 -8.40 -14.68
C ASN A 38 4.73 -7.51 -15.82
N ASP A 39 3.63 -7.93 -16.44
CA ASP A 39 3.04 -7.19 -17.54
C ASP A 39 1.81 -6.40 -17.08
N GLY A 40 1.74 -6.14 -15.78
CA GLY A 40 0.61 -5.41 -15.23
C GLY A 40 -0.08 -6.16 -14.11
N GLN A 41 -0.14 -7.48 -14.23
CA GLN A 41 -0.78 -8.32 -13.23
C GLN A 41 -0.29 -7.95 -11.84
N PHE A 42 -1.23 -7.87 -10.89
CA PHE A 42 -0.89 -7.52 -9.51
C PHE A 42 -1.60 -8.45 -8.52
N MET A 43 -1.24 -8.35 -7.25
CA MET A 43 -1.84 -9.18 -6.22
C MET A 43 -3.03 -8.47 -5.57
N GLU A 44 -3.87 -9.23 -4.88
CA GLU A 44 -5.04 -8.67 -4.24
C GLU A 44 -5.06 -9.03 -2.75
N ILE A 45 -4.59 -8.11 -1.92
CA ILE A 45 -4.54 -8.33 -0.48
C ILE A 45 -5.61 -7.51 0.24
N THR A 46 -6.70 -8.17 0.61
CA THR A 46 -7.80 -7.50 1.30
C THR A 46 -7.55 -7.45 2.81
N VAL A 47 -7.72 -6.27 3.40
CA VAL A 47 -7.52 -6.08 4.83
C VAL A 47 -8.83 -5.76 5.53
N GLN A 48 -9.19 -6.59 6.50
CA GLN A 48 -10.42 -6.40 7.25
C GLN A 48 -10.68 -4.92 7.51
N SER A 49 -9.61 -4.18 7.82
CA SER A 49 -9.72 -2.76 8.10
C SER A 49 -8.49 -2.01 7.59
N LEU A 50 -8.66 -0.73 7.31
CA LEU A 50 -7.56 0.10 6.82
C LEU A 50 -6.66 0.56 7.97
N SER A 51 -7.29 0.91 9.10
CA SER A 51 -6.54 1.36 10.26
C SER A 51 -5.26 0.56 10.45
N GLU A 52 -5.28 -0.69 9.99
CA GLU A 52 -4.12 -1.57 10.10
C GLU A 52 -2.83 -0.80 9.81
N ASN A 53 -1.72 -1.31 10.31
CA ASN A 53 -0.42 -0.68 10.12
C ASN A 53 0.30 -1.29 8.92
N VAL A 54 0.83 -0.42 8.05
CA VAL A 54 1.55 -0.88 6.87
C VAL A 54 2.36 -2.13 7.16
N GLY A 55 2.93 -2.19 8.37
CA GLY A 55 3.73 -3.34 8.75
C GLY A 55 2.97 -4.64 8.62
N SER A 56 1.72 -4.66 9.09
CA SER A 56 0.89 -5.85 9.03
C SER A 56 0.71 -6.31 7.58
N LEU A 57 0.47 -5.36 6.68
CA LEU A 57 0.28 -5.66 5.27
C LEU A 57 1.49 -6.41 4.72
N LYS A 58 2.68 -6.00 5.11
CA LYS A 58 3.91 -6.63 4.65
C LYS A 58 3.92 -8.11 5.01
N GLU A 59 3.27 -8.46 6.11
CA GLU A 59 3.21 -9.85 6.56
C GLU A 59 2.39 -10.69 5.58
N LYS A 60 1.25 -10.15 5.14
CA LYS A 60 0.39 -10.84 4.20
C LYS A 60 1.16 -11.30 2.97
N ILE A 61 1.67 -10.33 2.22
CA ILE A 61 2.43 -10.63 1.01
C ILE A 61 3.69 -11.43 1.33
N ALA A 62 4.34 -11.06 2.44
CA ALA A 62 5.56 -11.75 2.87
C ALA A 62 5.40 -13.26 2.74
N GLY A 63 4.16 -13.74 2.77
CA GLY A 63 3.90 -15.16 2.65
C GLY A 63 4.00 -15.65 1.22
N GLU A 64 3.57 -14.82 0.28
CA GLU A 64 3.61 -15.19 -1.13
C GLU A 64 5.04 -15.14 -1.67
N ILE A 65 5.68 -13.99 -1.53
CA ILE A 65 7.05 -13.80 -1.99
C ILE A 65 8.04 -14.51 -1.08
N GLN A 66 7.56 -14.92 0.09
CA GLN A 66 8.41 -15.61 1.07
C GLN A 66 9.50 -14.68 1.59
N ILE A 67 9.17 -13.40 1.72
CA ILE A 67 10.13 -12.42 2.20
C ILE A 67 9.59 -11.69 3.43
N PRO A 68 10.45 -11.52 4.45
CA PRO A 68 10.08 -10.84 5.69
C PRO A 68 9.86 -9.35 5.49
N ALA A 69 8.89 -8.79 6.21
CA ALA A 69 8.59 -7.36 6.10
C ALA A 69 9.86 -6.54 6.11
N ASN A 70 10.87 -7.00 6.85
CA ASN A 70 12.14 -6.30 6.94
C ASN A 70 12.82 -6.20 5.58
N LYS A 71 12.87 -7.33 4.87
CA LYS A 71 13.48 -7.36 3.54
C LYS A 71 12.66 -6.57 2.54
N GLN A 72 11.40 -6.97 2.35
CA GLN A 72 10.51 -6.29 1.42
C GLN A 72 10.12 -4.91 1.94
N LYS A 73 10.21 -3.91 1.08
CA LYS A 73 9.86 -2.54 1.46
C LYS A 73 8.66 -2.04 0.66
N LEU A 74 7.74 -1.36 1.34
CA LEU A 74 6.55 -0.83 0.70
C LEU A 74 6.68 0.67 0.45
N SER A 75 6.46 1.08 -0.79
CA SER A 75 6.55 2.50 -1.16
C SER A 75 5.22 3.00 -1.70
N GLY A 76 4.79 4.16 -1.20
CA GLY A 76 3.54 4.74 -1.64
C GLY A 76 3.73 6.09 -2.30
N LYS A 77 2.63 6.67 -2.79
CA LYS A 77 2.68 7.97 -3.44
C LYS A 77 3.66 8.90 -2.74
N ALA A 78 3.51 9.03 -1.43
CA ALA A 78 4.39 9.89 -0.64
C ALA A 78 5.82 9.35 -0.63
N GLY A 79 5.95 8.04 -0.44
CA GLY A 79 7.27 7.43 -0.41
C GLY A 79 7.29 6.15 0.40
N PHE A 80 8.49 5.67 0.73
CA PHE A 80 8.65 4.45 1.49
C PHE A 80 7.74 4.46 2.73
N LEU A 81 6.56 3.88 2.60
CA LEU A 81 5.60 3.82 3.70
C LEU A 81 6.25 3.20 4.94
N LYS A 82 5.88 3.73 6.11
CA LYS A 82 6.41 3.23 7.37
C LYS A 82 5.48 2.20 7.99
N ASP A 83 6.03 1.07 8.40
CA ASP A 83 5.25 0.00 9.01
C ASP A 83 4.38 0.55 10.14
N ASN A 84 4.87 1.59 10.81
CA ASN A 84 4.13 2.21 11.91
C ASN A 84 2.92 2.99 11.39
N MET A 85 3.10 3.63 10.24
CA MET A 85 2.03 4.42 9.64
C MET A 85 0.88 3.51 9.20
N SER A 86 -0.33 4.07 9.18
CA SER A 86 -1.51 3.31 8.78
C SER A 86 -1.78 3.48 7.28
N LEU A 87 -2.76 2.74 6.78
CA LEU A 87 -3.12 2.81 5.36
C LEU A 87 -4.10 3.95 5.11
N ALA A 88 -5.04 4.13 6.03
CA ALA A 88 -6.03 5.18 5.90
C ALA A 88 -5.37 6.56 5.84
N HIS A 89 -4.41 6.79 6.73
CA HIS A 89 -3.70 8.07 6.78
C HIS A 89 -3.08 8.39 5.43
N TYR A 90 -2.62 7.36 4.72
CA TYR A 90 -2.01 7.54 3.42
C TYR A 90 -3.05 7.51 2.31
N ASN A 91 -4.32 7.47 2.71
CA ASN A 91 -5.42 7.45 1.75
C ASN A 91 -5.26 6.28 0.77
N VAL A 92 -4.96 5.11 1.31
CA VAL A 92 -4.79 3.92 0.49
C VAL A 92 -5.95 2.94 0.68
N GLY A 93 -6.58 2.55 -0.43
CA GLY A 93 -7.70 1.62 -0.36
C GLY A 93 -8.00 0.98 -1.69
N ALA A 94 -9.27 1.00 -2.08
CA ALA A 94 -9.69 0.41 -3.35
C ALA A 94 -9.53 1.41 -4.49
N GLY A 95 -8.34 1.98 -4.61
CA GLY A 95 -8.07 2.94 -5.67
C GLY A 95 -6.59 3.24 -5.82
N GLU A 96 -5.89 3.35 -4.70
CA GLU A 96 -4.45 3.63 -4.73
C GLU A 96 -3.65 2.33 -4.75
N ILE A 97 -2.57 2.33 -5.53
CA ILE A 97 -1.71 1.16 -5.65
C ILE A 97 -0.35 1.43 -5.01
N LEU A 98 0.21 0.39 -4.38
CA LEU A 98 1.52 0.51 -3.74
C LEU A 98 2.57 -0.29 -4.50
N THR A 99 3.83 0.10 -4.33
CA THR A 99 4.94 -0.57 -5.00
C THR A 99 5.75 -1.41 -4.02
N LEU A 100 6.16 -2.59 -4.46
CA LEU A 100 6.95 -3.48 -3.62
C LEU A 100 8.38 -3.59 -4.13
N SER A 101 9.34 -3.23 -3.28
CA SER A 101 10.75 -3.28 -3.64
C SER A 101 11.47 -4.36 -2.85
N LEU A 102 12.38 -5.07 -3.52
CA LEU A 102 13.14 -6.14 -2.88
C LEU A 102 14.47 -5.61 -2.36
N ARG A 103 14.96 -6.22 -1.28
CA ARG A 103 16.22 -5.82 -0.68
C ARG A 103 17.38 -6.64 -1.24
N GLU A 104 17.46 -6.69 -2.58
CA GLU A 104 18.52 -7.45 -3.23
C GLU A 104 18.45 -7.27 -4.75
N ARG A 105 17.26 -7.48 -5.32
CA ARG A 105 17.06 -7.34 -6.75
C ARG A 105 18.03 -8.23 -7.52
N SER A 106 17.63 -9.48 -7.73
CA SER A 106 18.48 -10.43 -8.46
C SER A 106 19.72 -10.78 -7.65
N GLY A 107 20.17 -12.03 -7.78
CA GLY A 107 21.35 -12.47 -7.06
C GLY A 107 22.28 -13.31 -7.92
N PRO A 108 23.39 -13.78 -7.32
CA PRO A 108 24.37 -14.60 -8.02
C PRO A 108 23.84 -15.99 -8.35
N SER A 109 23.81 -16.32 -9.64
CA SER A 109 23.32 -17.62 -10.09
C SER A 109 24.49 -18.58 -10.33
N SER A 110 24.21 -19.87 -10.18
CA SER A 110 25.24 -20.89 -10.39
C SER A 110 24.64 -22.13 -11.06
N GLY A 111 25.51 -22.96 -11.63
CA GLY A 111 25.06 -24.17 -12.29
C GLY A 111 23.72 -23.97 -12.99
N GLY A 1 -27.14 26.50 3.59
CA GLY A 1 -27.53 25.11 3.78
C GLY A 1 -27.42 24.31 2.50
N SER A 2 -26.20 23.88 2.17
CA SER A 2 -25.96 23.10 0.95
C SER A 2 -24.54 22.57 0.94
N SER A 3 -24.24 21.75 -0.08
CA SER A 3 -22.91 21.17 -0.22
C SER A 3 -22.79 20.42 -1.54
N GLY A 4 -21.55 20.26 -2.01
CA GLY A 4 -21.33 19.56 -3.27
C GLY A 4 -19.95 18.93 -3.33
N SER A 5 -19.78 17.95 -4.22
CA SER A 5 -18.51 17.27 -4.37
C SER A 5 -18.33 16.76 -5.80
N SER A 6 -17.14 16.25 -6.10
CA SER A 6 -16.83 15.74 -7.44
C SER A 6 -16.27 14.33 -7.36
N GLY A 7 -15.25 14.14 -6.53
CA GLY A 7 -14.63 12.84 -6.38
C GLY A 7 -13.29 12.75 -7.07
N LYS A 8 -12.39 13.66 -6.73
CA LYS A 8 -11.06 13.69 -7.32
C LYS A 8 -9.99 13.62 -6.25
N PHE A 9 -8.82 13.09 -6.61
CA PHE A 9 -7.71 12.97 -5.68
C PHE A 9 -6.97 14.29 -5.54
N ASP A 10 -7.18 14.98 -4.42
CA ASP A 10 -6.52 16.26 -4.17
C ASP A 10 -5.43 16.11 -3.12
N GLU A 11 -4.23 16.59 -3.46
CA GLU A 11 -3.10 16.51 -2.54
C GLU A 11 -3.15 17.64 -1.51
N SER A 12 -3.34 18.87 -2.00
CA SER A 12 -3.40 20.03 -1.14
C SER A 12 -4.33 19.78 0.04
N ALA A 13 -5.43 19.09 -0.23
CA ALA A 13 -6.41 18.78 0.81
C ALA A 13 -6.66 17.28 0.90
N LEU A 14 -5.89 16.61 1.75
CA LEU A 14 -6.03 15.16 1.93
C LEU A 14 -7.06 14.85 3.00
N VAL A 15 -7.69 13.68 2.88
CA VAL A 15 -8.71 13.26 3.85
C VAL A 15 -8.06 12.74 5.13
N PRO A 16 -8.60 13.17 6.28
CA PRO A 16 -8.10 12.75 7.59
C PRO A 16 -8.39 11.29 7.89
N GLU A 17 -7.40 10.60 8.46
CA GLU A 17 -7.56 9.19 8.79
C GLU A 17 -8.84 8.95 9.57
N ASP A 18 -9.28 9.97 10.31
CA ASP A 18 -10.50 9.87 11.10
C ASP A 18 -11.72 9.65 10.20
N GLN A 19 -11.76 10.37 9.09
CA GLN A 19 -12.86 10.26 8.14
C GLN A 19 -12.61 9.14 7.15
N PHE A 20 -11.40 9.08 6.60
CA PHE A 20 -11.04 8.04 5.64
C PHE A 20 -11.38 6.66 6.17
N LEU A 21 -11.20 6.46 7.47
CA LEU A 21 -11.50 5.19 8.11
C LEU A 21 -12.96 4.82 7.95
N ALA A 22 -13.84 5.63 8.54
CA ALA A 22 -15.27 5.39 8.47
C ALA A 22 -15.73 5.30 7.02
N GLN A 23 -15.26 6.23 6.20
CA GLN A 23 -15.63 6.25 4.78
C GLN A 23 -15.72 4.84 4.21
N HIS A 24 -14.89 3.94 4.74
CA HIS A 24 -14.87 2.56 4.30
C HIS A 24 -14.99 1.60 5.48
N PRO A 25 -16.23 1.22 5.81
CA PRO A 25 -16.51 0.31 6.92
C PRO A 25 -16.05 -1.12 6.62
N GLY A 26 -16.27 -1.57 5.40
CA GLY A 26 -15.87 -2.91 5.01
C GLY A 26 -14.40 -2.99 4.65
N PRO A 27 -13.93 -4.21 4.32
CA PRO A 27 -12.54 -4.44 3.94
C PRO A 27 -12.18 -3.82 2.59
N ALA A 28 -10.97 -3.29 2.49
CA ALA A 28 -10.51 -2.68 1.26
C ALA A 28 -9.40 -3.50 0.61
N THR A 29 -9.57 -3.81 -0.67
CA THR A 29 -8.58 -4.60 -1.41
C THR A 29 -7.43 -3.73 -1.88
N ILE A 30 -6.24 -3.98 -1.32
CA ILE A 30 -5.05 -3.22 -1.68
C ILE A 30 -4.23 -3.96 -2.72
N ARG A 31 -4.00 -3.31 -3.86
CA ARG A 31 -3.21 -3.91 -4.94
C ARG A 31 -1.73 -3.62 -4.75
N VAL A 32 -0.90 -4.62 -5.08
CA VAL A 32 0.54 -4.47 -4.94
C VAL A 32 1.26 -5.09 -6.14
N SER A 33 2.23 -4.35 -6.68
CA SER A 33 3.00 -4.81 -7.84
C SER A 33 3.97 -5.90 -7.43
N LYS A 34 4.35 -6.74 -8.39
CA LYS A 34 5.29 -7.83 -8.13
C LYS A 34 6.70 -7.28 -7.91
N PRO A 35 7.51 -8.04 -7.15
CA PRO A 35 8.89 -7.65 -6.85
C PRO A 35 9.80 -7.74 -8.07
N ASN A 36 9.22 -8.11 -9.21
CA ASN A 36 9.97 -8.23 -10.45
C ASN A 36 9.64 -7.08 -11.40
N GLU A 37 9.27 -5.94 -10.84
CA GLU A 37 8.92 -4.77 -11.64
C GLU A 37 7.92 -5.13 -12.72
N ASN A 38 6.91 -5.92 -12.36
CA ASN A 38 5.88 -6.33 -13.29
C ASN A 38 4.54 -5.68 -12.97
N ASP A 39 4.22 -4.62 -13.70
CA ASP A 39 2.97 -3.89 -13.49
C ASP A 39 1.79 -4.65 -14.11
N GLY A 40 2.08 -5.40 -15.17
CA GLY A 40 1.03 -6.16 -15.83
C GLY A 40 0.06 -6.79 -14.86
N GLN A 41 0.49 -7.86 -14.20
CA GLN A 41 -0.36 -8.55 -13.24
C GLN A 41 0.06 -8.23 -11.82
N PHE A 42 -0.89 -7.78 -11.00
CA PHE A 42 -0.62 -7.43 -9.62
C PHE A 42 -1.36 -8.37 -8.67
N MET A 43 -1.05 -8.26 -7.38
CA MET A 43 -1.69 -9.10 -6.37
C MET A 43 -2.83 -8.36 -5.70
N GLU A 44 -3.70 -9.10 -5.02
CA GLU A 44 -4.85 -8.52 -4.34
C GLU A 44 -4.80 -8.82 -2.84
N ILE A 45 -4.35 -7.85 -2.07
CA ILE A 45 -4.26 -8.01 -0.62
C ILE A 45 -5.31 -7.16 0.10
N THR A 46 -6.38 -7.82 0.55
CA THR A 46 -7.45 -7.14 1.24
C THR A 46 -7.27 -7.22 2.75
N VAL A 47 -7.63 -6.14 3.45
CA VAL A 47 -7.50 -6.09 4.90
C VAL A 47 -8.85 -5.81 5.56
N GLN A 48 -9.23 -6.67 6.50
CA GLN A 48 -10.49 -6.51 7.21
C GLN A 48 -10.78 -5.03 7.50
N SER A 49 -9.75 -4.31 7.88
CA SER A 49 -9.88 -2.88 8.20
C SER A 49 -8.63 -2.11 7.79
N LEU A 50 -8.82 -0.86 7.40
CA LEU A 50 -7.70 -0.02 6.99
C LEU A 50 -6.86 0.42 8.19
N SER A 51 -7.55 0.70 9.29
CA SER A 51 -6.87 1.14 10.52
C SER A 51 -5.56 0.37 10.71
N GLU A 52 -5.51 -0.84 10.16
CA GLU A 52 -4.31 -1.67 10.28
C GLU A 52 -3.05 -0.86 9.98
N ASN A 53 -1.90 -1.38 10.37
CA ASN A 53 -0.63 -0.70 10.15
C ASN A 53 0.06 -1.26 8.91
N VAL A 54 0.75 -0.39 8.18
CA VAL A 54 1.46 -0.79 6.97
C VAL A 54 2.36 -1.99 7.24
N GLY A 55 2.64 -2.24 8.52
CA GLY A 55 3.49 -3.36 8.89
C GLY A 55 2.78 -4.69 8.79
N SER A 56 1.53 -4.72 9.22
CA SER A 56 0.73 -5.95 9.19
C SER A 56 0.47 -6.37 7.75
N LEU A 57 0.47 -5.41 6.83
CA LEU A 57 0.22 -5.68 5.43
C LEU A 57 1.40 -6.44 4.80
N LYS A 58 2.61 -6.02 5.15
CA LYS A 58 3.82 -6.65 4.64
C LYS A 58 3.85 -8.13 5.02
N GLU A 59 3.14 -8.49 6.07
CA GLU A 59 3.09 -9.87 6.54
C GLU A 59 2.29 -10.74 5.56
N LYS A 60 1.16 -10.22 5.09
CA LYS A 60 0.31 -10.95 4.16
C LYS A 60 1.11 -11.38 2.93
N ILE A 61 1.71 -10.41 2.25
CA ILE A 61 2.49 -10.68 1.05
C ILE A 61 3.74 -11.48 1.40
N ALA A 62 4.42 -11.07 2.47
CA ALA A 62 5.64 -11.75 2.91
C ALA A 62 5.53 -13.25 2.70
N GLY A 63 4.32 -13.77 2.78
CA GLY A 63 4.11 -15.20 2.60
C GLY A 63 4.22 -15.62 1.15
N GLU A 64 3.66 -14.82 0.26
CA GLU A 64 3.69 -15.12 -1.17
C GLU A 64 5.11 -14.97 -1.72
N ILE A 65 5.70 -13.80 -1.50
CA ILE A 65 7.06 -13.52 -1.97
C ILE A 65 8.10 -14.24 -1.11
N GLN A 66 7.65 -14.80 0.01
CA GLN A 66 8.53 -15.51 0.92
C GLN A 66 9.65 -14.60 1.41
N ILE A 67 9.29 -13.39 1.80
CA ILE A 67 10.26 -12.42 2.30
C ILE A 67 9.76 -11.72 3.56
N PRO A 68 10.66 -11.55 4.53
CA PRO A 68 10.34 -10.90 5.81
C PRO A 68 10.07 -9.40 5.64
N ALA A 69 9.00 -8.93 6.27
CA ALA A 69 8.64 -7.52 6.20
C ALA A 69 9.88 -6.63 6.29
N ASN A 70 10.89 -7.10 7.00
CA ASN A 70 12.13 -6.35 7.16
C ASN A 70 12.84 -6.17 5.82
N LYS A 71 12.97 -7.26 5.08
CA LYS A 71 13.62 -7.22 3.77
C LYS A 71 12.78 -6.42 2.77
N GLN A 72 11.66 -7.00 2.36
CA GLN A 72 10.76 -6.35 1.41
C GLN A 72 10.28 -5.01 1.94
N LYS A 73 10.29 -3.99 1.09
CA LYS A 73 9.85 -2.65 1.47
C LYS A 73 8.64 -2.23 0.65
N LEU A 74 7.82 -1.37 1.24
CA LEU A 74 6.62 -0.88 0.56
C LEU A 74 6.74 0.61 0.26
N SER A 75 6.41 1.00 -0.97
CA SER A 75 6.47 2.39 -1.39
C SER A 75 5.12 2.89 -1.86
N GLY A 76 4.70 4.04 -1.35
CA GLY A 76 3.41 4.60 -1.73
C GLY A 76 3.56 5.93 -2.44
N LYS A 77 2.49 6.39 -3.07
CA LYS A 77 2.49 7.66 -3.79
C LYS A 77 3.34 8.69 -3.06
N ALA A 78 3.21 8.73 -1.74
CA ALA A 78 3.97 9.67 -0.92
C ALA A 78 5.43 9.25 -0.81
N GLY A 79 5.66 7.95 -0.63
CA GLY A 79 7.02 7.44 -0.52
C GLY A 79 7.09 6.21 0.37
N PHE A 80 8.29 5.92 0.85
CA PHE A 80 8.51 4.75 1.71
C PHE A 80 7.52 4.75 2.88
N LEU A 81 6.63 3.77 2.89
CA LEU A 81 5.63 3.66 3.95
C LEU A 81 6.24 3.06 5.21
N LYS A 82 5.74 3.49 6.36
CA LYS A 82 6.24 3.00 7.64
C LYS A 82 5.11 2.38 8.46
N ASP A 83 5.41 1.28 9.14
CA ASP A 83 4.41 0.59 9.96
C ASP A 83 3.89 1.51 11.05
N ASN A 84 4.67 2.52 11.40
CA ASN A 84 4.28 3.47 12.44
C ASN A 84 3.07 4.28 11.99
N MET A 85 2.68 4.12 10.73
CA MET A 85 1.53 4.83 10.19
C MET A 85 0.47 3.85 9.68
N SER A 86 -0.79 4.28 9.74
CA SER A 86 -1.89 3.44 9.30
C SER A 86 -2.10 3.58 7.79
N LEU A 87 -3.10 2.87 7.27
CA LEU A 87 -3.41 2.91 5.84
C LEU A 87 -4.36 4.06 5.53
N ALA A 88 -5.48 4.11 6.25
CA ALA A 88 -6.47 5.15 6.05
C ALA A 88 -5.81 6.53 5.96
N HIS A 89 -4.81 6.75 6.80
CA HIS A 89 -4.09 8.02 6.83
C HIS A 89 -3.45 8.31 5.47
N TYR A 90 -2.76 7.31 4.93
CA TYR A 90 -2.11 7.45 3.64
C TYR A 90 -3.13 7.59 2.51
N ASN A 91 -4.41 7.45 2.86
CA ASN A 91 -5.49 7.57 1.88
C ASN A 91 -5.41 6.43 0.87
N VAL A 92 -5.18 5.21 1.36
CA VAL A 92 -5.10 4.04 0.51
C VAL A 92 -6.33 3.16 0.66
N GLY A 93 -6.80 2.59 -0.45
CA GLY A 93 -7.97 1.74 -0.42
C GLY A 93 -8.21 1.05 -1.75
N ALA A 94 -9.43 1.19 -2.26
CA ALA A 94 -9.80 0.58 -3.53
C ALA A 94 -9.50 1.52 -4.70
N GLY A 95 -8.33 2.14 -4.67
CA GLY A 95 -7.94 3.05 -5.72
C GLY A 95 -6.45 3.31 -5.75
N GLU A 96 -5.85 3.49 -4.59
CA GLU A 96 -4.42 3.74 -4.48
C GLU A 96 -3.64 2.44 -4.51
N ILE A 97 -2.73 2.32 -5.48
CA ILE A 97 -1.91 1.12 -5.63
C ILE A 97 -0.51 1.35 -5.07
N LEU A 98 -0.02 0.37 -4.31
CA LEU A 98 1.31 0.46 -3.73
C LEU A 98 2.32 -0.40 -4.49
N THR A 99 3.59 -0.06 -4.38
CA THR A 99 4.65 -0.80 -5.06
C THR A 99 5.51 -1.57 -4.07
N LEU A 100 6.03 -2.71 -4.51
CA LEU A 100 6.88 -3.54 -3.66
C LEU A 100 8.31 -3.57 -4.18
N SER A 101 9.26 -3.27 -3.30
CA SER A 101 10.68 -3.27 -3.67
C SER A 101 11.44 -4.34 -2.90
N LEU A 102 12.33 -5.03 -3.60
CA LEU A 102 13.14 -6.08 -2.99
C LEU A 102 14.45 -5.52 -2.46
N ARG A 103 15.07 -6.25 -1.53
CA ARG A 103 16.33 -5.82 -0.94
C ARG A 103 17.50 -6.62 -1.52
N GLU A 104 17.43 -7.95 -1.39
CA GLU A 104 18.48 -8.82 -1.90
C GLU A 104 18.02 -10.26 -1.93
N ARG A 105 18.82 -11.12 -2.54
CA ARG A 105 18.50 -12.54 -2.65
C ARG A 105 17.18 -12.74 -3.38
N SER A 106 17.04 -13.90 -4.03
CA SER A 106 15.82 -14.21 -4.77
C SER A 106 15.65 -15.72 -4.91
N GLY A 107 16.68 -16.38 -5.42
CA GLY A 107 16.61 -17.82 -5.60
C GLY A 107 17.83 -18.37 -6.33
N PRO A 108 18.14 -19.65 -6.08
CA PRO A 108 19.29 -20.32 -6.70
C PRO A 108 19.07 -20.56 -8.20
N SER A 109 19.89 -19.90 -9.02
CA SER A 109 19.78 -20.03 -10.47
C SER A 109 18.45 -19.51 -10.97
N SER A 110 18.24 -19.60 -12.27
CA SER A 110 17.00 -19.12 -12.89
C SER A 110 16.74 -17.67 -12.52
N GLY A 111 17.06 -16.77 -13.45
CA GLY A 111 16.86 -15.35 -13.21
C GLY A 111 15.57 -14.83 -13.84
N GLY A 1 -28.48 18.57 -10.55
CA GLY A 1 -27.15 18.27 -11.03
C GLY A 1 -26.44 17.24 -10.18
N SER A 2 -25.77 17.70 -9.12
CA SER A 2 -25.05 16.81 -8.22
C SER A 2 -24.32 15.71 -9.00
N SER A 3 -23.07 15.97 -9.34
CA SER A 3 -22.26 15.02 -10.09
C SER A 3 -20.82 15.47 -10.18
N GLY A 4 -19.89 14.53 -10.08
CA GLY A 4 -18.48 14.85 -10.15
C GLY A 4 -17.59 13.67 -9.84
N SER A 5 -16.40 13.64 -10.44
CA SER A 5 -15.46 12.55 -10.23
C SER A 5 -14.05 12.97 -10.60
N SER A 6 -13.14 12.89 -9.64
CA SER A 6 -11.75 13.28 -9.87
C SER A 6 -10.82 12.07 -9.71
N GLY A 7 -10.93 11.39 -8.57
CA GLY A 7 -10.10 10.23 -8.32
C GLY A 7 -8.71 10.60 -7.85
N LYS A 8 -7.92 11.17 -8.74
CA LYS A 8 -6.56 11.58 -8.41
C LYS A 8 -6.56 12.89 -7.63
N PHE A 9 -6.17 12.82 -6.36
CA PHE A 9 -6.12 14.00 -5.51
C PHE A 9 -4.70 14.56 -5.43
N ASP A 10 -4.59 15.88 -5.29
CA ASP A 10 -3.30 16.53 -5.20
C ASP A 10 -2.87 16.72 -3.75
N GLU A 11 -1.57 16.67 -3.52
CA GLU A 11 -1.04 16.83 -2.17
C GLU A 11 -1.80 17.90 -1.39
N SER A 12 -2.08 19.01 -2.05
CA SER A 12 -2.80 20.12 -1.43
C SER A 12 -4.31 19.85 -1.44
N ALA A 13 -4.68 18.62 -1.12
CA ALA A 13 -6.09 18.23 -1.09
C ALA A 13 -6.25 16.77 -0.71
N LEU A 14 -5.49 16.33 0.28
CA LEU A 14 -5.54 14.94 0.74
C LEU A 14 -6.63 14.76 1.79
N VAL A 15 -7.15 13.53 1.89
CA VAL A 15 -8.19 13.22 2.86
C VAL A 15 -7.60 12.78 4.19
N PRO A 16 -8.18 13.28 5.29
CA PRO A 16 -7.73 12.95 6.65
C PRO A 16 -8.04 11.51 7.02
N GLU A 17 -7.12 10.89 7.78
CA GLU A 17 -7.29 9.51 8.20
C GLU A 17 -8.61 9.33 8.96
N ASP A 18 -9.10 10.42 9.56
CA ASP A 18 -10.34 10.37 10.32
C ASP A 18 -11.52 10.11 9.39
N GLN A 19 -11.52 10.77 8.23
CA GLN A 19 -12.60 10.61 7.26
C GLN A 19 -12.35 9.40 6.38
N PHE A 20 -11.16 9.32 5.81
CA PHE A 20 -10.79 8.22 4.93
C PHE A 20 -11.25 6.89 5.52
N LEU A 21 -11.07 6.73 6.83
CA LEU A 21 -11.47 5.51 7.52
C LEU A 21 -12.95 5.24 7.34
N ALA A 22 -13.78 6.07 7.96
CA ALA A 22 -15.23 5.92 7.87
C ALA A 22 -15.67 5.79 6.42
N GLN A 23 -15.14 6.65 5.56
CA GLN A 23 -15.49 6.63 4.13
C GLN A 23 -15.63 5.19 3.63
N HIS A 24 -14.86 4.29 4.22
CA HIS A 24 -14.90 2.88 3.84
C HIS A 24 -15.04 1.98 5.07
N PRO A 25 -16.30 1.67 5.43
CA PRO A 25 -16.60 0.81 6.59
C PRO A 25 -16.19 -0.63 6.35
N GLY A 26 -16.50 -1.16 5.18
CA GLY A 26 -16.16 -2.53 4.86
C GLY A 26 -14.70 -2.70 4.52
N PRO A 27 -14.31 -3.94 4.15
CA PRO A 27 -12.92 -4.25 3.79
C PRO A 27 -12.51 -3.63 2.46
N ALA A 28 -11.27 -3.17 2.38
CA ALA A 28 -10.75 -2.56 1.17
C ALA A 28 -9.67 -3.42 0.53
N THR A 29 -9.88 -3.81 -0.72
CA THR A 29 -8.92 -4.64 -1.43
C THR A 29 -7.72 -3.83 -1.90
N ILE A 30 -6.59 -4.01 -1.22
CA ILE A 30 -5.37 -3.29 -1.57
C ILE A 30 -4.54 -4.07 -2.58
N ARG A 31 -4.26 -3.44 -3.71
CA ARG A 31 -3.47 -4.07 -4.75
C ARG A 31 -1.98 -3.88 -4.51
N VAL A 32 -1.18 -4.90 -4.83
CA VAL A 32 0.26 -4.84 -4.64
C VAL A 32 1.00 -5.40 -5.85
N SER A 33 2.01 -4.67 -6.31
CA SER A 33 2.79 -5.09 -7.46
C SER A 33 3.76 -6.21 -7.09
N LYS A 34 3.84 -7.23 -7.92
CA LYS A 34 4.73 -8.36 -7.69
C LYS A 34 6.18 -7.96 -7.89
N PRO A 35 7.08 -8.57 -7.10
CA PRO A 35 8.51 -8.30 -7.18
C PRO A 35 9.14 -8.82 -8.46
N ASN A 36 10.46 -8.75 -8.55
CA ASN A 36 11.19 -9.22 -9.73
C ASN A 36 10.57 -10.51 -10.27
N GLU A 37 10.40 -11.49 -9.39
CA GLU A 37 9.82 -12.77 -9.78
C GLU A 37 8.70 -12.57 -10.79
N ASN A 38 8.73 -13.37 -11.85
CA ASN A 38 7.72 -13.29 -12.91
C ASN A 38 6.41 -13.91 -12.44
N ASP A 39 5.39 -13.07 -12.28
CA ASP A 39 4.08 -13.52 -11.86
C ASP A 39 3.03 -13.29 -12.94
N GLY A 40 3.23 -12.24 -13.73
CA GLY A 40 2.29 -11.93 -14.79
C GLY A 40 1.39 -10.77 -14.45
N GLN A 41 0.80 -10.81 -13.26
CA GLN A 41 -0.11 -9.75 -12.82
C GLN A 41 0.11 -9.45 -11.34
N PHE A 42 -0.53 -8.38 -10.87
CA PHE A 42 -0.41 -7.98 -9.47
C PHE A 42 -1.28 -8.85 -8.57
N MET A 43 -1.11 -8.70 -7.26
CA MET A 43 -1.89 -9.47 -6.29
C MET A 43 -2.96 -8.61 -5.65
N GLU A 44 -3.85 -9.25 -4.90
CA GLU A 44 -4.93 -8.55 -4.21
C GLU A 44 -4.93 -8.86 -2.71
N ILE A 45 -4.55 -7.87 -1.92
CA ILE A 45 -4.49 -8.03 -0.47
C ILE A 45 -5.55 -7.17 0.21
N THR A 46 -6.64 -7.80 0.63
CA THR A 46 -7.73 -7.09 1.29
C THR A 46 -7.52 -7.08 2.80
N VAL A 47 -7.93 -5.98 3.44
CA VAL A 47 -7.79 -5.85 4.89
C VAL A 47 -9.13 -5.51 5.53
N GLN A 48 -9.60 -6.39 6.42
CA GLN A 48 -10.86 -6.18 7.10
C GLN A 48 -11.08 -4.70 7.40
N SER A 49 -9.99 -3.99 7.69
CA SER A 49 -10.06 -2.57 8.00
C SER A 49 -8.80 -1.85 7.53
N LEU A 50 -8.96 -0.58 7.18
CA LEU A 50 -7.83 0.23 6.70
C LEU A 50 -6.98 0.70 7.88
N SER A 51 -7.62 0.98 9.00
CA SER A 51 -6.91 1.44 10.19
C SER A 51 -5.63 0.63 10.41
N GLU A 52 -5.64 -0.61 9.93
CA GLU A 52 -4.49 -1.49 10.09
C GLU A 52 -3.20 -0.74 9.79
N ASN A 53 -2.08 -1.26 10.31
CA ASN A 53 -0.78 -0.65 10.10
C ASN A 53 -0.09 -1.25 8.88
N VAL A 54 0.56 -0.39 8.10
CA VAL A 54 1.27 -0.83 6.90
C VAL A 54 2.08 -2.08 7.18
N GLY A 55 2.65 -2.16 8.38
CA GLY A 55 3.44 -3.32 8.74
C GLY A 55 2.71 -4.62 8.53
N SER A 56 1.49 -4.71 9.04
CA SER A 56 0.69 -5.91 8.92
C SER A 56 0.60 -6.35 7.46
N LEU A 57 0.39 -5.39 6.57
CA LEU A 57 0.29 -5.67 5.14
C LEU A 57 1.54 -6.38 4.64
N LYS A 58 2.71 -5.89 5.06
CA LYS A 58 3.97 -6.48 4.65
C LYS A 58 3.99 -7.98 4.92
N GLU A 59 3.29 -8.40 5.98
CA GLU A 59 3.23 -9.81 6.34
C GLU A 59 2.45 -10.60 5.30
N LYS A 60 1.35 -10.04 4.84
CA LYS A 60 0.51 -10.69 3.83
C LYS A 60 1.33 -11.10 2.61
N ILE A 61 1.90 -10.11 1.92
CA ILE A 61 2.71 -10.36 0.74
C ILE A 61 3.95 -11.18 1.11
N ALA A 62 4.60 -10.81 2.21
CA ALA A 62 5.79 -11.52 2.66
C ALA A 62 5.65 -13.03 2.44
N GLY A 63 4.43 -13.53 2.60
CA GLY A 63 4.19 -14.95 2.42
C GLY A 63 4.33 -15.39 0.97
N GLU A 64 3.83 -14.58 0.06
CA GLU A 64 3.90 -14.89 -1.36
C GLU A 64 5.34 -14.82 -1.87
N ILE A 65 6.00 -13.69 -1.59
CA ILE A 65 7.38 -13.50 -2.01
C ILE A 65 8.35 -14.26 -1.10
N GLN A 66 7.84 -14.72 0.04
CA GLN A 66 8.66 -15.46 0.99
C GLN A 66 9.78 -14.58 1.54
N ILE A 67 9.45 -13.35 1.88
CA ILE A 67 10.43 -12.41 2.42
C ILE A 67 9.89 -11.69 3.65
N PRO A 68 10.73 -11.54 4.67
CA PRO A 68 10.36 -10.87 5.92
C PRO A 68 10.16 -9.37 5.73
N ALA A 69 9.12 -8.83 6.35
CA ALA A 69 8.83 -7.40 6.24
C ALA A 69 10.09 -6.57 6.39
N ASN A 70 11.01 -7.05 7.22
CA ASN A 70 12.28 -6.35 7.45
C ASN A 70 13.02 -6.13 6.14
N LYS A 71 13.16 -7.20 5.36
CA LYS A 71 13.86 -7.14 4.08
C LYS A 71 13.04 -6.36 3.06
N GLN A 72 11.88 -6.89 2.71
CA GLN A 72 11.00 -6.24 1.74
C GLN A 72 10.64 -4.83 2.20
N LYS A 73 10.53 -3.91 1.24
CA LYS A 73 10.19 -2.53 1.54
C LYS A 73 8.98 -2.07 0.73
N LEU A 74 8.04 -1.43 1.40
CA LEU A 74 6.83 -0.94 0.73
C LEU A 74 6.90 0.57 0.51
N SER A 75 6.57 0.99 -0.71
CA SER A 75 6.60 2.41 -1.06
C SER A 75 5.26 2.86 -1.61
N GLY A 76 4.74 3.96 -1.05
CA GLY A 76 3.45 4.47 -1.50
C GLY A 76 3.59 5.73 -2.34
N LYS A 77 2.48 6.21 -2.87
CA LYS A 77 2.49 7.42 -3.70
C LYS A 77 3.40 8.48 -3.10
N ALA A 78 3.16 8.82 -1.83
CA ALA A 78 3.96 9.81 -1.14
C ALA A 78 5.41 9.39 -1.05
N GLY A 79 5.64 8.13 -0.71
CA GLY A 79 6.99 7.62 -0.60
C GLY A 79 7.09 6.43 0.34
N PHE A 80 8.32 6.00 0.61
CA PHE A 80 8.55 4.86 1.49
C PHE A 80 7.55 4.87 2.66
N LEU A 81 6.54 4.01 2.57
CA LEU A 81 5.52 3.92 3.61
C LEU A 81 6.15 3.52 4.95
N LYS A 82 5.42 3.77 6.02
CA LYS A 82 5.90 3.44 7.37
C LYS A 82 4.98 2.42 8.04
N ASP A 83 5.59 1.37 8.60
CA ASP A 83 4.83 0.33 9.28
C ASP A 83 4.01 0.91 10.43
N ASN A 84 4.58 1.91 11.11
CA ASN A 84 3.90 2.55 12.23
C ASN A 84 2.68 3.33 11.76
N MET A 85 2.75 3.83 10.53
CA MET A 85 1.64 4.60 9.96
C MET A 85 0.56 3.68 9.41
N SER A 86 -0.66 4.19 9.32
CA SER A 86 -1.79 3.42 8.82
C SER A 86 -1.96 3.62 7.32
N LEU A 87 -2.92 2.91 6.75
CA LEU A 87 -3.20 3.01 5.31
C LEU A 87 -4.08 4.21 5.01
N ALA A 88 -5.02 4.49 5.92
CA ALA A 88 -5.92 5.61 5.75
C ALA A 88 -5.17 6.93 5.63
N HIS A 89 -4.13 7.09 6.46
CA HIS A 89 -3.33 8.30 6.45
C HIS A 89 -2.74 8.55 5.06
N TYR A 90 -2.30 7.48 4.41
CA TYR A 90 -1.72 7.58 3.09
C TYR A 90 -2.80 7.65 2.01
N ASN A 91 -4.05 7.67 2.45
CA ASN A 91 -5.18 7.74 1.52
C ASN A 91 -5.24 6.49 0.65
N VAL A 92 -4.95 5.34 1.23
CA VAL A 92 -4.97 4.08 0.51
C VAL A 92 -6.21 3.27 0.84
N GLY A 93 -7.04 3.04 -0.16
CA GLY A 93 -8.26 2.28 0.04
C GLY A 93 -8.94 1.89 -1.26
N ALA A 94 -8.93 0.60 -1.57
CA ALA A 94 -9.53 0.10 -2.79
C ALA A 94 -9.40 1.11 -3.93
N GLY A 95 -8.15 1.40 -4.30
CA GLY A 95 -7.91 2.35 -5.37
C GLY A 95 -6.43 2.68 -5.53
N GLU A 96 -5.76 2.91 -4.41
CA GLU A 96 -4.34 3.24 -4.42
C GLU A 96 -3.49 1.97 -4.47
N ILE A 97 -2.55 1.93 -5.41
CA ILE A 97 -1.67 0.78 -5.56
C ILE A 97 -0.27 1.08 -5.03
N LEU A 98 0.22 0.20 -4.16
CA LEU A 98 1.55 0.37 -3.58
C LEU A 98 2.59 -0.47 -4.32
N THR A 99 3.85 -0.09 -4.18
CA THR A 99 4.94 -0.81 -4.84
C THR A 99 5.76 -1.60 -3.84
N LEU A 100 6.15 -2.81 -4.24
CA LEU A 100 6.94 -3.68 -3.36
C LEU A 100 8.34 -3.90 -3.95
N SER A 101 9.36 -3.54 -3.17
CA SER A 101 10.74 -3.69 -3.61
C SER A 101 11.47 -4.71 -2.73
N LEU A 102 12.34 -5.50 -3.37
CA LEU A 102 13.10 -6.51 -2.65
C LEU A 102 14.46 -5.97 -2.22
N ARG A 103 14.99 -6.52 -1.12
CA ARG A 103 16.28 -6.08 -0.60
C ARG A 103 17.42 -6.76 -1.35
N GLU A 104 18.08 -6.02 -2.22
CA GLU A 104 19.20 -6.56 -2.99
C GLU A 104 20.48 -5.80 -2.69
N ARG A 105 21.42 -6.47 -2.03
CA ARG A 105 22.71 -5.87 -1.68
C ARG A 105 23.82 -6.90 -1.70
N SER A 106 24.74 -6.74 -2.65
CA SER A 106 25.87 -7.67 -2.79
C SER A 106 25.37 -9.11 -2.85
N GLY A 107 25.03 -9.56 -4.05
CA GLY A 107 24.55 -10.92 -4.22
C GLY A 107 25.49 -11.77 -5.06
N PRO A 108 25.41 -13.09 -4.89
CA PRO A 108 26.26 -14.05 -5.63
C PRO A 108 25.90 -14.11 -7.11
N SER A 109 24.66 -13.74 -7.44
CA SER A 109 24.20 -13.76 -8.82
C SER A 109 24.71 -12.55 -9.58
N SER A 110 25.22 -12.77 -10.79
CA SER A 110 25.74 -11.70 -11.62
C SER A 110 26.11 -12.20 -13.00
N GLY A 111 25.12 -12.21 -13.90
CA GLY A 111 25.36 -12.68 -15.25
C GLY A 111 25.23 -11.56 -16.28
N GLY A 1 -28.95 26.01 -3.57
CA GLY A 1 -28.83 24.57 -3.66
C GLY A 1 -27.55 24.05 -3.03
N SER A 2 -27.20 22.81 -3.33
CA SER A 2 -26.00 22.20 -2.77
C SER A 2 -25.04 21.77 -3.89
N SER A 3 -23.83 21.38 -3.51
CA SER A 3 -22.83 20.95 -4.46
C SER A 3 -22.09 19.72 -3.97
N GLY A 4 -21.25 19.15 -4.84
CA GLY A 4 -20.49 17.97 -4.46
C GLY A 4 -19.09 18.29 -3.98
N SER A 5 -18.25 18.75 -4.89
CA SER A 5 -16.87 19.11 -4.55
C SER A 5 -16.15 17.92 -3.93
N SER A 6 -14.83 18.03 -3.83
CA SER A 6 -14.02 16.95 -3.25
C SER A 6 -13.97 15.74 -4.19
N GLY A 7 -12.76 15.29 -4.49
CA GLY A 7 -12.60 14.14 -5.37
C GLY A 7 -11.21 13.54 -5.30
N LYS A 8 -10.37 13.88 -6.27
CA LYS A 8 -9.01 13.37 -6.32
C LYS A 8 -8.15 14.03 -5.24
N PHE A 9 -7.35 13.21 -4.55
CA PHE A 9 -6.48 13.71 -3.50
C PHE A 9 -5.09 14.03 -4.04
N ASP A 10 -4.71 15.30 -3.96
CA ASP A 10 -3.40 15.74 -4.46
C ASP A 10 -2.38 15.76 -3.32
N GLU A 11 -1.10 15.65 -3.67
CA GLU A 11 -0.04 15.66 -2.68
C GLU A 11 -0.34 16.66 -1.57
N SER A 12 -0.84 17.83 -1.94
CA SER A 12 -1.18 18.86 -0.97
C SER A 12 -2.58 18.65 -0.40
N ALA A 13 -3.51 18.31 -1.28
CA ALA A 13 -4.90 18.08 -0.86
C ALA A 13 -5.12 16.60 -0.56
N LEU A 14 -4.58 16.13 0.56
CA LEU A 14 -4.73 14.74 0.97
C LEU A 14 -5.86 14.60 1.99
N VAL A 15 -6.51 13.43 1.96
CA VAL A 15 -7.60 13.16 2.89
C VAL A 15 -7.09 12.64 4.23
N PRO A 16 -7.66 13.15 5.32
CA PRO A 16 -7.26 12.75 6.68
C PRO A 16 -7.68 11.31 7.00
N GLU A 17 -7.01 10.72 7.98
CA GLU A 17 -7.31 9.35 8.38
C GLU A 17 -8.68 9.27 9.06
N ASP A 18 -9.18 10.41 9.50
CA ASP A 18 -10.48 10.47 10.17
C ASP A 18 -11.61 10.32 9.16
N GLN A 19 -11.44 10.93 7.98
CA GLN A 19 -12.45 10.86 6.94
C GLN A 19 -12.17 9.70 5.99
N PHE A 20 -10.95 9.61 5.50
CA PHE A 20 -10.57 8.55 4.58
C PHE A 20 -11.03 7.19 5.10
N LEU A 21 -10.88 6.98 6.41
CA LEU A 21 -11.28 5.73 7.03
C LEU A 21 -12.74 5.41 6.72
N ALA A 22 -13.64 6.25 7.21
CA ALA A 22 -15.06 6.06 6.99
C ALA A 22 -15.38 6.00 5.49
N GLN A 23 -14.82 6.94 4.75
CA GLN A 23 -15.04 7.01 3.30
C GLN A 23 -15.14 5.61 2.71
N HIS A 24 -14.42 4.66 3.29
CA HIS A 24 -14.42 3.28 2.82
C HIS A 24 -14.65 2.32 3.98
N PRO A 25 -15.93 1.98 4.22
CA PRO A 25 -16.32 1.06 5.29
C PRO A 25 -15.89 -0.37 5.01
N GLY A 26 -16.21 -1.27 5.94
CA GLY A 26 -15.86 -2.67 5.77
C GLY A 26 -14.44 -2.85 5.27
N PRO A 27 -14.09 -4.07 4.86
CA PRO A 27 -12.76 -4.40 4.35
C PRO A 27 -12.48 -3.76 2.99
N ALA A 28 -11.27 -3.25 2.82
CA ALA A 28 -10.89 -2.61 1.57
C ALA A 28 -9.80 -3.41 0.86
N THR A 29 -10.03 -3.73 -0.40
CA THR A 29 -9.07 -4.49 -1.20
C THR A 29 -7.92 -3.62 -1.65
N ILE A 30 -6.71 -3.97 -1.20
CA ILE A 30 -5.52 -3.21 -1.57
C ILE A 30 -4.68 -3.97 -2.59
N ARG A 31 -4.35 -3.32 -3.69
CA ARG A 31 -3.54 -3.93 -4.74
C ARG A 31 -2.06 -3.75 -4.46
N VAL A 32 -1.28 -4.81 -4.69
CA VAL A 32 0.16 -4.77 -4.46
C VAL A 32 0.92 -5.31 -5.66
N SER A 33 1.92 -4.56 -6.10
CA SER A 33 2.73 -4.97 -7.26
C SER A 33 3.78 -5.99 -6.84
N LYS A 34 4.18 -6.83 -7.80
CA LYS A 34 5.17 -7.87 -7.54
C LYS A 34 6.58 -7.27 -7.49
N PRO A 35 7.49 -7.97 -6.82
CA PRO A 35 8.89 -7.53 -6.69
C PRO A 35 9.65 -7.61 -8.00
N ASN A 36 10.70 -6.82 -8.13
CA ASN A 36 11.52 -6.80 -9.34
C ASN A 36 10.65 -6.51 -10.57
N GLU A 37 11.31 -6.39 -11.72
CA GLU A 37 10.61 -6.11 -12.97
C GLU A 37 9.26 -6.84 -13.00
N ASN A 38 9.31 -8.16 -13.01
CA ASN A 38 8.10 -8.97 -13.05
C ASN A 38 7.54 -9.06 -14.47
N ASP A 39 6.46 -9.80 -14.63
CA ASP A 39 5.83 -9.96 -15.93
C ASP A 39 4.81 -8.86 -16.18
N GLY A 40 4.13 -8.44 -15.11
CA GLY A 40 3.13 -7.39 -15.24
C GLY A 40 1.80 -7.79 -14.61
N GLN A 41 1.86 -8.46 -13.47
CA GLN A 41 0.65 -8.90 -12.77
C GLN A 41 0.71 -8.53 -11.29
N PHE A 42 -0.39 -8.02 -10.78
CA PHE A 42 -0.47 -7.62 -9.37
C PHE A 42 -1.27 -8.65 -8.56
N MET A 43 -1.16 -8.55 -7.24
CA MET A 43 -1.86 -9.47 -6.35
C MET A 43 -3.06 -8.78 -5.71
N GLU A 44 -3.86 -9.56 -4.98
CA GLU A 44 -5.04 -9.02 -4.32
C GLU A 44 -4.96 -9.22 -2.81
N ILE A 45 -4.64 -8.15 -2.09
CA ILE A 45 -4.52 -8.21 -0.64
C ILE A 45 -5.56 -7.32 0.03
N THR A 46 -6.61 -7.94 0.55
CA THR A 46 -7.68 -7.21 1.22
C THR A 46 -7.52 -7.27 2.73
N VAL A 47 -7.68 -6.12 3.39
CA VAL A 47 -7.56 -6.05 4.85
C VAL A 47 -8.91 -5.83 5.50
N GLN A 48 -9.14 -6.49 6.63
CA GLN A 48 -10.39 -6.37 7.36
C GLN A 48 -10.72 -4.91 7.63
N SER A 49 -9.69 -4.11 7.90
CA SER A 49 -9.88 -2.69 8.18
C SER A 49 -8.65 -1.89 7.77
N LEU A 50 -8.88 -0.79 7.07
CA LEU A 50 -7.78 0.07 6.62
C LEU A 50 -6.96 0.57 7.80
N SER A 51 -7.64 0.88 8.90
CA SER A 51 -6.98 1.37 10.10
C SER A 51 -5.68 0.59 10.35
N GLU A 52 -5.68 -0.68 9.99
CA GLU A 52 -4.49 -1.52 10.18
C GLU A 52 -3.23 -0.76 9.84
N ASN A 53 -2.11 -1.22 10.39
CA ASN A 53 -0.81 -0.58 10.15
C ASN A 53 -0.15 -1.16 8.89
N VAL A 54 0.45 -0.27 8.10
CA VAL A 54 1.12 -0.69 6.87
C VAL A 54 1.92 -1.97 7.09
N GLY A 55 2.57 -2.06 8.24
CA GLY A 55 3.37 -3.23 8.56
C GLY A 55 2.61 -4.53 8.34
N SER A 56 1.41 -4.61 8.93
CA SER A 56 0.58 -5.81 8.81
C SER A 56 0.49 -6.25 7.35
N LEU A 57 0.43 -5.29 6.44
CA LEU A 57 0.34 -5.57 5.02
C LEU A 57 1.57 -6.34 4.53
N LYS A 58 2.74 -5.84 4.92
CA LYS A 58 4.00 -6.47 4.53
C LYS A 58 3.96 -7.97 4.80
N GLU A 59 3.38 -8.35 5.93
CA GLU A 59 3.26 -9.76 6.30
C GLU A 59 2.48 -10.54 5.24
N LYS A 60 1.34 -9.99 4.84
CA LYS A 60 0.49 -10.63 3.84
C LYS A 60 1.32 -11.06 2.63
N ILE A 61 1.92 -10.09 1.95
CA ILE A 61 2.74 -10.37 0.78
C ILE A 61 3.96 -11.20 1.14
N ALA A 62 4.58 -10.87 2.26
CA ALA A 62 5.75 -11.59 2.73
C ALA A 62 5.61 -13.09 2.50
N GLY A 63 4.38 -13.58 2.63
CA GLY A 63 4.12 -15.00 2.44
C GLY A 63 4.29 -15.43 0.99
N GLU A 64 3.77 -14.62 0.07
CA GLU A 64 3.87 -14.93 -1.35
C GLU A 64 5.30 -14.79 -1.84
N ILE A 65 5.93 -13.66 -1.51
CA ILE A 65 7.30 -13.40 -1.93
C ILE A 65 8.28 -14.17 -1.05
N GLN A 66 7.80 -14.68 0.07
CA GLN A 66 8.64 -15.44 1.00
C GLN A 66 9.76 -14.57 1.55
N ILE A 67 9.42 -13.35 1.94
CA ILE A 67 10.40 -12.43 2.49
C ILE A 67 9.85 -11.71 3.73
N PRO A 68 10.70 -11.56 4.75
CA PRO A 68 10.32 -10.89 6.00
C PRO A 68 10.13 -9.39 5.81
N ALA A 69 9.04 -8.87 6.37
CA ALA A 69 8.73 -7.44 6.27
C ALA A 69 10.00 -6.60 6.36
N ASN A 70 10.96 -7.06 7.18
CA ASN A 70 12.21 -6.35 7.35
C ASN A 70 12.94 -6.20 6.03
N LYS A 71 13.09 -7.31 5.32
CA LYS A 71 13.78 -7.31 4.03
C LYS A 71 12.98 -6.52 2.99
N GLN A 72 11.78 -7.02 2.68
CA GLN A 72 10.91 -6.36 1.71
C GLN A 72 10.46 -4.99 2.21
N LYS A 73 10.49 -4.00 1.32
CA LYS A 73 10.08 -2.65 1.67
C LYS A 73 8.88 -2.20 0.84
N LEU A 74 8.01 -1.41 1.44
CA LEU A 74 6.82 -0.92 0.76
C LEU A 74 6.93 0.58 0.48
N SER A 75 6.68 0.97 -0.76
CA SER A 75 6.75 2.37 -1.16
C SER A 75 5.41 2.85 -1.71
N GLY A 76 4.96 4.01 -1.22
CA GLY A 76 3.69 4.56 -1.67
C GLY A 76 3.86 5.90 -2.36
N LYS A 77 2.76 6.42 -2.91
CA LYS A 77 2.79 7.70 -3.60
C LYS A 77 3.60 8.73 -2.81
N ALA A 78 3.34 8.79 -1.50
CA ALA A 78 4.05 9.74 -0.64
C ALA A 78 5.51 9.35 -0.49
N GLY A 79 5.77 8.06 -0.29
CA GLY A 79 7.13 7.59 -0.14
C GLY A 79 7.22 6.32 0.69
N PHE A 80 8.42 6.02 1.16
CA PHE A 80 8.64 4.81 1.97
C PHE A 80 7.60 4.71 3.08
N LEU A 81 6.72 3.72 2.98
CA LEU A 81 5.68 3.51 3.98
C LEU A 81 6.26 2.89 5.25
N LYS A 82 5.83 3.39 6.40
CA LYS A 82 6.30 2.87 7.68
C LYS A 82 5.14 2.30 8.49
N ASP A 83 5.38 1.18 9.16
CA ASP A 83 4.37 0.54 9.98
C ASP A 83 3.79 1.52 10.99
N ASN A 84 4.61 2.46 11.45
CA ASN A 84 4.18 3.45 12.42
C ASN A 84 2.90 4.15 11.97
N MET A 85 2.71 4.21 10.64
CA MET A 85 1.53 4.85 10.08
C MET A 85 0.54 3.80 9.58
N SER A 86 -0.73 4.19 9.47
CA SER A 86 -1.78 3.28 9.02
C SER A 86 -1.97 3.41 7.52
N LEU A 87 -2.98 2.71 7.00
CA LEU A 87 -3.28 2.74 5.56
C LEU A 87 -4.23 3.87 5.23
N ALA A 88 -5.27 4.03 6.05
CA ALA A 88 -6.26 5.08 5.85
C ALA A 88 -5.59 6.46 5.81
N HIS A 89 -4.58 6.64 6.66
CA HIS A 89 -3.86 7.90 6.72
C HIS A 89 -3.03 8.12 5.46
N TYR A 90 -2.48 7.05 4.92
CA TYR A 90 -1.68 7.13 3.71
C TYR A 90 -2.55 7.22 2.47
N ASN A 91 -3.86 7.33 2.67
CA ASN A 91 -4.81 7.42 1.58
C ASN A 91 -4.74 6.18 0.70
N VAL A 92 -4.64 5.02 1.33
CA VAL A 92 -4.57 3.75 0.62
C VAL A 92 -5.86 2.96 0.78
N GLY A 93 -6.58 2.77 -0.33
CA GLY A 93 -7.83 2.03 -0.29
C GLY A 93 -8.05 1.21 -1.54
N ALA A 94 -9.30 1.20 -2.02
CA ALA A 94 -9.63 0.45 -3.23
C ALA A 94 -9.33 1.26 -4.48
N GLY A 95 -8.14 1.86 -4.52
CA GLY A 95 -7.75 2.65 -5.67
C GLY A 95 -6.26 2.89 -5.73
N GLU A 96 -5.66 3.18 -4.58
CA GLU A 96 -4.22 3.43 -4.51
C GLU A 96 -3.44 2.13 -4.67
N ILE A 97 -2.31 2.21 -5.37
CA ILE A 97 -1.46 1.04 -5.59
C ILE A 97 -0.08 1.24 -5.00
N LEU A 98 0.36 0.29 -4.19
CA LEU A 98 1.68 0.36 -3.56
C LEU A 98 2.68 -0.51 -4.32
N THR A 99 3.96 -0.14 -4.21
CA THR A 99 5.02 -0.88 -4.88
C THR A 99 5.87 -1.66 -3.86
N LEU A 100 6.30 -2.85 -4.27
CA LEU A 100 7.12 -3.70 -3.40
C LEU A 100 8.55 -3.81 -3.93
N SER A 101 9.51 -3.44 -3.09
CA SER A 101 10.92 -3.51 -3.48
C SER A 101 11.67 -4.53 -2.64
N LEU A 102 12.62 -5.22 -3.26
CA LEU A 102 13.41 -6.23 -2.57
C LEU A 102 14.81 -5.71 -2.27
N ARG A 103 15.30 -5.98 -1.07
CA ARG A 103 16.63 -5.54 -0.66
C ARG A 103 17.71 -6.41 -1.29
N GLU A 104 18.86 -5.81 -1.58
CA GLU A 104 19.97 -6.54 -2.20
C GLU A 104 21.08 -6.78 -1.17
N ARG A 105 22.13 -7.46 -1.61
CA ARG A 105 23.26 -7.76 -0.75
C ARG A 105 24.56 -7.83 -1.54
N SER A 106 25.68 -7.58 -0.87
CA SER A 106 26.98 -7.60 -1.51
C SER A 106 27.68 -8.93 -1.26
N GLY A 107 27.52 -9.87 -2.19
CA GLY A 107 28.15 -11.17 -2.05
C GLY A 107 27.53 -11.99 -0.94
N PRO A 108 27.47 -13.32 -1.15
CA PRO A 108 26.89 -14.25 -0.17
C PRO A 108 27.76 -14.39 1.08
N SER A 109 28.90 -13.71 1.07
CA SER A 109 29.83 -13.77 2.19
C SER A 109 29.08 -13.74 3.52
N SER A 110 29.43 -14.65 4.42
CA SER A 110 28.78 -14.74 5.72
C SER A 110 29.28 -13.63 6.64
N GLY A 111 28.83 -13.67 7.90
CA GLY A 111 29.23 -12.66 8.86
C GLY A 111 28.05 -11.99 9.52
N GLY A 1 -23.51 29.13 -3.06
CA GLY A 1 -23.38 28.01 -3.96
C GLY A 1 -22.09 27.25 -3.77
N SER A 2 -21.76 26.39 -4.73
CA SER A 2 -20.54 25.59 -4.66
C SER A 2 -20.40 24.69 -5.89
N SER A 3 -19.16 24.42 -6.28
CA SER A 3 -18.88 23.58 -7.44
C SER A 3 -17.46 23.03 -7.40
N GLY A 4 -17.24 21.91 -8.08
CA GLY A 4 -15.93 21.30 -8.10
C GLY A 4 -15.72 20.44 -9.34
N SER A 5 -16.18 19.21 -9.29
CA SER A 5 -16.02 18.28 -10.41
C SER A 5 -14.55 18.05 -10.72
N SER A 6 -14.11 16.80 -10.60
CA SER A 6 -12.74 16.44 -10.86
C SER A 6 -11.79 17.18 -9.92
N GLY A 7 -10.67 16.55 -9.58
CA GLY A 7 -9.71 17.18 -8.70
C GLY A 7 -8.70 16.18 -8.15
N LYS A 8 -7.44 16.58 -8.11
CA LYS A 8 -6.37 15.73 -7.60
C LYS A 8 -6.00 16.10 -6.17
N PHE A 9 -5.75 15.11 -5.33
CA PHE A 9 -5.38 15.33 -3.95
C PHE A 9 -3.96 15.87 -3.85
N ASP A 10 -3.83 17.19 -3.70
CA ASP A 10 -2.52 17.83 -3.60
C ASP A 10 -1.84 17.44 -2.30
N GLU A 11 -0.52 17.54 -2.28
CA GLU A 11 0.27 17.20 -1.10
C GLU A 11 -0.31 17.87 0.15
N SER A 12 -0.59 19.16 0.04
CA SER A 12 -1.15 19.92 1.15
C SER A 12 -2.67 19.94 1.09
N ALA A 13 -3.26 18.80 0.76
CA ALA A 13 -4.71 18.68 0.68
C ALA A 13 -5.15 17.22 0.65
N LEU A 14 -4.57 16.41 1.53
CA LEU A 14 -4.90 15.00 1.61
C LEU A 14 -6.01 14.75 2.62
N VAL A 15 -6.73 13.64 2.45
CA VAL A 15 -7.81 13.29 3.35
C VAL A 15 -7.28 12.70 4.65
N PRO A 16 -7.87 13.14 5.78
CA PRO A 16 -7.46 12.69 7.11
C PRO A 16 -7.85 11.24 7.36
N GLU A 17 -6.97 10.51 8.07
CA GLU A 17 -7.22 9.11 8.38
C GLU A 17 -8.63 8.92 8.92
N ASP A 18 -9.21 9.99 9.46
CA ASP A 18 -10.56 9.93 10.01
C ASP A 18 -11.60 9.81 8.89
N GLN A 19 -11.49 10.66 7.89
CA GLN A 19 -12.41 10.65 6.76
C GLN A 19 -12.17 9.41 5.87
N PHE A 20 -10.93 9.24 5.44
CA PHE A 20 -10.58 8.11 4.60
C PHE A 20 -11.16 6.81 5.15
N LEU A 21 -11.15 6.69 6.46
CA LEU A 21 -11.66 5.49 7.12
C LEU A 21 -13.11 5.21 6.70
N ALA A 22 -14.00 6.15 7.00
CA ALA A 22 -15.40 6.02 6.64
C ALA A 22 -15.59 5.97 5.13
N GLN A 23 -14.97 6.93 4.44
CA GLN A 23 -15.08 7.01 2.99
C GLN A 23 -15.12 5.61 2.38
N HIS A 24 -14.40 4.67 3.00
CA HIS A 24 -14.36 3.29 2.52
C HIS A 24 -14.68 2.31 3.64
N PRO A 25 -15.96 1.96 3.77
CA PRO A 25 -16.43 1.03 4.81
C PRO A 25 -15.97 -0.40 4.55
N GLY A 26 -16.20 -1.28 5.52
CA GLY A 26 -15.81 -2.67 5.37
C GLY A 26 -14.38 -2.81 4.89
N PRO A 27 -13.98 -4.05 4.56
CA PRO A 27 -12.63 -4.35 4.07
C PRO A 27 -12.37 -3.78 2.68
N ALA A 28 -11.13 -3.38 2.42
CA ALA A 28 -10.76 -2.83 1.14
C ALA A 28 -9.67 -3.67 0.47
N THR A 29 -9.84 -3.93 -0.82
CA THR A 29 -8.87 -4.73 -1.57
C THR A 29 -7.72 -3.86 -2.08
N ILE A 30 -6.53 -4.09 -1.54
CA ILE A 30 -5.36 -3.32 -1.94
C ILE A 30 -4.59 -4.04 -3.05
N ARG A 31 -4.19 -3.29 -4.07
CA ARG A 31 -3.45 -3.86 -5.19
C ARG A 31 -1.95 -3.58 -5.04
N VAL A 32 -1.17 -4.64 -4.93
CA VAL A 32 0.28 -4.51 -4.79
C VAL A 32 1.00 -5.15 -5.97
N SER A 33 1.99 -4.43 -6.50
CA SER A 33 2.76 -4.92 -7.64
C SER A 33 3.72 -6.02 -7.21
N LYS A 34 3.97 -6.96 -8.12
CA LYS A 34 4.87 -8.07 -7.83
C LYS A 34 6.32 -7.62 -7.91
N PRO A 35 7.16 -8.17 -7.01
CA PRO A 35 8.59 -7.84 -6.96
C PRO A 35 9.35 -8.40 -8.15
N ASN A 36 10.62 -8.01 -8.27
CA ASN A 36 11.46 -8.46 -9.36
C ASN A 36 10.98 -7.88 -10.70
N GLU A 37 9.85 -8.40 -11.19
CA GLU A 37 9.28 -7.93 -12.45
C GLU A 37 7.84 -8.41 -12.61
N ASN A 38 7.68 -9.72 -12.76
CA ASN A 38 6.37 -10.32 -12.92
C ASN A 38 5.90 -10.21 -14.38
N ASP A 39 4.91 -11.04 -14.73
CA ASP A 39 4.38 -11.03 -16.09
C ASP A 39 3.65 -9.72 -16.40
N GLY A 40 2.98 -9.18 -15.38
CA GLY A 40 2.25 -7.93 -15.57
C GLY A 40 0.94 -7.93 -14.83
N GLN A 41 0.88 -8.61 -13.68
CA GLN A 41 -0.33 -8.67 -12.89
C GLN A 41 -0.05 -8.32 -11.43
N PHE A 42 -1.05 -7.78 -10.74
CA PHE A 42 -0.91 -7.41 -9.34
C PHE A 42 -1.63 -8.39 -8.43
N MET A 43 -1.33 -8.33 -7.14
CA MET A 43 -1.95 -9.22 -6.17
C MET A 43 -3.09 -8.50 -5.44
N GLU A 44 -4.16 -9.24 -5.14
CA GLU A 44 -5.30 -8.68 -4.44
C GLU A 44 -5.22 -8.96 -2.95
N ILE A 45 -4.74 -7.98 -2.19
CA ILE A 45 -4.60 -8.12 -0.75
C ILE A 45 -5.65 -7.29 -0.02
N THR A 46 -6.69 -7.95 0.46
CA THR A 46 -7.76 -7.27 1.18
C THR A 46 -7.50 -7.25 2.68
N VAL A 47 -7.81 -6.12 3.32
CA VAL A 47 -7.61 -5.99 4.76
C VAL A 47 -8.92 -5.72 5.48
N GLN A 48 -9.16 -6.46 6.56
CA GLN A 48 -10.38 -6.30 7.33
C GLN A 48 -10.70 -4.83 7.56
N SER A 49 -9.66 -4.03 7.80
CA SER A 49 -9.82 -2.60 8.02
C SER A 49 -8.57 -1.84 7.61
N LEU A 50 -8.78 -0.70 6.95
CA LEU A 50 -7.67 0.13 6.50
C LEU A 50 -6.83 0.62 7.67
N SER A 51 -7.50 0.97 8.77
CA SER A 51 -6.81 1.45 9.95
C SER A 51 -5.57 0.61 10.24
N GLU A 52 -5.58 -0.63 9.76
CA GLU A 52 -4.45 -1.54 9.96
C GLU A 52 -3.12 -0.82 9.73
N ASN A 53 -2.06 -1.33 10.35
CA ASN A 53 -0.74 -0.74 10.21
C ASN A 53 -0.02 -1.28 8.98
N VAL A 54 0.79 -0.44 8.34
CA VAL A 54 1.52 -0.84 7.15
C VAL A 54 2.38 -2.07 7.43
N GLY A 55 2.84 -2.20 8.67
CA GLY A 55 3.67 -3.33 9.05
C GLY A 55 2.95 -4.65 8.89
N SER A 56 1.71 -4.72 9.40
CA SER A 56 0.91 -5.93 9.32
C SER A 56 0.78 -6.40 7.88
N LEU A 57 0.49 -5.46 6.98
CA LEU A 57 0.34 -5.78 5.56
C LEU A 57 1.56 -6.52 5.04
N LYS A 58 2.73 -5.90 5.15
CA LYS A 58 3.96 -6.51 4.69
C LYS A 58 3.96 -8.01 4.94
N GLU A 59 3.45 -8.41 6.10
CA GLU A 59 3.39 -9.82 6.46
C GLU A 59 2.51 -10.59 5.47
N LYS A 60 1.35 -10.03 5.17
CA LYS A 60 0.41 -10.66 4.24
C LYS A 60 1.13 -11.11 2.97
N ILE A 61 1.73 -10.17 2.27
CA ILE A 61 2.45 -10.47 1.03
C ILE A 61 3.74 -11.23 1.32
N ALA A 62 4.40 -10.88 2.42
CA ALA A 62 5.63 -11.54 2.81
C ALA A 62 5.54 -13.05 2.64
N GLY A 63 4.32 -13.56 2.68
CA GLY A 63 4.10 -14.99 2.52
C GLY A 63 4.23 -15.44 1.07
N GLU A 64 3.75 -14.61 0.15
CA GLU A 64 3.81 -14.94 -1.27
C GLU A 64 5.24 -14.82 -1.79
N ILE A 65 5.85 -13.66 -1.61
CA ILE A 65 7.21 -13.43 -2.05
C ILE A 65 8.21 -14.18 -1.19
N GLN A 66 7.75 -14.66 -0.04
CA GLN A 66 8.60 -15.40 0.88
C GLN A 66 9.74 -14.52 1.40
N ILE A 67 9.42 -13.29 1.75
CA ILE A 67 10.41 -12.35 2.26
C ILE A 67 9.90 -11.64 3.52
N PRO A 68 10.79 -11.49 4.50
CA PRO A 68 10.46 -10.83 5.78
C PRO A 68 10.25 -9.33 5.61
N ALA A 69 9.15 -8.83 6.18
CA ALA A 69 8.83 -7.41 6.10
C ALA A 69 10.11 -6.56 6.14
N ASN A 70 11.11 -7.04 6.87
CA ASN A 70 12.37 -6.32 7.00
C ASN A 70 13.04 -6.17 5.64
N LYS A 71 13.16 -7.27 4.91
CA LYS A 71 13.78 -7.26 3.59
C LYS A 71 12.94 -6.45 2.60
N GLN A 72 11.78 -6.98 2.25
CA GLN A 72 10.89 -6.31 1.31
C GLN A 72 10.47 -4.94 1.84
N LYS A 73 10.53 -3.94 0.98
CA LYS A 73 10.15 -2.58 1.36
C LYS A 73 8.93 -2.11 0.59
N LEU A 74 7.98 -1.51 1.29
CA LEU A 74 6.75 -1.02 0.67
C LEU A 74 6.80 0.50 0.49
N SER A 75 6.53 0.96 -0.73
CA SER A 75 6.55 2.39 -1.02
C SER A 75 5.20 2.85 -1.57
N GLY A 76 4.72 3.98 -1.08
CA GLY A 76 3.45 4.51 -1.54
C GLY A 76 3.59 5.86 -2.23
N LYS A 77 2.54 6.27 -2.92
CA LYS A 77 2.54 7.54 -3.63
C LYS A 77 3.27 8.61 -2.83
N ALA A 78 2.97 8.68 -1.53
CA ALA A 78 3.60 9.65 -0.65
C ALA A 78 5.09 9.36 -0.49
N GLY A 79 5.42 8.09 -0.28
CA GLY A 79 6.81 7.70 -0.11
C GLY A 79 6.96 6.46 0.74
N PHE A 80 8.20 6.07 1.00
CA PHE A 80 8.49 4.89 1.81
C PHE A 80 7.50 4.78 2.97
N LEU A 81 6.59 3.81 2.87
CA LEU A 81 5.59 3.61 3.91
C LEU A 81 6.25 3.15 5.22
N LYS A 82 5.71 3.62 6.33
CA LYS A 82 6.24 3.27 7.65
C LYS A 82 5.24 2.44 8.43
N ASP A 83 5.73 1.39 9.10
CA ASP A 83 4.88 0.51 9.88
C ASP A 83 4.13 1.30 10.94
N ASN A 84 4.77 2.32 11.49
CA ASN A 84 4.16 3.16 12.51
C ASN A 84 3.00 3.96 11.94
N MET A 85 2.87 3.96 10.62
CA MET A 85 1.80 4.68 9.95
C MET A 85 0.73 3.72 9.43
N SER A 86 -0.49 4.22 9.27
CA SER A 86 -1.60 3.41 8.79
C SER A 86 -1.79 3.59 7.29
N LEU A 87 -2.74 2.86 6.73
CA LEU A 87 -3.02 2.93 5.30
C LEU A 87 -3.97 4.09 4.99
N ALA A 88 -5.05 4.18 5.76
CA ALA A 88 -6.03 5.24 5.57
C ALA A 88 -5.37 6.61 5.55
N HIS A 89 -4.50 6.85 6.52
CA HIS A 89 -3.78 8.12 6.62
C HIS A 89 -3.13 8.47 5.29
N TYR A 90 -2.37 7.53 4.74
CA TYR A 90 -1.69 7.74 3.47
C TYR A 90 -2.68 7.86 2.33
N ASN A 91 -3.96 7.65 2.63
CA ASN A 91 -5.01 7.73 1.63
C ASN A 91 -4.95 6.54 0.68
N VAL A 92 -4.80 5.35 1.23
CA VAL A 92 -4.73 4.13 0.44
C VAL A 92 -5.89 3.20 0.73
N GLY A 93 -6.67 2.87 -0.30
CA GLY A 93 -7.81 1.99 -0.14
C GLY A 93 -8.64 1.89 -1.39
N ALA A 94 -8.85 0.66 -1.85
CA ALA A 94 -9.64 0.42 -3.05
C ALA A 94 -9.42 1.52 -4.08
N GLY A 95 -8.21 1.59 -4.61
CA GLY A 95 -7.89 2.60 -5.60
C GLY A 95 -6.40 2.87 -5.71
N GLU A 96 -5.78 3.20 -4.58
CA GLU A 96 -4.34 3.48 -4.55
C GLU A 96 -3.54 2.19 -4.65
N ILE A 97 -2.47 2.23 -5.44
CA ILE A 97 -1.61 1.07 -5.62
C ILE A 97 -0.26 1.26 -4.95
N LEU A 98 0.25 0.21 -4.33
CA LEU A 98 1.54 0.27 -3.65
C LEU A 98 2.61 -0.47 -4.44
N THR A 99 3.86 -0.06 -4.25
CA THR A 99 4.98 -0.68 -4.95
C THR A 99 5.84 -1.50 -4.00
N LEU A 100 6.20 -2.71 -4.42
CA LEU A 100 7.02 -3.60 -3.60
C LEU A 100 8.43 -3.71 -4.17
N SER A 101 9.42 -3.35 -3.36
CA SER A 101 10.81 -3.42 -3.79
C SER A 101 11.58 -4.49 -3.01
N LEU A 102 12.31 -5.33 -3.72
CA LEU A 102 13.08 -6.40 -3.10
C LEU A 102 14.51 -5.94 -2.82
N ARG A 103 15.16 -6.59 -1.87
CA ARG A 103 16.53 -6.26 -1.51
C ARG A 103 17.51 -7.30 -2.05
N GLU A 104 17.23 -7.79 -3.25
CA GLU A 104 18.08 -8.80 -3.88
C GLU A 104 19.13 -8.15 -4.76
N ARG A 105 20.40 -8.51 -4.54
CA ARG A 105 21.50 -7.95 -5.32
C ARG A 105 22.73 -8.86 -5.22
N SER A 106 23.24 -9.02 -4.01
CA SER A 106 24.43 -9.85 -3.79
C SER A 106 25.44 -9.65 -4.90
N GLY A 107 26.35 -8.71 -4.69
CA GLY A 107 27.38 -8.43 -5.68
C GLY A 107 28.21 -7.20 -5.34
N PRO A 108 27.78 -6.04 -5.84
CA PRO A 108 28.48 -4.77 -5.60
C PRO A 108 28.35 -4.32 -4.14
N SER A 109 27.52 -5.02 -3.38
CA SER A 109 27.31 -4.67 -1.98
C SER A 109 28.59 -4.84 -1.17
N SER A 110 29.11 -6.07 -1.14
CA SER A 110 30.33 -6.37 -0.41
C SER A 110 31.52 -5.63 -1.01
N GLY A 111 32.52 -5.36 -0.18
CA GLY A 111 33.70 -4.66 -0.64
C GLY A 111 34.74 -4.47 0.45
N GLY A 1 -18.06 22.70 -3.54
CA GLY A 1 -18.97 22.35 -4.61
C GLY A 1 -18.73 23.17 -5.86
N SER A 2 -18.78 22.51 -7.01
CA SER A 2 -18.57 23.19 -8.29
C SER A 2 -19.36 22.50 -9.40
N SER A 3 -19.09 21.20 -9.60
CA SER A 3 -19.77 20.43 -10.63
C SER A 3 -19.14 20.69 -12.00
N GLY A 4 -19.06 21.96 -12.39
CA GLY A 4 -18.47 22.32 -13.66
C GLY A 4 -16.97 22.36 -13.62
N SER A 5 -16.40 23.51 -13.97
CA SER A 5 -14.95 23.67 -13.98
C SER A 5 -14.33 23.14 -12.69
N SER A 6 -13.32 22.29 -12.83
CA SER A 6 -12.65 21.71 -11.67
C SER A 6 -11.88 22.77 -10.89
N GLY A 7 -11.98 22.72 -9.57
CA GLY A 7 -11.30 23.68 -8.73
C GLY A 7 -10.80 23.08 -7.43
N LYS A 8 -9.85 22.16 -7.54
CA LYS A 8 -9.29 21.50 -6.37
C LYS A 8 -7.79 21.77 -6.25
N PHE A 9 -7.29 21.85 -5.02
CA PHE A 9 -5.88 22.11 -4.78
C PHE A 9 -5.15 20.82 -4.38
N ASP A 10 -4.35 20.31 -5.30
CA ASP A 10 -3.60 19.08 -5.06
C ASP A 10 -2.77 19.20 -3.78
N GLU A 11 -2.51 18.07 -3.14
CA GLU A 11 -1.73 18.04 -1.90
C GLU A 11 -2.58 18.49 -0.72
N SER A 12 -3.18 19.68 -0.85
CA SER A 12 -4.01 20.24 0.21
C SER A 12 -5.43 19.67 0.15
N ALA A 13 -5.73 18.97 -0.95
CA ALA A 13 -7.04 18.37 -1.14
C ALA A 13 -7.03 16.89 -0.77
N LEU A 14 -6.33 16.56 0.31
CA LEU A 14 -6.25 15.17 0.77
C LEU A 14 -7.31 14.88 1.82
N VAL A 15 -7.71 13.61 1.90
CA VAL A 15 -8.73 13.18 2.85
C VAL A 15 -8.10 12.76 4.17
N PRO A 16 -8.72 13.18 5.29
CA PRO A 16 -8.22 12.85 6.63
C PRO A 16 -8.42 11.38 6.97
N GLU A 17 -7.51 10.84 7.78
CA GLU A 17 -7.58 9.43 8.18
C GLU A 17 -8.90 9.14 8.90
N ASP A 18 -9.55 10.19 9.38
CA ASP A 18 -10.82 10.05 10.09
C ASP A 18 -11.95 9.77 9.11
N GLN A 19 -11.92 10.45 7.98
CA GLN A 19 -12.95 10.28 6.96
C GLN A 19 -12.63 9.10 6.05
N PHE A 20 -11.44 9.13 5.45
CA PHE A 20 -11.01 8.06 4.56
C PHE A 20 -11.40 6.70 5.11
N LEU A 21 -11.24 6.53 6.42
CA LEU A 21 -11.58 5.27 7.08
C LEU A 21 -13.02 4.88 6.80
N ALA A 22 -13.96 5.69 7.30
CA ALA A 22 -15.38 5.42 7.09
C ALA A 22 -15.72 5.35 5.61
N GLN A 23 -15.20 6.30 4.84
CA GLN A 23 -15.45 6.35 3.41
C GLN A 23 -15.49 4.95 2.82
N HIS A 24 -14.68 4.06 3.38
CA HIS A 24 -14.63 2.68 2.90
C HIS A 24 -14.86 1.70 4.05
N PRO A 25 -16.14 1.31 4.25
CA PRO A 25 -16.52 0.37 5.31
C PRO A 25 -16.04 -1.04 5.04
N GLY A 26 -16.23 -1.93 6.01
CA GLY A 26 -15.81 -3.30 5.85
C GLY A 26 -14.39 -3.42 5.34
N PRO A 27 -14.01 -4.63 4.89
CA PRO A 27 -12.67 -4.90 4.37
C PRO A 27 -12.43 -4.23 3.02
N ALA A 28 -11.24 -3.66 2.84
CA ALA A 28 -10.89 -2.99 1.60
C ALA A 28 -9.82 -3.76 0.83
N THR A 29 -9.98 -3.84 -0.48
CA THR A 29 -9.03 -4.57 -1.33
C THR A 29 -7.93 -3.63 -1.83
N ILE A 30 -6.69 -3.95 -1.48
CA ILE A 30 -5.55 -3.14 -1.90
C ILE A 30 -4.71 -3.88 -2.95
N ARG A 31 -4.38 -3.17 -4.02
CA ARG A 31 -3.58 -3.75 -5.10
C ARG A 31 -2.10 -3.57 -4.83
N VAL A 32 -1.32 -4.65 -5.03
CA VAL A 32 0.11 -4.61 -4.81
C VAL A 32 0.87 -5.09 -6.04
N SER A 33 1.78 -4.25 -6.53
CA SER A 33 2.57 -4.60 -7.71
C SER A 33 3.63 -5.65 -7.37
N LYS A 34 4.09 -6.36 -8.39
CA LYS A 34 5.10 -7.39 -8.19
C LYS A 34 6.46 -6.77 -7.89
N PRO A 35 7.32 -7.53 -7.18
CA PRO A 35 8.65 -7.07 -6.80
C PRO A 35 9.59 -6.99 -8.00
N ASN A 36 9.71 -5.78 -8.56
CA ASN A 36 10.58 -5.56 -9.71
C ASN A 36 10.13 -6.42 -10.89
N GLU A 37 10.53 -6.02 -12.10
CA GLU A 37 10.18 -6.75 -13.31
C GLU A 37 8.73 -7.24 -13.25
N ASN A 38 7.81 -6.44 -13.78
CA ASN A 38 6.40 -6.79 -13.79
C ASN A 38 6.18 -8.15 -14.45
N ASP A 39 6.12 -9.19 -13.64
CA ASP A 39 5.92 -10.54 -14.14
C ASP A 39 4.61 -10.63 -14.93
N GLY A 40 3.61 -9.86 -14.51
CA GLY A 40 2.32 -9.87 -15.18
C GLY A 40 1.32 -8.93 -14.53
N GLN A 41 0.39 -9.49 -13.79
CA GLN A 41 -0.64 -8.70 -13.12
C GLN A 41 -0.32 -8.55 -11.64
N PHE A 42 -0.98 -7.58 -10.99
CA PHE A 42 -0.76 -7.33 -9.57
C PHE A 42 -1.52 -8.36 -8.71
N MET A 43 -1.26 -8.33 -7.41
CA MET A 43 -1.92 -9.25 -6.49
C MET A 43 -3.07 -8.57 -5.77
N GLU A 44 -4.01 -9.36 -5.27
CA GLU A 44 -5.17 -8.84 -4.57
C GLU A 44 -5.02 -9.04 -3.05
N ILE A 45 -4.53 -8.01 -2.36
CA ILE A 45 -4.35 -8.07 -0.93
C ILE A 45 -5.38 -7.21 -0.20
N THR A 46 -6.39 -7.87 0.35
CA THR A 46 -7.45 -7.18 1.07
C THR A 46 -7.26 -7.32 2.59
N VAL A 47 -7.52 -6.24 3.32
CA VAL A 47 -7.38 -6.25 4.77
C VAL A 47 -8.73 -6.01 5.44
N GLN A 48 -8.97 -6.72 6.54
CA GLN A 48 -10.22 -6.58 7.28
C GLN A 48 -10.60 -5.11 7.45
N SER A 49 -9.60 -4.28 7.69
CA SER A 49 -9.82 -2.84 7.88
C SER A 49 -8.61 -2.05 7.41
N LEU A 50 -8.86 -0.79 7.04
CA LEU A 50 -7.79 0.10 6.57
C LEU A 50 -6.92 0.57 7.74
N SER A 51 -7.57 0.92 8.84
CA SER A 51 -6.86 1.39 10.03
C SER A 51 -5.58 0.61 10.24
N GLU A 52 -5.60 -0.67 9.86
CA GLU A 52 -4.43 -1.53 10.01
C GLU A 52 -3.15 -0.76 9.74
N ASN A 53 -2.05 -1.23 10.32
CA ASN A 53 -0.75 -0.59 10.14
C ASN A 53 0.00 -1.18 8.96
N VAL A 54 0.66 -0.33 8.18
CA VAL A 54 1.42 -0.78 7.02
C VAL A 54 2.28 -1.98 7.36
N GLY A 55 2.69 -2.08 8.63
CA GLY A 55 3.51 -3.20 9.05
C GLY A 55 2.83 -4.53 8.87
N SER A 56 1.52 -4.57 9.13
CA SER A 56 0.75 -5.80 8.99
C SER A 56 0.65 -6.22 7.53
N LEU A 57 0.67 -5.24 6.62
CA LEU A 57 0.59 -5.52 5.20
C LEU A 57 1.79 -6.34 4.73
N LYS A 58 2.99 -5.86 5.03
CA LYS A 58 4.21 -6.54 4.64
C LYS A 58 4.13 -8.03 4.96
N GLU A 59 3.46 -8.36 6.07
CA GLU A 59 3.31 -9.75 6.47
C GLU A 59 2.46 -10.52 5.47
N LYS A 60 1.39 -9.88 5.00
CA LYS A 60 0.49 -10.51 4.04
C LYS A 60 1.27 -11.02 2.83
N ILE A 61 1.87 -10.10 2.08
CA ILE A 61 2.65 -10.46 0.91
C ILE A 61 3.88 -11.29 1.29
N ALA A 62 4.52 -10.91 2.38
CA ALA A 62 5.71 -11.62 2.86
C ALA A 62 5.54 -13.12 2.70
N GLY A 63 4.30 -13.59 2.78
CA GLY A 63 4.03 -15.01 2.66
C GLY A 63 4.14 -15.49 1.22
N GLU A 64 3.57 -14.73 0.30
CA GLU A 64 3.61 -15.08 -1.12
C GLU A 64 5.03 -15.04 -1.65
N ILE A 65 5.72 -13.93 -1.40
CA ILE A 65 7.10 -13.76 -1.86
C ILE A 65 8.08 -14.48 -0.93
N GLN A 66 7.58 -14.90 0.23
CA GLN A 66 8.41 -15.60 1.21
C GLN A 66 9.55 -14.70 1.69
N ILE A 67 9.25 -13.42 1.90
CA ILE A 67 10.25 -12.47 2.36
C ILE A 67 9.78 -11.74 3.62
N PRO A 68 10.69 -11.61 4.60
CA PRO A 68 10.39 -10.93 5.87
C PRO A 68 10.20 -9.43 5.70
N ALA A 69 9.17 -8.89 6.35
CA ALA A 69 8.88 -7.47 6.27
C ALA A 69 10.17 -6.64 6.35
N ASN A 70 11.17 -7.19 7.03
CA ASN A 70 12.45 -6.51 7.19
C ASN A 70 13.15 -6.31 5.84
N LYS A 71 13.27 -7.40 5.09
CA LYS A 71 13.90 -7.36 3.78
C LYS A 71 13.04 -6.60 2.78
N GLN A 72 11.82 -7.09 2.56
CA GLN A 72 10.90 -6.45 1.63
C GLN A 72 10.47 -5.08 2.14
N LYS A 73 10.37 -4.11 1.24
CA LYS A 73 9.97 -2.76 1.60
C LYS A 73 8.78 -2.30 0.75
N LEU A 74 7.88 -1.54 1.37
CA LEU A 74 6.70 -1.03 0.67
C LEU A 74 6.76 0.49 0.52
N SER A 75 6.52 0.97 -0.70
CA SER A 75 6.55 2.39 -0.98
C SER A 75 5.22 2.86 -1.54
N GLY A 76 4.76 4.02 -1.08
CA GLY A 76 3.50 4.56 -1.55
C GLY A 76 3.67 5.90 -2.26
N LYS A 77 2.61 6.35 -2.91
CA LYS A 77 2.64 7.62 -3.63
C LYS A 77 3.46 8.65 -2.88
N ALA A 78 3.19 8.80 -1.59
CA ALA A 78 3.91 9.75 -0.75
C ALA A 78 5.38 9.35 -0.61
N GLY A 79 5.61 8.07 -0.36
CA GLY A 79 6.98 7.59 -0.20
C GLY A 79 7.04 6.31 0.61
N PHE A 80 8.24 5.96 1.05
CA PHE A 80 8.44 4.75 1.84
C PHE A 80 7.43 4.68 2.98
N LEU A 81 6.45 3.80 2.84
CA LEU A 81 5.41 3.63 3.85
C LEU A 81 6.03 3.24 5.19
N LYS A 82 5.52 3.85 6.26
CA LYS A 82 6.02 3.56 7.60
C LYS A 82 5.03 2.69 8.37
N ASP A 83 5.55 1.63 8.99
CA ASP A 83 4.72 0.72 9.77
C ASP A 83 3.93 1.46 10.84
N ASN A 84 4.56 2.47 11.43
CA ASN A 84 3.92 3.27 12.47
C ASN A 84 2.72 4.02 11.92
N MET A 85 2.68 4.17 10.61
CA MET A 85 1.58 4.87 9.94
C MET A 85 0.56 3.88 9.40
N SER A 86 -0.68 4.34 9.26
CA SER A 86 -1.76 3.49 8.76
C SER A 86 -1.95 3.71 7.26
N LEU A 87 -2.87 2.94 6.67
CA LEU A 87 -3.16 3.03 5.24
C LEU A 87 -4.07 4.22 4.95
N ALA A 88 -5.18 4.30 5.69
CA ALA A 88 -6.13 5.39 5.52
C ALA A 88 -5.43 6.74 5.45
N HIS A 89 -4.47 6.94 6.37
CA HIS A 89 -3.72 8.19 6.41
C HIS A 89 -3.03 8.46 5.08
N TYR A 90 -2.58 7.41 4.42
CA TYR A 90 -1.89 7.52 3.14
C TYR A 90 -2.89 7.54 1.99
N ASN A 91 -4.18 7.57 2.33
CA ASN A 91 -5.23 7.60 1.33
C ASN A 91 -5.23 6.31 0.50
N VAL A 92 -5.04 5.18 1.18
CA VAL A 92 -5.01 3.89 0.52
C VAL A 92 -6.25 3.07 0.83
N GLY A 93 -7.05 2.78 -0.19
CA GLY A 93 -8.27 2.00 0.01
C GLY A 93 -9.01 1.75 -1.29
N ALA A 94 -9.10 0.48 -1.67
CA ALA A 94 -9.79 0.10 -2.89
C ALA A 94 -9.58 1.14 -3.99
N GLY A 95 -8.36 1.17 -4.55
CA GLY A 95 -8.05 2.12 -5.59
C GLY A 95 -6.58 2.46 -5.65
N GLU A 96 -6.01 2.79 -4.48
CA GLU A 96 -4.60 3.15 -4.40
C GLU A 96 -3.72 1.92 -4.61
N ILE A 97 -2.60 2.12 -5.29
CA ILE A 97 -1.66 1.03 -5.55
C ILE A 97 -0.30 1.29 -4.91
N LEU A 98 0.28 0.25 -4.32
CA LEU A 98 1.57 0.37 -3.65
C LEU A 98 2.64 -0.43 -4.40
N THR A 99 3.90 -0.04 -4.23
CA THR A 99 5.00 -0.73 -4.88
C THR A 99 5.80 -1.57 -3.88
N LEU A 100 6.23 -2.74 -4.32
CA LEU A 100 7.00 -3.64 -3.47
C LEU A 100 8.41 -3.83 -4.02
N SER A 101 9.40 -3.52 -3.19
CA SER A 101 10.80 -3.65 -3.59
C SER A 101 11.52 -4.66 -2.70
N LEU A 102 12.58 -5.27 -3.24
CA LEU A 102 13.35 -6.25 -2.50
C LEU A 102 14.74 -5.71 -2.16
N ARG A 103 15.18 -5.96 -0.94
CA ARG A 103 16.49 -5.50 -0.48
C ARG A 103 17.60 -6.37 -1.06
N GLU A 104 18.84 -5.93 -0.86
CA GLU A 104 20.00 -6.68 -1.36
C GLU A 104 19.85 -6.98 -2.85
N ARG A 105 20.21 -6.01 -3.67
CA ARG A 105 20.13 -6.16 -5.12
C ARG A 105 21.21 -7.10 -5.64
N SER A 106 20.79 -8.16 -6.34
CA SER A 106 21.72 -9.14 -6.88
C SER A 106 21.72 -9.09 -8.41
N GLY A 107 22.85 -9.44 -9.00
CA GLY A 107 22.96 -9.45 -10.45
C GLY A 107 24.08 -8.55 -10.95
N PRO A 108 24.74 -8.96 -12.05
CA PRO A 108 25.83 -8.20 -12.64
C PRO A 108 25.36 -6.91 -13.29
N SER A 109 24.15 -6.93 -13.83
CA SER A 109 23.58 -5.76 -14.48
C SER A 109 23.74 -4.51 -13.62
N SER A 110 23.85 -3.35 -14.26
CA SER A 110 24.01 -2.10 -13.55
C SER A 110 23.62 -0.91 -14.44
N GLY A 111 22.55 -1.08 -15.20
CA GLY A 111 22.10 -0.02 -16.08
C GLY A 111 21.66 1.21 -15.33
N GLY A 1 -33.03 19.27 2.17
CA GLY A 1 -31.99 18.27 2.06
C GLY A 1 -31.25 18.34 0.74
N SER A 2 -29.97 17.97 0.75
CA SER A 2 -29.15 18.00 -0.46
C SER A 2 -27.75 17.46 -0.18
N SER A 3 -26.98 17.25 -1.24
CA SER A 3 -25.62 16.74 -1.11
C SER A 3 -24.97 16.58 -2.48
N GLY A 4 -23.70 16.20 -2.48
CA GLY A 4 -22.98 16.02 -3.74
C GLY A 4 -21.70 16.83 -3.78
N SER A 5 -20.61 16.18 -4.20
CA SER A 5 -19.31 16.85 -4.29
C SER A 5 -18.23 15.88 -4.76
N SER A 6 -17.07 16.42 -5.08
CA SER A 6 -15.95 15.60 -5.55
C SER A 6 -15.02 15.23 -4.39
N GLY A 7 -14.17 14.24 -4.61
CA GLY A 7 -13.24 13.81 -3.58
C GLY A 7 -11.90 13.38 -4.15
N LYS A 8 -11.13 14.35 -4.61
CA LYS A 8 -9.81 14.06 -5.18
C LYS A 8 -8.72 14.19 -4.13
N PHE A 9 -7.73 13.30 -4.19
CA PHE A 9 -6.63 13.31 -3.23
C PHE A 9 -5.79 14.58 -3.40
N ASP A 10 -6.00 15.54 -2.50
CA ASP A 10 -5.26 16.79 -2.54
C ASP A 10 -4.15 16.81 -1.50
N GLU A 11 -2.92 16.54 -1.93
CA GLU A 11 -1.78 16.52 -1.03
C GLU A 11 -1.91 17.60 0.04
N SER A 12 -2.33 18.79 -0.38
CA SER A 12 -2.50 19.91 0.55
C SER A 12 -3.44 19.54 1.69
N ALA A 13 -4.62 19.03 1.34
CA ALA A 13 -5.60 18.64 2.33
C ALA A 13 -5.93 17.15 2.22
N LEU A 14 -5.19 16.34 2.97
CA LEU A 14 -5.39 14.89 2.96
C LEU A 14 -6.53 14.50 3.89
N VAL A 15 -7.17 13.37 3.60
CA VAL A 15 -8.28 12.88 4.41
C VAL A 15 -7.77 12.25 5.70
N PRO A 16 -8.45 12.56 6.81
CA PRO A 16 -8.10 12.03 8.13
C PRO A 16 -8.38 10.54 8.26
N GLU A 17 -7.48 9.83 8.94
CA GLU A 17 -7.64 8.39 9.13
C GLU A 17 -9.01 8.06 9.71
N ASP A 18 -9.60 9.04 10.39
CA ASP A 18 -10.92 8.85 11.00
C ASP A 18 -12.01 8.75 9.93
N GLN A 19 -11.95 9.66 8.95
CA GLN A 19 -12.94 9.67 7.87
C GLN A 19 -12.59 8.64 6.82
N PHE A 20 -11.37 8.69 6.29
CA PHE A 20 -10.92 7.76 5.27
C PHE A 20 -11.36 6.34 5.60
N LEU A 21 -11.35 6.00 6.88
CA LEU A 21 -11.76 4.67 7.34
C LEU A 21 -13.20 4.38 6.94
N ALA A 22 -14.13 5.14 7.53
CA ALA A 22 -15.55 4.95 7.22
C ALA A 22 -15.81 5.04 5.72
N GLN A 23 -15.26 6.06 5.09
CA GLN A 23 -15.43 6.26 3.66
C GLN A 23 -15.51 4.92 2.93
N HIS A 24 -14.77 3.94 3.44
CA HIS A 24 -14.75 2.61 2.84
C HIS A 24 -15.02 1.54 3.89
N PRO A 25 -16.30 1.17 4.05
CA PRO A 25 -16.71 0.15 5.02
C PRO A 25 -16.27 -1.24 4.62
N GLY A 26 -16.54 -2.22 5.48
CA GLY A 26 -16.15 -3.60 5.20
C GLY A 26 -14.72 -3.71 4.73
N PRO A 27 -14.35 -4.91 4.24
CA PRO A 27 -12.99 -5.16 3.74
C PRO A 27 -12.70 -4.45 2.44
N ALA A 28 -11.58 -3.74 2.39
CA ALA A 28 -11.20 -3.00 1.19
C ALA A 28 -10.03 -3.69 0.48
N THR A 29 -10.21 -4.01 -0.78
CA THR A 29 -9.18 -4.66 -1.58
C THR A 29 -8.07 -3.68 -1.94
N ILE A 30 -6.83 -4.18 -1.91
CA ILE A 30 -5.68 -3.35 -2.24
C ILE A 30 -4.87 -3.96 -3.38
N ARG A 31 -4.26 -3.10 -4.20
CA ARG A 31 -3.46 -3.56 -5.33
C ARG A 31 -1.98 -3.26 -5.09
N VAL A 32 -1.14 -4.26 -5.30
CA VAL A 32 0.30 -4.11 -5.10
C VAL A 32 1.07 -4.72 -6.26
N SER A 33 2.11 -4.02 -6.71
CA SER A 33 2.94 -4.49 -7.82
C SER A 33 3.83 -5.65 -7.38
N LYS A 34 4.21 -6.49 -8.34
CA LYS A 34 5.06 -7.63 -8.06
C LYS A 34 6.50 -7.19 -7.80
N PRO A 35 7.25 -8.00 -7.05
CA PRO A 35 8.65 -7.72 -6.71
C PRO A 35 9.57 -7.84 -7.92
N ASN A 36 8.99 -8.16 -9.07
CA ASN A 36 9.76 -8.31 -10.30
C ASN A 36 8.99 -7.75 -11.49
N GLU A 37 9.71 -7.46 -12.57
CA GLU A 37 9.09 -6.92 -13.78
C GLU A 37 8.20 -7.96 -14.46
N ASN A 38 6.96 -7.58 -14.73
CA ASN A 38 6.01 -8.48 -15.38
C ASN A 38 5.28 -7.78 -16.51
N ASP A 39 4.64 -8.56 -17.37
CA ASP A 39 3.90 -8.00 -18.50
C ASP A 39 2.80 -7.06 -18.03
N GLY A 40 2.20 -7.39 -16.90
CA GLY A 40 1.14 -6.57 -16.35
C GLY A 40 0.22 -7.34 -15.41
N GLN A 41 0.76 -7.76 -14.28
CA GLN A 41 -0.01 -8.51 -13.30
C GLN A 41 0.33 -8.07 -11.88
N PHE A 42 -0.71 -7.84 -11.08
CA PHE A 42 -0.52 -7.40 -9.70
C PHE A 42 -1.20 -8.38 -8.72
N MET A 43 -0.95 -8.18 -7.43
CA MET A 43 -1.52 -9.03 -6.40
C MET A 43 -2.76 -8.39 -5.80
N GLU A 44 -3.52 -9.18 -5.04
CA GLU A 44 -4.74 -8.69 -4.42
C GLU A 44 -4.75 -9.00 -2.92
N ILE A 45 -4.42 -8.00 -2.10
CA ILE A 45 -4.39 -8.16 -0.67
C ILE A 45 -5.47 -7.32 0.01
N THR A 46 -6.54 -7.98 0.44
CA THR A 46 -7.65 -7.29 1.10
C THR A 46 -7.45 -7.27 2.61
N VAL A 47 -7.92 -6.19 3.25
CA VAL A 47 -7.80 -6.04 4.70
C VAL A 47 -9.15 -5.77 5.34
N GLN A 48 -9.61 -6.70 6.17
CA GLN A 48 -10.89 -6.54 6.85
C GLN A 48 -11.16 -5.08 7.19
N SER A 49 -10.11 -4.36 7.57
CA SER A 49 -10.23 -2.96 7.92
C SER A 49 -9.00 -2.18 7.48
N LEU A 50 -9.21 -0.90 7.16
CA LEU A 50 -8.12 -0.04 6.72
C LEU A 50 -7.51 0.73 7.89
N SER A 51 -7.54 0.11 9.07
CA SER A 51 -6.99 0.73 10.28
C SER A 51 -5.68 0.07 10.69
N GLU A 52 -5.35 -1.03 10.03
CA GLU A 52 -4.13 -1.76 10.33
C GLU A 52 -2.91 -0.88 10.11
N ASN A 53 -1.72 -1.48 10.20
CA ASN A 53 -0.47 -0.74 10.02
C ASN A 53 0.30 -1.29 8.82
N VAL A 54 0.93 -0.38 8.07
CA VAL A 54 1.72 -0.78 6.91
C VAL A 54 2.65 -1.93 7.24
N GLY A 55 2.96 -2.09 8.52
CA GLY A 55 3.85 -3.15 8.94
C GLY A 55 3.23 -4.52 8.77
N SER A 56 2.00 -4.67 9.25
CA SER A 56 1.29 -5.95 9.15
C SER A 56 1.06 -6.33 7.69
N LEU A 57 0.77 -5.34 6.87
CA LEU A 57 0.53 -5.57 5.45
C LEU A 57 1.67 -6.37 4.81
N LYS A 58 2.90 -5.98 5.15
CA LYS A 58 4.08 -6.66 4.63
C LYS A 58 4.05 -8.15 4.95
N GLU A 59 3.49 -8.49 6.10
CA GLU A 59 3.39 -9.88 6.53
C GLU A 59 2.50 -10.68 5.59
N LYS A 60 1.41 -10.05 5.15
CA LYS A 60 0.47 -10.70 4.24
C LYS A 60 1.19 -11.21 2.99
N ILE A 61 1.79 -10.29 2.24
CA ILE A 61 2.51 -10.64 1.02
C ILE A 61 3.76 -11.44 1.34
N ALA A 62 4.46 -11.04 2.41
CA ALA A 62 5.67 -11.73 2.82
C ALA A 62 5.53 -13.24 2.70
N GLY A 63 4.32 -13.73 2.98
CA GLY A 63 4.06 -15.16 2.90
C GLY A 63 4.07 -15.67 1.47
N GLU A 64 3.53 -14.88 0.55
CA GLU A 64 3.48 -15.26 -0.86
C GLU A 64 4.86 -15.16 -1.50
N ILE A 65 5.53 -14.03 -1.26
CA ILE A 65 6.86 -13.80 -1.82
C ILE A 65 7.92 -14.56 -1.02
N GLN A 66 7.54 -15.04 0.15
CA GLN A 66 8.46 -15.78 1.02
C GLN A 66 9.61 -14.89 1.47
N ILE A 67 9.29 -13.62 1.72
CA ILE A 67 10.29 -12.67 2.17
C ILE A 67 9.84 -11.93 3.43
N PRO A 68 10.74 -11.77 4.39
CA PRO A 68 10.45 -11.08 5.65
C PRO A 68 10.25 -9.58 5.46
N ALA A 69 9.26 -9.03 6.16
CA ALA A 69 8.96 -7.61 6.07
C ALA A 69 10.24 -6.78 6.13
N ASN A 70 11.28 -7.33 6.75
CA ASN A 70 12.56 -6.64 6.87
C ASN A 70 13.23 -6.48 5.52
N LYS A 71 13.31 -7.57 4.76
CA LYS A 71 13.92 -7.53 3.44
C LYS A 71 13.07 -6.72 2.46
N GLN A 72 11.85 -7.17 2.23
CA GLN A 72 10.95 -6.49 1.31
C GLN A 72 10.54 -5.13 1.88
N LYS A 73 10.47 -4.13 1.01
CA LYS A 73 10.08 -2.79 1.42
C LYS A 73 8.84 -2.32 0.67
N LEU A 74 8.02 -1.51 1.33
CA LEU A 74 6.79 -0.99 0.72
C LEU A 74 6.90 0.51 0.50
N SER A 75 6.57 0.95 -0.71
CA SER A 75 6.63 2.36 -1.06
C SER A 75 5.26 2.86 -1.50
N GLY A 76 4.86 4.03 -0.98
CA GLY A 76 3.58 4.60 -1.34
C GLY A 76 3.70 5.88 -2.14
N LYS A 77 2.60 6.35 -2.68
CA LYS A 77 2.59 7.58 -3.47
C LYS A 77 3.45 8.65 -2.81
N ALA A 78 3.35 8.75 -1.48
CA ALA A 78 4.12 9.73 -0.73
C ALA A 78 5.60 9.35 -0.67
N GLY A 79 5.87 8.06 -0.49
CA GLY A 79 7.23 7.59 -0.41
C GLY A 79 7.38 6.36 0.46
N PHE A 80 8.60 6.09 0.91
CA PHE A 80 8.87 4.94 1.76
C PHE A 80 7.84 4.83 2.87
N LEU A 81 6.82 4.00 2.64
CA LEU A 81 5.76 3.81 3.63
C LEU A 81 6.33 3.26 4.94
N LYS A 82 5.95 3.89 6.05
CA LYS A 82 6.42 3.46 7.36
C LYS A 82 5.30 2.80 8.16
N ASP A 83 5.64 1.75 8.89
CA ASP A 83 4.65 1.03 9.70
C ASP A 83 3.97 1.97 10.68
N ASN A 84 4.71 2.97 11.15
CA ASN A 84 4.18 3.94 12.11
C ASN A 84 2.87 4.54 11.60
N MET A 85 2.66 4.45 10.28
CA MET A 85 1.45 4.99 9.67
C MET A 85 0.44 3.88 9.42
N SER A 86 -0.85 4.23 9.49
CA SER A 86 -1.92 3.26 9.27
C SER A 86 -2.41 3.33 7.83
N LEU A 87 -3.08 2.25 7.39
CA LEU A 87 -3.61 2.19 6.04
C LEU A 87 -4.45 3.42 5.73
N ALA A 88 -5.45 3.69 6.56
CA ALA A 88 -6.33 4.83 6.38
C ALA A 88 -5.56 6.14 6.52
N HIS A 89 -4.53 6.13 7.35
CA HIS A 89 -3.70 7.32 7.57
C HIS A 89 -3.03 7.76 6.28
N TYR A 90 -2.41 6.81 5.58
CA TYR A 90 -1.73 7.11 4.32
C TYR A 90 -2.73 7.21 3.17
N ASN A 91 -4.01 7.13 3.51
CA ASN A 91 -5.07 7.19 2.50
C ASN A 91 -4.97 6.03 1.51
N VAL A 92 -4.80 4.83 2.06
CA VAL A 92 -4.70 3.64 1.22
C VAL A 92 -5.98 2.81 1.26
N GLY A 93 -6.63 2.68 0.11
CA GLY A 93 -7.87 1.92 0.04
C GLY A 93 -8.09 1.30 -1.32
N ALA A 94 -9.32 1.38 -1.81
CA ALA A 94 -9.67 0.82 -3.11
C ALA A 94 -9.33 1.80 -4.23
N GLY A 95 -8.13 2.36 -4.18
CA GLY A 95 -7.71 3.31 -5.20
C GLY A 95 -6.20 3.50 -5.22
N GLU A 96 -5.60 3.58 -4.04
CA GLU A 96 -4.16 3.76 -3.93
C GLU A 96 -3.41 2.46 -4.16
N ILE A 97 -2.48 2.47 -5.11
CA ILE A 97 -1.70 1.28 -5.43
C ILE A 97 -0.28 1.40 -4.90
N LEU A 98 0.07 0.53 -3.95
CA LEU A 98 1.41 0.53 -3.36
C LEU A 98 2.37 -0.30 -4.19
N THR A 99 3.66 -0.01 -4.07
CA THR A 99 4.69 -0.74 -4.81
C THR A 99 5.56 -1.56 -3.86
N LEU A 100 5.96 -2.74 -4.31
CA LEU A 100 6.81 -3.62 -3.51
C LEU A 100 8.20 -3.74 -4.11
N SER A 101 9.22 -3.47 -3.31
CA SER A 101 10.59 -3.55 -3.76
C SER A 101 11.36 -4.63 -3.01
N LEU A 102 12.18 -5.38 -3.73
CA LEU A 102 12.98 -6.45 -3.13
C LEU A 102 14.39 -5.98 -2.84
N ARG A 103 14.89 -6.35 -1.66
CA ARG A 103 16.24 -5.96 -1.24
C ARG A 103 17.27 -6.97 -1.75
N GLU A 104 17.79 -6.72 -2.95
CA GLU A 104 18.78 -7.60 -3.55
C GLU A 104 20.19 -7.17 -3.17
N ARG A 105 21.07 -8.15 -2.95
CA ARG A 105 22.45 -7.87 -2.58
C ARG A 105 23.41 -8.39 -3.64
N SER A 106 24.47 -7.63 -3.90
CA SER A 106 25.47 -8.01 -4.89
C SER A 106 24.84 -8.08 -6.28
N GLY A 107 25.63 -7.77 -7.31
CA GLY A 107 25.14 -7.80 -8.67
C GLY A 107 25.03 -9.23 -9.21
N PRO A 108 26.11 -9.71 -9.84
CA PRO A 108 26.15 -11.06 -10.41
C PRO A 108 26.16 -12.14 -9.35
N SER A 109 25.00 -12.71 -9.06
CA SER A 109 24.89 -13.76 -8.05
C SER A 109 23.85 -14.80 -8.47
N SER A 110 22.68 -14.34 -8.88
CA SER A 110 21.61 -15.23 -9.30
C SER A 110 21.26 -15.01 -10.77
N GLY A 111 21.09 -16.10 -11.50
CA GLY A 111 20.75 -16.00 -12.91
C GLY A 111 21.21 -17.21 -13.70
N GLY A 1 -22.88 22.82 -4.92
CA GLY A 1 -22.16 22.59 -6.16
C GLY A 1 -20.90 21.78 -5.95
N SER A 2 -19.76 22.47 -5.87
CA SER A 2 -18.48 21.79 -5.68
C SER A 2 -18.08 21.02 -6.94
N SER A 3 -16.79 20.73 -7.06
CA SER A 3 -16.27 19.99 -8.20
C SER A 3 -14.80 19.66 -8.03
N GLY A 4 -14.27 18.84 -8.92
CA GLY A 4 -12.87 18.46 -8.85
C GLY A 4 -12.65 17.21 -8.02
N SER A 5 -12.02 16.21 -8.62
CA SER A 5 -11.76 14.94 -7.94
C SER A 5 -11.03 13.98 -8.86
N SER A 6 -10.05 14.49 -9.60
CA SER A 6 -9.29 13.66 -10.53
C SER A 6 -7.94 14.31 -10.85
N GLY A 7 -7.04 13.54 -11.45
CA GLY A 7 -5.73 14.04 -11.79
C GLY A 7 -4.74 13.91 -10.66
N LYS A 8 -3.69 14.72 -10.68
CA LYS A 8 -2.67 14.68 -9.64
C LYS A 8 -3.12 15.44 -8.41
N PHE A 9 -3.07 14.77 -7.26
CA PHE A 9 -3.48 15.37 -6.00
C PHE A 9 -2.26 15.89 -5.23
N ASP A 10 -2.35 17.12 -4.75
CA ASP A 10 -1.27 17.74 -4.00
C ASP A 10 -1.31 17.30 -2.54
N GLU A 11 -0.13 17.29 -1.90
CA GLU A 11 -0.04 16.89 -0.50
C GLU A 11 -0.47 18.02 0.43
N SER A 12 -1.78 18.20 0.57
CA SER A 12 -2.32 19.25 1.43
C SER A 12 -3.80 18.99 1.73
N ALA A 13 -4.60 18.87 0.67
CA ALA A 13 -6.02 18.63 0.82
C ALA A 13 -6.32 17.13 0.94
N LEU A 14 -5.46 16.43 1.67
CA LEU A 14 -5.64 14.99 1.85
C LEU A 14 -6.69 14.70 2.92
N VAL A 15 -7.29 13.51 2.83
CA VAL A 15 -8.33 13.11 3.78
C VAL A 15 -7.70 12.58 5.08
N PRO A 16 -8.22 13.04 6.22
CA PRO A 16 -7.74 12.61 7.53
C PRO A 16 -8.08 11.16 7.85
N GLU A 17 -7.13 10.44 8.42
CA GLU A 17 -7.33 9.04 8.76
C GLU A 17 -8.64 8.86 9.52
N ASP A 18 -9.15 9.94 10.08
CA ASP A 18 -10.41 9.89 10.83
C ASP A 18 -11.60 9.77 9.89
N GLN A 19 -11.56 10.53 8.80
CA GLN A 19 -12.64 10.50 7.82
C GLN A 19 -12.43 9.39 6.80
N PHE A 20 -11.20 9.29 6.28
CA PHE A 20 -10.87 8.27 5.30
C PHE A 20 -11.36 6.90 5.75
N LEU A 21 -11.18 6.61 7.03
CA LEU A 21 -11.60 5.33 7.59
C LEU A 21 -13.06 5.04 7.26
N ALA A 22 -13.96 5.88 7.76
CA ALA A 22 -15.38 5.72 7.50
C ALA A 22 -15.69 5.80 6.02
N GLN A 23 -15.17 6.83 5.36
CA GLN A 23 -15.39 7.03 3.93
C GLN A 23 -15.46 5.68 3.21
N HIS A 24 -14.69 4.72 3.68
CA HIS A 24 -14.65 3.39 3.08
C HIS A 24 -14.87 2.31 4.13
N PRO A 25 -16.14 1.93 4.33
CA PRO A 25 -16.52 0.90 5.31
C PRO A 25 -16.06 -0.49 4.89
N GLY A 26 -16.35 -1.48 5.73
CA GLY A 26 -15.95 -2.85 5.43
C GLY A 26 -14.51 -2.95 4.99
N PRO A 27 -14.08 -4.17 4.63
CA PRO A 27 -12.70 -4.42 4.18
C PRO A 27 -12.42 -3.81 2.80
N ALA A 28 -11.17 -3.44 2.57
CA ALA A 28 -10.76 -2.84 1.31
C ALA A 28 -9.65 -3.64 0.65
N THR A 29 -9.79 -3.90 -0.64
CA THR A 29 -8.80 -4.67 -1.39
C THR A 29 -7.66 -3.77 -1.85
N ILE A 30 -6.49 -3.95 -1.24
CA ILE A 30 -5.31 -3.16 -1.58
C ILE A 30 -4.50 -3.83 -2.70
N ARG A 31 -4.23 -3.09 -3.76
CA ARG A 31 -3.47 -3.61 -4.89
C ARG A 31 -1.98 -3.38 -4.68
N VAL A 32 -1.20 -4.46 -4.75
CA VAL A 32 0.25 -4.37 -4.58
C VAL A 32 0.98 -4.93 -5.79
N SER A 33 2.07 -4.28 -6.18
CA SER A 33 2.85 -4.71 -7.32
C SER A 33 3.88 -5.77 -6.91
N LYS A 34 4.24 -6.64 -7.85
CA LYS A 34 5.20 -7.69 -7.58
C LYS A 34 6.63 -7.13 -7.55
N PRO A 35 7.52 -7.83 -6.83
CA PRO A 35 8.92 -7.42 -6.70
C PRO A 35 9.69 -7.58 -8.00
N ASN A 36 10.97 -7.23 -7.97
CA ASN A 36 11.83 -7.33 -9.15
C ASN A 36 11.35 -6.41 -10.25
N GLU A 37 10.85 -5.24 -9.86
CA GLU A 37 10.36 -4.26 -10.82
C GLU A 37 9.55 -4.93 -11.93
N ASN A 38 8.25 -5.13 -11.67
CA ASN A 38 7.37 -5.77 -12.63
C ASN A 38 6.11 -4.94 -12.85
N ASP A 39 5.96 -4.38 -14.04
CA ASP A 39 4.80 -3.56 -14.36
C ASP A 39 3.71 -4.41 -15.01
N GLY A 40 3.75 -5.72 -14.76
CA GLY A 40 2.76 -6.61 -15.32
C GLY A 40 1.48 -6.64 -14.52
N GLN A 41 1.18 -7.80 -13.94
CA GLN A 41 -0.03 -7.97 -13.13
C GLN A 41 0.26 -7.69 -11.67
N PHE A 42 -0.80 -7.46 -10.89
CA PHE A 42 -0.66 -7.19 -9.46
C PHE A 42 -1.30 -8.30 -8.63
N MET A 43 -1.08 -8.24 -7.33
CA MET A 43 -1.64 -9.24 -6.41
C MET A 43 -2.91 -8.73 -5.75
N GLU A 44 -3.58 -9.61 -5.02
CA GLU A 44 -4.82 -9.24 -4.34
C GLU A 44 -4.66 -9.37 -2.82
N ILE A 45 -4.59 -8.23 -2.14
CA ILE A 45 -4.44 -8.21 -0.70
C ILE A 45 -5.51 -7.35 -0.04
N THR A 46 -6.47 -8.00 0.61
CA THR A 46 -7.56 -7.28 1.27
C THR A 46 -7.35 -7.27 2.78
N VAL A 47 -7.67 -6.14 3.41
CA VAL A 47 -7.52 -5.98 4.85
C VAL A 47 -8.87 -5.75 5.52
N GLN A 48 -9.09 -6.42 6.65
CA GLN A 48 -10.34 -6.28 7.39
C GLN A 48 -10.63 -4.81 7.70
N SER A 49 -9.57 -4.06 8.01
CA SER A 49 -9.71 -2.65 8.33
C SER A 49 -8.49 -1.86 7.87
N LEU A 50 -8.72 -0.72 7.24
CA LEU A 50 -7.64 0.12 6.75
C LEU A 50 -6.77 0.63 7.90
N SER A 51 -7.41 0.92 9.03
CA SER A 51 -6.71 1.41 10.20
C SER A 51 -5.42 0.61 10.44
N GLU A 52 -5.41 -0.63 9.95
CA GLU A 52 -4.24 -1.48 10.10
C GLU A 52 -2.95 -0.70 9.87
N ASN A 53 -1.84 -1.26 10.34
CA ASN A 53 -0.54 -0.62 10.18
C ASN A 53 0.20 -1.17 8.97
N VAL A 54 0.76 -0.27 8.17
CA VAL A 54 1.49 -0.67 6.97
C VAL A 54 2.32 -1.92 7.22
N GLY A 55 2.76 -2.09 8.46
CA GLY A 55 3.56 -3.25 8.81
C GLY A 55 2.80 -4.55 8.63
N SER A 56 1.60 -4.62 9.20
CA SER A 56 0.78 -5.82 9.09
C SER A 56 0.62 -6.24 7.64
N LEU A 57 0.33 -5.28 6.77
CA LEU A 57 0.15 -5.55 5.35
C LEU A 57 1.35 -6.31 4.78
N LYS A 58 2.55 -5.87 5.16
CA LYS A 58 3.78 -6.50 4.70
C LYS A 58 3.74 -8.01 4.93
N GLU A 59 3.13 -8.41 6.04
CA GLU A 59 3.02 -9.83 6.37
C GLU A 59 2.30 -10.59 5.27
N LYS A 60 1.16 -10.07 4.83
CA LYS A 60 0.38 -10.70 3.78
C LYS A 60 1.26 -11.12 2.62
N ILE A 61 1.84 -10.14 1.92
CA ILE A 61 2.71 -10.41 0.79
C ILE A 61 3.92 -11.23 1.21
N ALA A 62 4.51 -10.86 2.35
CA ALA A 62 5.67 -11.56 2.86
C ALA A 62 5.57 -13.07 2.62
N GLY A 63 4.34 -13.58 2.68
CA GLY A 63 4.12 -15.00 2.47
C GLY A 63 4.27 -15.39 1.02
N GLU A 64 3.77 -14.55 0.12
CA GLU A 64 3.85 -14.82 -1.31
C GLU A 64 5.30 -14.78 -1.79
N ILE A 65 5.98 -13.66 -1.49
CA ILE A 65 7.37 -13.50 -1.89
C ILE A 65 8.31 -14.28 -0.98
N GLN A 66 7.77 -14.75 0.15
CA GLN A 66 8.56 -15.51 1.10
C GLN A 66 9.68 -14.66 1.69
N ILE A 67 9.36 -13.40 2.00
CA ILE A 67 10.35 -12.48 2.57
C ILE A 67 9.77 -11.76 3.78
N PRO A 68 10.61 -11.62 4.82
CA PRO A 68 10.21 -10.94 6.06
C PRO A 68 10.04 -9.43 5.87
N ALA A 69 8.96 -8.91 6.43
CA ALA A 69 8.67 -7.47 6.33
C ALA A 69 9.95 -6.64 6.48
N ASN A 70 10.86 -7.13 7.31
CA ASN A 70 12.12 -6.44 7.54
C ASN A 70 12.90 -6.26 6.24
N LYS A 71 13.06 -7.36 5.50
CA LYS A 71 13.77 -7.32 4.24
C LYS A 71 13.00 -6.54 3.19
N GLN A 72 11.85 -7.08 2.78
CA GLN A 72 11.01 -6.43 1.78
C GLN A 72 10.62 -5.03 2.24
N LYS A 73 10.48 -4.12 1.27
CA LYS A 73 10.10 -2.75 1.57
C LYS A 73 8.89 -2.32 0.74
N LEU A 74 8.05 -1.47 1.32
CA LEU A 74 6.85 -0.98 0.63
C LEU A 74 6.96 0.51 0.34
N SER A 75 6.58 0.91 -0.87
CA SER A 75 6.63 2.30 -1.27
C SER A 75 5.25 2.80 -1.70
N GLY A 76 4.89 3.98 -1.24
CA GLY A 76 3.60 4.55 -1.58
C GLY A 76 3.72 5.82 -2.40
N LYS A 77 2.65 6.18 -3.10
CA LYS A 77 2.64 7.38 -3.93
C LYS A 77 3.46 8.49 -3.29
N ALA A 78 3.34 8.62 -1.97
CA ALA A 78 4.07 9.65 -1.24
C ALA A 78 5.53 9.25 -1.05
N GLY A 79 5.76 7.98 -0.74
CA GLY A 79 7.12 7.50 -0.54
C GLY A 79 7.17 6.26 0.33
N PHE A 80 8.38 5.82 0.65
CA PHE A 80 8.56 4.64 1.48
C PHE A 80 7.60 4.65 2.67
N LEU A 81 6.66 3.71 2.66
CA LEU A 81 5.67 3.61 3.72
C LEU A 81 6.32 3.19 5.03
N LYS A 82 5.70 3.56 6.14
CA LYS A 82 6.23 3.21 7.46
C LYS A 82 5.18 2.45 8.27
N ASP A 83 5.62 1.36 8.92
CA ASP A 83 4.72 0.54 9.74
C ASP A 83 4.09 1.37 10.84
N ASN A 84 4.86 2.31 11.40
CA ASN A 84 4.37 3.16 12.47
C ASN A 84 3.18 3.99 12.00
N MET A 85 2.95 4.00 10.69
CA MET A 85 1.84 4.76 10.12
C MET A 85 0.72 3.81 9.66
N SER A 86 -0.50 4.32 9.66
CA SER A 86 -1.65 3.53 9.24
C SER A 86 -1.93 3.70 7.76
N LEU A 87 -2.85 2.90 7.24
CA LEU A 87 -3.21 2.95 5.82
C LEU A 87 -4.20 4.09 5.55
N ALA A 88 -5.27 4.14 6.35
CA ALA A 88 -6.28 5.17 6.21
C ALA A 88 -5.65 6.55 6.07
N HIS A 89 -4.70 6.85 6.95
CA HIS A 89 -4.02 8.14 6.93
C HIS A 89 -3.39 8.40 5.56
N TYR A 90 -2.62 7.43 5.08
CA TYR A 90 -1.95 7.54 3.79
C TYR A 90 -2.98 7.66 2.66
N ASN A 91 -4.25 7.46 3.00
CA ASN A 91 -5.33 7.54 2.02
C ASN A 91 -5.23 6.40 1.02
N VAL A 92 -4.97 5.19 1.53
CA VAL A 92 -4.86 4.01 0.68
C VAL A 92 -6.09 3.12 0.80
N GLY A 93 -6.83 3.01 -0.29
CA GLY A 93 -8.03 2.18 -0.28
C GLY A 93 -8.26 1.47 -1.60
N ALA A 94 -9.47 1.56 -2.12
CA ALA A 94 -9.82 0.93 -3.38
C ALA A 94 -9.50 1.83 -4.56
N GLY A 95 -8.27 2.36 -4.58
CA GLY A 95 -7.87 3.25 -5.66
C GLY A 95 -6.37 3.46 -5.69
N GLU A 96 -5.75 3.56 -4.52
CA GLU A 96 -4.31 3.76 -4.43
C GLU A 96 -3.57 2.44 -4.56
N ILE A 97 -2.52 2.45 -5.37
CA ILE A 97 -1.72 1.25 -5.59
C ILE A 97 -0.31 1.42 -5.03
N LEU A 98 0.12 0.45 -4.22
CA LEU A 98 1.44 0.48 -3.61
C LEU A 98 2.42 -0.41 -4.37
N THR A 99 3.71 -0.13 -4.21
CA THR A 99 4.74 -0.92 -4.89
C THR A 99 5.57 -1.71 -3.88
N LEU A 100 6.06 -2.87 -4.31
CA LEU A 100 6.87 -3.72 -3.45
C LEU A 100 8.27 -3.91 -4.03
N SER A 101 9.27 -3.69 -3.19
CA SER A 101 10.66 -3.83 -3.62
C SER A 101 11.42 -4.81 -2.72
N LEU A 102 12.44 -5.44 -3.26
CA LEU A 102 13.24 -6.40 -2.51
C LEU A 102 14.60 -5.81 -2.14
N ARG A 103 15.07 -6.10 -0.94
CA ARG A 103 16.36 -5.60 -0.47
C ARG A 103 17.49 -6.54 -0.88
N GLU A 104 18.02 -6.34 -2.08
CA GLU A 104 19.10 -7.16 -2.58
C GLU A 104 19.65 -6.61 -3.90
N ARG A 105 20.94 -6.85 -4.15
CA ARG A 105 21.57 -6.37 -5.37
C ARG A 105 21.65 -7.48 -6.41
N SER A 106 20.85 -7.36 -7.47
CA SER A 106 20.83 -8.36 -8.53
C SER A 106 20.24 -7.78 -9.81
N GLY A 107 19.08 -7.14 -9.68
CA GLY A 107 18.42 -6.55 -10.83
C GLY A 107 17.58 -7.56 -11.59
N PRO A 108 16.61 -7.05 -12.38
CA PRO A 108 15.72 -7.90 -13.18
C PRO A 108 16.44 -8.58 -14.33
N SER A 109 15.88 -9.67 -14.83
CA SER A 109 16.48 -10.42 -15.93
C SER A 109 16.14 -9.75 -17.26
N SER A 110 17.04 -9.91 -18.24
CA SER A 110 16.83 -9.33 -19.57
C SER A 110 17.87 -9.87 -20.55
N GLY A 111 17.69 -9.51 -21.82
CA GLY A 111 18.61 -9.97 -22.85
C GLY A 111 18.43 -11.44 -23.18
N GLY A 1 -26.66 18.25 -5.06
CA GLY A 1 -25.34 17.78 -5.44
C GLY A 1 -25.35 17.02 -6.75
N SER A 2 -24.21 16.42 -7.09
CA SER A 2 -24.10 15.67 -8.33
C SER A 2 -22.98 14.63 -8.24
N SER A 3 -21.85 15.04 -7.68
CA SER A 3 -20.70 14.15 -7.53
C SER A 3 -20.37 13.46 -8.86
N GLY A 4 -19.31 12.65 -8.85
CA GLY A 4 -18.92 11.95 -10.05
C GLY A 4 -17.66 12.53 -10.68
N SER A 5 -16.69 12.88 -9.84
CA SER A 5 -15.44 13.46 -10.32
C SER A 5 -14.26 12.94 -9.52
N SER A 6 -13.76 11.77 -9.91
CA SER A 6 -12.63 11.15 -9.22
C SER A 6 -11.43 11.06 -10.15
N GLY A 7 -10.31 10.58 -9.61
CA GLY A 7 -9.09 10.45 -10.40
C GLY A 7 -8.04 11.47 -10.01
N LYS A 8 -8.45 12.73 -9.92
CA LYS A 8 -7.53 13.81 -9.56
C LYS A 8 -7.17 13.74 -8.08
N PHE A 9 -5.93 13.38 -7.79
CA PHE A 9 -5.47 13.27 -6.41
C PHE A 9 -4.88 14.61 -5.94
N ASP A 10 -5.53 15.20 -4.93
CA ASP A 10 -5.08 16.47 -4.39
C ASP A 10 -4.15 16.25 -3.19
N GLU A 11 -2.92 16.73 -3.30
CA GLU A 11 -1.94 16.59 -2.23
C GLU A 11 -2.20 17.60 -1.12
N SER A 12 -2.73 18.76 -1.49
CA SER A 12 -3.02 19.81 -0.53
C SER A 12 -4.25 19.46 0.30
N ALA A 13 -5.22 18.81 -0.33
CA ALA A 13 -6.46 18.42 0.35
C ALA A 13 -6.48 16.91 0.60
N LEU A 14 -5.79 16.48 1.65
CA LEU A 14 -5.74 15.06 2.00
C LEU A 14 -6.71 14.74 3.12
N VAL A 15 -7.36 13.58 3.03
CA VAL A 15 -8.31 13.16 4.04
C VAL A 15 -7.60 12.61 5.28
N PRO A 16 -8.11 12.98 6.46
CA PRO A 16 -7.54 12.55 7.74
C PRO A 16 -7.76 11.06 7.99
N GLU A 17 -6.91 10.47 8.82
CA GLU A 17 -7.00 9.05 9.15
C GLU A 17 -8.30 8.75 9.90
N ASP A 18 -8.98 9.81 10.35
CA ASP A 18 -10.22 9.67 11.08
C ASP A 18 -11.40 9.54 10.12
N GLN A 19 -11.36 10.31 9.03
CA GLN A 19 -12.43 10.28 8.04
C GLN A 19 -12.20 9.16 7.01
N PHE A 20 -11.08 9.26 6.29
CA PHE A 20 -10.75 8.26 5.28
C PHE A 20 -11.07 6.86 5.77
N LEU A 21 -10.93 6.64 7.07
CA LEU A 21 -11.21 5.34 7.67
C LEU A 21 -12.66 4.95 7.45
N ALA A 22 -13.58 5.78 7.94
CA ALA A 22 -15.01 5.52 7.80
C ALA A 22 -15.44 5.62 6.34
N GLN A 23 -14.95 6.65 5.65
CA GLN A 23 -15.28 6.86 4.25
C GLN A 23 -15.37 5.52 3.51
N HIS A 24 -14.57 4.55 3.95
CA HIS A 24 -14.56 3.23 3.33
C HIS A 24 -14.74 2.14 4.37
N PRO A 25 -16.00 1.75 4.59
CA PRO A 25 -16.35 0.70 5.56
C PRO A 25 -15.89 -0.68 5.12
N GLY A 26 -16.06 -1.66 6.00
CA GLY A 26 -15.65 -3.02 5.68
C GLY A 26 -14.23 -3.09 5.15
N PRO A 27 -13.80 -4.31 4.77
CA PRO A 27 -12.45 -4.54 4.25
C PRO A 27 -12.25 -3.93 2.87
N ALA A 28 -11.08 -3.33 2.65
CA ALA A 28 -10.77 -2.71 1.37
C ALA A 28 -9.65 -3.47 0.65
N THR A 29 -9.88 -3.77 -0.63
CA THR A 29 -8.91 -4.49 -1.42
C THR A 29 -7.75 -3.58 -1.83
N ILE A 30 -6.56 -3.91 -1.35
CA ILE A 30 -5.37 -3.12 -1.67
C ILE A 30 -4.55 -3.78 -2.78
N ARG A 31 -4.39 -3.07 -3.88
CA ARG A 31 -3.63 -3.57 -5.02
C ARG A 31 -2.14 -3.32 -4.84
N VAL A 32 -1.34 -4.38 -4.96
CA VAL A 32 0.10 -4.26 -4.80
C VAL A 32 0.83 -4.74 -6.05
N SER A 33 1.79 -3.95 -6.53
CA SER A 33 2.55 -4.30 -7.72
C SER A 33 3.54 -5.43 -7.42
N LYS A 34 3.99 -6.11 -8.46
CA LYS A 34 4.93 -7.22 -8.31
C LYS A 34 6.32 -6.70 -7.96
N PRO A 35 7.06 -7.47 -7.16
CA PRO A 35 8.42 -7.12 -6.73
C PRO A 35 9.42 -7.16 -7.87
N ASN A 36 9.87 -5.98 -8.31
CA ASN A 36 10.83 -5.89 -9.40
C ASN A 36 10.22 -6.40 -10.71
N GLU A 37 10.81 -5.97 -11.82
CA GLU A 37 10.33 -6.38 -13.14
C GLU A 37 8.80 -6.50 -13.15
N ASN A 38 8.12 -5.36 -13.31
CA ASN A 38 6.67 -5.35 -13.34
C ASN A 38 6.15 -5.02 -14.74
N ASP A 39 5.21 -5.83 -15.22
CA ASP A 39 4.64 -5.63 -16.54
C ASP A 39 3.27 -4.93 -16.44
N GLY A 40 2.54 -5.25 -15.39
CA GLY A 40 1.22 -4.66 -15.20
C GLY A 40 0.37 -5.41 -14.20
N GLN A 41 0.35 -6.73 -14.32
CA GLN A 41 -0.43 -7.57 -13.42
C GLN A 41 -0.04 -7.30 -11.97
N PHE A 42 -1.05 -7.27 -11.09
CA PHE A 42 -0.81 -7.02 -9.68
C PHE A 42 -1.49 -8.09 -8.82
N MET A 43 -1.20 -8.07 -7.52
CA MET A 43 -1.78 -9.04 -6.59
C MET A 43 -3.02 -8.46 -5.92
N GLU A 44 -3.72 -9.31 -5.17
CA GLU A 44 -4.93 -8.88 -4.48
C GLU A 44 -4.82 -9.16 -2.98
N ILE A 45 -4.50 -8.12 -2.21
CA ILE A 45 -4.37 -8.26 -0.77
C ILE A 45 -5.41 -7.41 -0.04
N THR A 46 -6.46 -8.06 0.45
CA THR A 46 -7.52 -7.36 1.17
C THR A 46 -7.25 -7.35 2.66
N VAL A 47 -7.62 -6.25 3.31
CA VAL A 47 -7.43 -6.11 4.76
C VAL A 47 -8.75 -5.93 5.49
N GLN A 48 -8.86 -6.52 6.66
CA GLN A 48 -10.08 -6.43 7.45
C GLN A 48 -10.44 -4.97 7.74
N SER A 49 -9.42 -4.12 7.84
CA SER A 49 -9.62 -2.71 8.10
C SER A 49 -8.42 -1.89 7.62
N LEU A 50 -8.67 -0.61 7.35
CA LEU A 50 -7.62 0.28 6.88
C LEU A 50 -6.70 0.69 8.04
N SER A 51 -7.30 0.98 9.19
CA SER A 51 -6.52 1.38 10.36
C SER A 51 -5.24 0.56 10.48
N GLU A 52 -5.29 -0.67 9.99
CA GLU A 52 -4.12 -1.55 10.04
C GLU A 52 -2.84 -0.77 9.81
N ASN A 53 -1.73 -1.30 10.32
CA ASN A 53 -0.43 -0.65 10.17
C ASN A 53 0.29 -1.17 8.93
N VAL A 54 0.77 -0.24 8.10
CA VAL A 54 1.49 -0.60 6.89
C VAL A 54 2.32 -1.86 7.10
N GLY A 55 2.84 -2.03 8.31
CA GLY A 55 3.65 -3.20 8.61
C GLY A 55 2.89 -4.49 8.44
N SER A 56 1.77 -4.62 9.15
CA SER A 56 0.95 -5.82 9.08
C SER A 56 0.83 -6.32 7.64
N LEU A 57 0.39 -5.43 6.76
CA LEU A 57 0.23 -5.77 5.34
C LEU A 57 1.45 -6.54 4.83
N LYS A 58 2.63 -6.06 5.19
CA LYS A 58 3.88 -6.69 4.77
C LYS A 58 3.87 -8.18 5.11
N GLU A 59 3.24 -8.53 6.23
CA GLU A 59 3.16 -9.92 6.67
C GLU A 59 2.40 -10.77 5.64
N LYS A 60 1.34 -10.21 5.09
CA LYS A 60 0.53 -10.91 4.10
C LYS A 60 1.40 -11.37 2.93
N ILE A 61 1.84 -10.42 2.11
CA ILE A 61 2.68 -10.74 0.96
C ILE A 61 3.91 -11.54 1.37
N ALA A 62 4.52 -11.12 2.48
CA ALA A 62 5.72 -11.80 2.99
C ALA A 62 5.59 -13.31 2.86
N GLY A 63 4.36 -13.80 2.90
CA GLY A 63 4.13 -15.23 2.78
C GLY A 63 4.26 -15.73 1.35
N GLU A 64 3.74 -14.94 0.41
CA GLU A 64 3.81 -15.31 -1.00
C GLU A 64 5.24 -15.22 -1.52
N ILE A 65 5.83 -14.04 -1.39
CA ILE A 65 7.20 -13.83 -1.84
C ILE A 65 8.20 -14.53 -0.93
N GLN A 66 7.74 -14.95 0.24
CA GLN A 66 8.59 -15.62 1.21
C GLN A 66 9.68 -14.68 1.71
N ILE A 67 9.32 -13.43 1.94
CA ILE A 67 10.28 -12.44 2.43
C ILE A 67 9.74 -11.72 3.66
N PRO A 68 10.61 -11.51 4.65
CA PRO A 68 10.24 -10.82 5.90
C PRO A 68 9.98 -9.34 5.68
N ALA A 69 9.01 -8.80 6.43
CA ALA A 69 8.66 -7.39 6.32
C ALA A 69 9.91 -6.51 6.34
N ASN A 70 10.93 -6.96 7.05
CA ASN A 70 12.18 -6.22 7.15
C ASN A 70 12.84 -6.07 5.78
N LYS A 71 12.98 -7.18 5.07
CA LYS A 71 13.59 -7.18 3.75
C LYS A 71 12.72 -6.40 2.76
N GLN A 72 11.55 -6.94 2.45
CA GLN A 72 10.63 -6.31 1.52
C GLN A 72 10.26 -4.90 2.00
N LYS A 73 10.32 -3.94 1.08
CA LYS A 73 10.00 -2.56 1.40
C LYS A 73 8.75 -2.11 0.65
N LEU A 74 7.86 -1.42 1.36
CA LEU A 74 6.62 -0.93 0.77
C LEU A 74 6.68 0.58 0.53
N SER A 75 6.43 0.99 -0.71
CA SER A 75 6.47 2.40 -1.07
C SER A 75 5.10 2.87 -1.56
N GLY A 76 4.66 4.01 -1.05
CA GLY A 76 3.37 4.55 -1.44
C GLY A 76 3.50 5.83 -2.26
N LYS A 77 2.41 6.22 -2.91
CA LYS A 77 2.40 7.43 -3.72
C LYS A 77 3.24 8.53 -3.08
N ALA A 78 3.02 8.74 -1.79
CA ALA A 78 3.75 9.76 -1.04
C ALA A 78 5.23 9.41 -0.93
N GLY A 79 5.51 8.14 -0.65
CA GLY A 79 6.88 7.69 -0.52
C GLY A 79 7.01 6.47 0.36
N PHE A 80 8.25 6.13 0.72
CA PHE A 80 8.51 4.97 1.57
C PHE A 80 7.53 4.93 2.75
N LEU A 81 6.62 3.96 2.72
CA LEU A 81 5.63 3.81 3.78
C LEU A 81 6.26 3.23 5.04
N LYS A 82 5.90 3.79 6.19
CA LYS A 82 6.44 3.32 7.46
C LYS A 82 5.40 2.50 8.22
N ASP A 83 5.84 1.38 8.79
CA ASP A 83 4.95 0.51 9.54
C ASP A 83 4.27 1.27 10.68
N ASN A 84 4.99 2.23 11.25
CA ASN A 84 4.47 3.03 12.34
C ASN A 84 3.26 3.86 11.90
N MET A 85 3.08 3.97 10.58
CA MET A 85 1.97 4.72 10.03
C MET A 85 0.87 3.78 9.52
N SER A 86 -0.35 4.30 9.43
CA SER A 86 -1.48 3.51 8.98
C SER A 86 -1.72 3.71 7.49
N LEU A 87 -2.74 3.05 6.96
CA LEU A 87 -3.08 3.16 5.54
C LEU A 87 -4.03 4.32 5.29
N ALA A 88 -5.05 4.43 6.14
CA ALA A 88 -6.03 5.50 6.02
C ALA A 88 -5.36 6.86 5.92
N HIS A 89 -4.40 7.10 6.81
CA HIS A 89 -3.67 8.37 6.82
C HIS A 89 -3.08 8.67 5.45
N TYR A 90 -2.37 7.70 4.89
CA TYR A 90 -1.75 7.87 3.58
C TYR A 90 -2.81 7.90 2.48
N ASN A 91 -4.06 7.66 2.86
CA ASN A 91 -5.17 7.66 1.90
C ASN A 91 -5.01 6.53 0.89
N VAL A 92 -4.81 5.31 1.38
CA VAL A 92 -4.64 4.15 0.52
C VAL A 92 -5.81 3.18 0.68
N GLY A 93 -6.53 2.94 -0.41
CA GLY A 93 -7.66 2.03 -0.38
C GLY A 93 -7.95 1.41 -1.73
N ALA A 94 -9.23 1.33 -2.08
CA ALA A 94 -9.64 0.77 -3.35
C ALA A 94 -9.37 1.73 -4.50
N GLY A 95 -8.13 2.16 -4.62
CA GLY A 95 -7.76 3.09 -5.68
C GLY A 95 -6.26 3.32 -5.76
N GLU A 96 -5.63 3.55 -4.60
CA GLU A 96 -4.20 3.79 -4.55
C GLU A 96 -3.42 2.47 -4.68
N ILE A 97 -2.42 2.47 -5.54
CA ILE A 97 -1.60 1.28 -5.75
C ILE A 97 -0.20 1.46 -5.18
N LEU A 98 0.22 0.53 -4.34
CA LEU A 98 1.54 0.57 -3.72
C LEU A 98 2.54 -0.27 -4.49
N THR A 99 3.82 0.02 -4.31
CA THR A 99 4.87 -0.73 -4.99
C THR A 99 5.73 -1.51 -3.99
N LEU A 100 6.05 -2.75 -4.33
CA LEU A 100 6.87 -3.60 -3.47
C LEU A 100 8.27 -3.78 -4.05
N SER A 101 9.28 -3.42 -3.26
CA SER A 101 10.67 -3.55 -3.69
C SER A 101 11.40 -4.60 -2.87
N LEU A 102 12.34 -5.28 -3.49
CA LEU A 102 13.12 -6.32 -2.82
C LEU A 102 14.51 -5.81 -2.48
N ARG A 103 15.13 -6.42 -1.46
CA ARG A 103 16.46 -6.03 -1.03
C ARG A 103 17.53 -6.79 -1.81
N GLU A 104 17.40 -8.11 -1.85
CA GLU A 104 18.36 -8.95 -2.56
C GLU A 104 17.64 -10.04 -3.35
N ARG A 105 16.68 -10.70 -2.70
CA ARG A 105 15.92 -11.76 -3.35
C ARG A 105 15.23 -11.25 -4.61
N SER A 106 15.21 -12.08 -5.65
CA SER A 106 14.59 -11.71 -6.91
C SER A 106 14.52 -12.90 -7.86
N GLY A 107 13.48 -13.72 -7.70
CA GLY A 107 13.32 -14.89 -8.53
C GLY A 107 13.36 -14.55 -10.01
N PRO A 108 13.94 -15.46 -10.82
CA PRO A 108 14.07 -15.27 -12.26
C PRO A 108 12.72 -15.36 -12.97
N SER A 109 11.81 -16.16 -12.42
CA SER A 109 10.48 -16.33 -13.00
C SER A 109 9.43 -15.63 -12.16
N SER A 110 9.44 -15.90 -10.85
CA SER A 110 8.48 -15.31 -9.94
C SER A 110 8.75 -15.74 -8.50
N GLY A 111 8.44 -14.86 -7.56
CA GLY A 111 8.66 -15.17 -6.16
C GLY A 111 7.76 -16.28 -5.66
N GLY A 1 -28.74 12.83 4.42
CA GLY A 1 -28.75 12.19 3.12
C GLY A 1 -27.61 12.66 2.24
N SER A 2 -27.04 11.74 1.47
CA SER A 2 -25.94 12.07 0.58
C SER A 2 -25.34 10.80 -0.03
N SER A 3 -24.40 10.99 -0.96
CA SER A 3 -23.75 9.86 -1.62
C SER A 3 -22.48 10.31 -2.32
N GLY A 4 -22.63 11.14 -3.34
CA GLY A 4 -21.48 11.63 -4.08
C GLY A 4 -20.64 10.51 -4.66
N SER A 5 -19.71 10.86 -5.54
CA SER A 5 -18.84 9.87 -6.17
C SER A 5 -17.86 10.53 -7.12
N SER A 6 -16.72 10.98 -6.58
CA SER A 6 -15.71 11.64 -7.39
C SER A 6 -14.60 12.21 -6.50
N GLY A 7 -13.59 12.79 -7.12
CA GLY A 7 -12.48 13.36 -6.37
C GLY A 7 -11.13 13.07 -7.01
N LYS A 8 -10.37 14.12 -7.28
CA LYS A 8 -9.06 13.97 -7.90
C LYS A 8 -7.96 14.05 -6.85
N PHE A 9 -6.88 13.31 -7.07
CA PHE A 9 -5.75 13.31 -6.15
C PHE A 9 -4.98 14.63 -6.21
N ASP A 10 -5.14 15.45 -5.19
CA ASP A 10 -4.47 16.74 -5.14
C ASP A 10 -3.40 16.76 -4.04
N GLU A 11 -2.16 17.00 -4.45
CA GLU A 11 -1.03 17.03 -3.51
C GLU A 11 -1.30 18.04 -2.39
N SER A 12 -1.70 19.25 -2.77
CA SER A 12 -1.97 20.29 -1.80
C SER A 12 -3.43 20.24 -1.33
N ALA A 13 -3.88 19.05 -0.97
CA ALA A 13 -5.24 18.86 -0.51
C ALA A 13 -5.60 17.38 -0.44
N LEU A 14 -5.11 16.70 0.60
CA LEU A 14 -5.38 15.27 0.78
C LEU A 14 -6.39 15.05 1.91
N VAL A 15 -7.11 13.94 1.82
CA VAL A 15 -8.11 13.60 2.83
C VAL A 15 -7.46 13.01 4.08
N PRO A 16 -7.91 13.45 5.25
CA PRO A 16 -7.38 12.98 6.54
C PRO A 16 -7.77 11.53 6.82
N GLU A 17 -6.90 10.80 7.52
CA GLU A 17 -7.16 9.41 7.85
C GLU A 17 -8.49 9.25 8.58
N ASP A 18 -8.95 10.35 9.20
CA ASP A 18 -10.21 10.34 9.93
C ASP A 18 -11.38 10.13 8.98
N GLN A 19 -11.31 10.75 7.82
CA GLN A 19 -12.37 10.64 6.81
C GLN A 19 -12.11 9.46 5.89
N PHE A 20 -10.89 9.39 5.36
CA PHE A 20 -10.52 8.31 4.44
C PHE A 20 -10.98 6.96 4.98
N LEU A 21 -10.83 6.77 6.28
CA LEU A 21 -11.22 5.52 6.93
C LEU A 21 -12.69 5.19 6.63
N ALA A 22 -13.59 6.04 7.13
CA ALA A 22 -15.02 5.85 6.91
C ALA A 22 -15.35 5.81 5.43
N GLN A 23 -14.84 6.80 4.69
CA GLN A 23 -15.08 6.87 3.25
C GLN A 23 -15.16 5.49 2.64
N HIS A 24 -14.38 4.55 3.17
CA HIS A 24 -14.37 3.19 2.68
C HIS A 24 -14.63 2.19 3.80
N PRO A 25 -15.91 1.84 4.00
CA PRO A 25 -16.32 0.90 5.04
C PRO A 25 -15.87 -0.53 4.75
N GLY A 26 -16.16 -1.44 5.68
CA GLY A 26 -15.77 -2.83 5.50
C GLY A 26 -14.34 -2.98 5.01
N PRO A 27 -14.00 -4.19 4.56
CA PRO A 27 -12.65 -4.50 4.07
C PRO A 27 -12.35 -3.80 2.74
N ALA A 28 -11.15 -3.25 2.63
CA ALA A 28 -10.73 -2.56 1.41
C ALA A 28 -9.64 -3.34 0.67
N THR A 29 -9.92 -3.72 -0.57
CA THR A 29 -8.97 -4.47 -1.38
C THR A 29 -7.80 -3.60 -1.80
N ILE A 30 -6.60 -4.00 -1.42
CA ILE A 30 -5.39 -3.25 -1.76
C ILE A 30 -4.55 -4.01 -2.78
N ARG A 31 -4.13 -3.32 -3.83
CA ARG A 31 -3.31 -3.92 -4.88
C ARG A 31 -1.84 -3.65 -4.63
N VAL A 32 -0.99 -4.62 -4.95
CA VAL A 32 0.44 -4.49 -4.77
C VAL A 32 1.21 -5.08 -5.96
N SER A 33 2.23 -4.36 -6.41
CA SER A 33 3.03 -4.81 -7.54
C SER A 33 3.95 -5.96 -7.13
N LYS A 34 4.15 -6.90 -8.06
CA LYS A 34 4.99 -8.06 -7.80
C LYS A 34 6.47 -7.69 -7.91
N PRO A 35 7.32 -8.44 -7.18
CA PRO A 35 8.77 -8.20 -7.18
C PRO A 35 9.41 -8.58 -8.51
N ASN A 36 9.51 -7.61 -9.42
CA ASN A 36 10.10 -7.84 -10.73
C ASN A 36 10.19 -6.54 -11.52
N GLU A 37 10.94 -6.58 -12.62
CA GLU A 37 11.09 -5.40 -13.47
C GLU A 37 9.80 -5.11 -14.23
N ASN A 38 8.82 -5.98 -14.07
CA ASN A 38 7.54 -5.82 -14.75
C ASN A 38 6.39 -5.76 -13.74
N ASP A 39 5.75 -4.60 -13.66
CA ASP A 39 4.65 -4.40 -12.73
C ASP A 39 3.30 -4.60 -13.44
N GLY A 40 3.34 -5.29 -14.57
CA GLY A 40 2.13 -5.55 -15.33
C GLY A 40 0.95 -5.89 -14.43
N GLN A 41 0.87 -7.15 -14.03
CA GLN A 41 -0.22 -7.60 -13.17
C GLN A 41 0.10 -7.36 -11.70
N PHE A 42 -0.93 -7.26 -10.87
CA PHE A 42 -0.75 -7.02 -9.45
C PHE A 42 -1.49 -8.08 -8.63
N MET A 43 -1.16 -8.16 -7.35
CA MET A 43 -1.79 -9.12 -6.44
C MET A 43 -3.04 -8.54 -5.81
N GLU A 44 -3.79 -9.38 -5.10
CA GLU A 44 -5.01 -8.93 -4.43
C GLU A 44 -4.93 -9.18 -2.93
N ILE A 45 -4.69 -8.12 -2.18
CA ILE A 45 -4.59 -8.22 -0.73
C ILE A 45 -5.61 -7.31 -0.04
N THR A 46 -6.67 -7.92 0.48
CA THR A 46 -7.73 -7.16 1.16
C THR A 46 -7.52 -7.17 2.67
N VAL A 47 -7.73 -6.01 3.30
CA VAL A 47 -7.56 -5.89 4.74
C VAL A 47 -8.88 -5.52 5.41
N GLN A 48 -9.25 -6.28 6.44
CA GLN A 48 -10.49 -6.03 7.16
C GLN A 48 -10.71 -4.54 7.36
N SER A 49 -9.65 -3.82 7.70
CA SER A 49 -9.73 -2.39 7.93
C SER A 49 -8.49 -1.68 7.40
N LEU A 50 -8.66 -0.44 6.93
CA LEU A 50 -7.55 0.34 6.42
C LEU A 50 -6.65 0.83 7.54
N SER A 51 -7.25 1.19 8.67
CA SER A 51 -6.50 1.68 9.81
C SER A 51 -5.23 0.86 10.03
N GLU A 52 -5.31 -0.43 9.70
CA GLU A 52 -4.16 -1.32 9.85
C GLU A 52 -2.86 -0.60 9.54
N ASN A 53 -1.77 -1.06 10.13
CA ASN A 53 -0.46 -0.46 9.91
C ASN A 53 0.28 -1.18 8.79
N VAL A 54 0.85 -0.39 7.87
CA VAL A 54 1.60 -0.94 6.75
C VAL A 54 2.40 -2.18 7.17
N GLY A 55 2.99 -2.11 8.35
CA GLY A 55 3.78 -3.23 8.85
C GLY A 55 3.04 -4.55 8.76
N SER A 56 1.76 -4.54 9.16
CA SER A 56 0.94 -5.75 9.11
C SER A 56 0.77 -6.23 7.68
N LEU A 57 0.49 -5.31 6.77
CA LEU A 57 0.30 -5.64 5.37
C LEU A 57 1.50 -6.40 4.82
N LYS A 58 2.70 -5.98 5.21
CA LYS A 58 3.93 -6.63 4.77
C LYS A 58 3.90 -8.12 5.06
N GLU A 59 3.28 -8.48 6.19
CA GLU A 59 3.18 -9.88 6.59
C GLU A 59 2.44 -10.69 5.55
N LYS A 60 1.34 -10.13 5.05
CA LYS A 60 0.53 -10.80 4.03
C LYS A 60 1.37 -11.17 2.82
N ILE A 61 1.87 -10.15 2.12
CA ILE A 61 2.70 -10.37 0.94
C ILE A 61 3.93 -11.22 1.27
N ALA A 62 4.58 -10.89 2.38
CA ALA A 62 5.76 -11.62 2.80
C ALA A 62 5.61 -13.12 2.55
N GLY A 63 4.37 -13.60 2.60
CA GLY A 63 4.10 -15.01 2.39
C GLY A 63 4.22 -15.39 0.92
N GLU A 64 3.73 -14.53 0.04
CA GLU A 64 3.79 -14.78 -1.39
C GLU A 64 5.23 -14.75 -1.90
N ILE A 65 5.89 -13.62 -1.69
CA ILE A 65 7.28 -13.46 -2.13
C ILE A 65 8.23 -14.22 -1.21
N GLN A 66 7.71 -14.69 -0.09
CA GLN A 66 8.52 -15.44 0.87
C GLN A 66 9.65 -14.58 1.42
N ILE A 67 9.31 -13.35 1.80
CA ILE A 67 10.30 -12.42 2.35
C ILE A 67 9.75 -11.71 3.59
N PRO A 68 10.60 -11.57 4.60
CA PRO A 68 10.23 -10.90 5.86
C PRO A 68 10.04 -9.39 5.68
N ALA A 69 9.05 -8.85 6.36
CA ALA A 69 8.76 -7.41 6.28
C ALA A 69 10.03 -6.59 6.45
N ASN A 70 10.97 -7.12 7.24
CA ASN A 70 12.23 -6.43 7.47
C ASN A 70 13.00 -6.20 6.17
N LYS A 71 13.18 -7.28 5.41
CA LYS A 71 13.89 -7.20 4.14
C LYS A 71 13.07 -6.42 3.11
N GLN A 72 11.94 -6.96 2.71
CA GLN A 72 11.07 -6.32 1.73
C GLN A 72 10.55 -4.98 2.27
N LYS A 73 10.35 -4.03 1.38
CA LYS A 73 9.87 -2.71 1.76
C LYS A 73 8.66 -2.31 0.90
N LEU A 74 7.86 -1.39 1.42
CA LEU A 74 6.68 -0.92 0.69
C LEU A 74 6.80 0.57 0.38
N SER A 75 6.46 0.93 -0.85
CA SER A 75 6.52 2.32 -1.28
C SER A 75 5.16 2.80 -1.79
N GLY A 76 4.76 4.00 -1.35
CA GLY A 76 3.48 4.55 -1.76
C GLY A 76 3.64 5.76 -2.66
N LYS A 77 2.52 6.26 -3.17
CA LYS A 77 2.53 7.43 -4.05
C LYS A 77 3.44 8.52 -3.49
N ALA A 78 3.48 8.63 -2.17
CA ALA A 78 4.31 9.63 -1.51
C ALA A 78 5.76 9.17 -1.42
N GLY A 79 5.95 7.89 -1.09
CA GLY A 79 7.28 7.35 -0.96
C GLY A 79 7.34 6.12 -0.08
N PHE A 80 8.55 5.66 0.23
CA PHE A 80 8.73 4.49 1.07
C PHE A 80 7.87 4.58 2.32
N LEU A 81 6.74 3.90 2.31
CA LEU A 81 5.82 3.90 3.44
C LEU A 81 6.51 3.40 4.71
N LYS A 82 5.90 3.66 5.85
CA LYS A 82 6.46 3.24 7.14
C LYS A 82 5.54 2.23 7.83
N ASP A 83 6.11 1.12 8.25
CA ASP A 83 5.34 0.08 8.93
C ASP A 83 4.53 0.67 10.09
N ASN A 84 4.96 1.82 10.59
CA ASN A 84 4.28 2.48 11.68
C ASN A 84 3.06 3.24 11.19
N MET A 85 3.18 3.85 10.01
CA MET A 85 2.09 4.61 9.41
C MET A 85 0.94 3.69 9.02
N SER A 86 -0.22 4.28 8.76
CA SER A 86 -1.39 3.50 8.38
C SER A 86 -1.66 3.63 6.88
N LEU A 87 -2.71 2.96 6.41
CA LEU A 87 -3.08 3.00 5.00
C LEU A 87 -4.02 4.16 4.71
N ALA A 88 -5.02 4.32 5.56
CA ALA A 88 -5.99 5.39 5.41
C ALA A 88 -5.30 6.76 5.33
N HIS A 89 -4.31 6.97 6.18
CA HIS A 89 -3.57 8.21 6.21
C HIS A 89 -2.87 8.46 4.87
N TYR A 90 -2.31 7.40 4.30
CA TYR A 90 -1.60 7.50 3.03
C TYR A 90 -2.59 7.54 1.87
N ASN A 91 -3.88 7.62 2.19
CA ASN A 91 -4.92 7.66 1.17
C ASN A 91 -4.95 6.36 0.38
N VAL A 92 -4.68 5.25 1.05
CA VAL A 92 -4.69 3.94 0.40
C VAL A 92 -5.94 3.15 0.77
N GLY A 93 -6.75 2.84 -0.25
CA GLY A 93 -7.97 2.08 -0.02
C GLY A 93 -8.78 1.90 -1.28
N ALA A 94 -8.96 0.64 -1.69
CA ALA A 94 -9.73 0.34 -2.89
C ALA A 94 -9.54 1.41 -3.96
N GLY A 95 -8.37 1.41 -4.59
CA GLY A 95 -8.08 2.38 -5.62
C GLY A 95 -6.60 2.68 -5.74
N GLU A 96 -5.95 2.91 -4.61
CA GLU A 96 -4.53 3.21 -4.59
C GLU A 96 -3.69 1.94 -4.70
N ILE A 97 -2.64 2.00 -5.50
CA ILE A 97 -1.76 0.84 -5.69
C ILE A 97 -0.40 1.08 -5.07
N LEU A 98 0.07 0.10 -4.31
CA LEU A 98 1.37 0.21 -3.65
C LEU A 98 2.43 -0.61 -4.40
N THR A 99 3.69 -0.21 -4.26
CA THR A 99 4.79 -0.90 -4.92
C THR A 99 5.62 -1.69 -3.91
N LEU A 100 6.10 -2.85 -4.35
CA LEU A 100 6.91 -3.70 -3.49
C LEU A 100 8.37 -3.70 -3.95
N SER A 101 9.28 -3.40 -3.02
CA SER A 101 10.70 -3.37 -3.32
C SER A 101 11.44 -4.47 -2.57
N LEU A 102 12.40 -5.09 -3.25
CA LEU A 102 13.19 -6.16 -2.65
C LEU A 102 14.52 -5.63 -2.13
N ARG A 103 15.11 -6.35 -1.17
CA ARG A 103 16.38 -5.95 -0.59
C ARG A 103 17.52 -6.79 -1.15
N GLU A 104 17.54 -6.95 -2.48
CA GLU A 104 18.58 -7.73 -3.15
C GLU A 104 19.97 -7.22 -2.77
N ARG A 105 20.63 -7.94 -1.86
CA ARG A 105 21.97 -7.56 -1.41
C ARG A 105 23.03 -8.42 -2.09
N SER A 106 23.47 -7.99 -3.27
CA SER A 106 24.48 -8.73 -4.01
C SER A 106 24.02 -10.16 -4.28
N GLY A 107 23.55 -10.40 -5.50
CA GLY A 107 23.08 -11.72 -5.87
C GLY A 107 23.57 -12.16 -7.24
N PRO A 108 23.49 -13.47 -7.51
CA PRO A 108 23.94 -14.04 -8.79
C PRO A 108 23.02 -13.64 -9.95
N SER A 109 21.71 -13.74 -9.72
CA SER A 109 20.72 -13.40 -10.74
C SER A 109 19.34 -13.22 -10.12
N SER A 110 18.90 -14.23 -9.37
CA SER A 110 17.59 -14.20 -8.73
C SER A 110 17.48 -15.29 -7.67
N GLY A 111 16.67 -15.03 -6.65
CA GLY A 111 16.48 -15.99 -5.58
C GLY A 111 15.35 -16.96 -5.87
N GLY A 1 -18.60 20.21 6.46
CA GLY A 1 -19.27 20.47 5.20
C GLY A 1 -20.53 19.64 5.03
N SER A 2 -21.66 20.31 4.84
CA SER A 2 -22.93 19.63 4.67
C SER A 2 -23.14 19.21 3.21
N SER A 3 -22.05 18.83 2.55
CA SER A 3 -22.10 18.42 1.15
C SER A 3 -21.11 17.31 0.87
N GLY A 4 -21.14 16.78 -0.35
CA GLY A 4 -20.23 15.71 -0.72
C GLY A 4 -19.80 15.80 -2.16
N SER A 5 -19.14 14.75 -2.65
CA SER A 5 -18.66 14.71 -4.04
C SER A 5 -18.07 13.34 -4.37
N SER A 6 -17.32 12.78 -3.42
CA SER A 6 -16.70 11.48 -3.62
C SER A 6 -15.80 11.49 -4.87
N GLY A 7 -14.55 11.90 -4.68
CA GLY A 7 -13.63 11.95 -5.80
C GLY A 7 -12.19 11.72 -5.37
N LYS A 8 -11.26 12.43 -5.99
CA LYS A 8 -9.84 12.31 -5.66
C LYS A 8 -9.36 13.49 -4.83
N PHE A 9 -8.79 13.20 -3.67
CA PHE A 9 -8.29 14.24 -2.78
C PHE A 9 -6.81 14.53 -3.06
N ASP A 10 -6.52 15.76 -3.44
CA ASP A 10 -5.15 16.17 -3.74
C ASP A 10 -4.35 16.36 -2.45
N GLU A 11 -3.02 16.21 -2.56
CA GLU A 11 -2.15 16.36 -1.41
C GLU A 11 -2.58 17.55 -0.55
N SER A 12 -2.82 18.68 -1.20
CA SER A 12 -3.23 19.89 -0.50
C SER A 12 -4.31 19.59 0.53
N ALA A 13 -5.39 18.97 0.07
CA ALA A 13 -6.50 18.61 0.95
C ALA A 13 -6.69 17.10 1.01
N LEU A 14 -5.98 16.45 1.93
CA LEU A 14 -6.07 15.00 2.09
C LEU A 14 -7.05 14.64 3.19
N VAL A 15 -7.66 13.46 3.08
CA VAL A 15 -8.62 12.99 4.06
C VAL A 15 -7.92 12.48 5.31
N PRO A 16 -8.47 12.82 6.48
CA PRO A 16 -7.92 12.39 7.77
C PRO A 16 -8.09 10.90 8.02
N GLU A 17 -7.23 10.33 8.85
CA GLU A 17 -7.29 8.90 9.16
C GLU A 17 -8.59 8.56 9.87
N ASP A 18 -9.30 9.59 10.32
CA ASP A 18 -10.56 9.40 11.03
C ASP A 18 -11.71 9.24 10.04
N GLN A 19 -11.76 10.10 9.03
CA GLN A 19 -12.81 10.05 8.02
C GLN A 19 -12.51 8.97 6.98
N PHE A 20 -11.38 9.11 6.30
CA PHE A 20 -10.98 8.15 5.28
C PHE A 20 -11.28 6.72 5.73
N LEU A 21 -11.15 6.47 7.03
CA LEU A 21 -11.41 5.15 7.58
C LEU A 21 -12.85 4.74 7.35
N ALA A 22 -13.78 5.59 7.75
CA ALA A 22 -15.21 5.30 7.59
C ALA A 22 -15.61 5.40 6.12
N GLN A 23 -15.10 6.42 5.43
CA GLN A 23 -15.40 6.62 4.02
C GLN A 23 -15.47 5.28 3.28
N HIS A 24 -14.66 4.33 3.72
CA HIS A 24 -14.63 3.01 3.11
C HIS A 24 -14.88 1.92 4.14
N PRO A 25 -16.15 1.53 4.30
CA PRO A 25 -16.55 0.49 5.26
C PRO A 25 -16.08 -0.90 4.84
N GLY A 26 -16.32 -1.88 5.69
CA GLY A 26 -15.91 -3.24 5.39
C GLY A 26 -14.47 -3.33 4.95
N PRO A 27 -14.02 -4.56 4.64
CA PRO A 27 -12.64 -4.81 4.21
C PRO A 27 -12.37 -4.25 2.81
N ALA A 28 -11.19 -3.66 2.64
CA ALA A 28 -10.80 -3.09 1.36
C ALA A 28 -9.74 -3.94 0.67
N THR A 29 -9.67 -3.85 -0.65
CA THR A 29 -8.70 -4.62 -1.42
C THR A 29 -7.61 -3.71 -1.99
N ILE A 30 -6.40 -3.84 -1.46
CA ILE A 30 -5.28 -3.03 -1.92
C ILE A 30 -4.52 -3.72 -3.03
N ARG A 31 -4.19 -2.97 -4.07
CA ARG A 31 -3.46 -3.52 -5.22
C ARG A 31 -1.95 -3.37 -5.02
N VAL A 32 -1.23 -4.48 -5.09
CA VAL A 32 0.21 -4.48 -4.92
C VAL A 32 0.91 -5.08 -6.14
N SER A 33 1.90 -4.37 -6.66
CA SER A 33 2.64 -4.82 -7.83
C SER A 33 3.62 -5.93 -7.44
N LYS A 34 3.99 -6.75 -8.43
CA LYS A 34 4.92 -7.85 -8.19
C LYS A 34 6.34 -7.32 -7.98
N PRO A 35 7.16 -8.09 -7.26
CA PRO A 35 8.55 -7.73 -6.97
C PRO A 35 9.43 -7.81 -8.21
N ASN A 36 8.85 -8.25 -9.32
CA ASN A 36 9.58 -8.36 -10.58
C ASN A 36 8.70 -8.96 -11.67
N GLU A 37 8.24 -10.19 -11.46
CA GLU A 37 7.39 -10.87 -12.43
C GLU A 37 6.35 -9.91 -13.00
N ASN A 38 6.61 -9.41 -14.20
CA ASN A 38 5.70 -8.49 -14.87
C ASN A 38 5.47 -7.24 -14.02
N ASP A 39 4.96 -6.19 -14.63
CA ASP A 39 4.70 -4.94 -13.94
C ASP A 39 3.21 -4.64 -13.90
N GLY A 40 2.49 -5.06 -14.95
CA GLY A 40 1.06 -4.82 -15.02
C GLY A 40 0.30 -5.59 -13.95
N GLN A 41 -0.07 -6.83 -14.28
CA GLN A 41 -0.82 -7.67 -13.34
C GLN A 41 -0.36 -7.41 -11.91
N PHE A 42 -1.32 -7.47 -10.98
CA PHE A 42 -1.02 -7.23 -9.57
C PHE A 42 -1.77 -8.24 -8.69
N MET A 43 -1.44 -8.24 -7.41
CA MET A 43 -2.07 -9.15 -6.46
C MET A 43 -3.26 -8.49 -5.78
N GLU A 44 -4.04 -9.29 -5.06
CA GLU A 44 -5.22 -8.78 -4.36
C GLU A 44 -5.12 -9.04 -2.86
N ILE A 45 -4.65 -8.05 -2.12
CA ILE A 45 -4.50 -8.15 -0.68
C ILE A 45 -5.60 -7.38 0.05
N THR A 46 -6.56 -8.10 0.61
CA THR A 46 -7.66 -7.49 1.33
C THR A 46 -7.39 -7.46 2.83
N VAL A 47 -7.70 -6.34 3.46
CA VAL A 47 -7.50 -6.18 4.90
C VAL A 47 -8.81 -5.92 5.62
N GLN A 48 -9.05 -6.69 6.68
CA GLN A 48 -10.28 -6.54 7.46
C GLN A 48 -10.63 -5.06 7.65
N SER A 49 -9.61 -4.24 7.83
CA SER A 49 -9.80 -2.81 8.04
C SER A 49 -8.55 -2.03 7.64
N LEU A 50 -8.76 -0.79 7.18
CA LEU A 50 -7.65 0.05 6.75
C LEU A 50 -6.84 0.52 7.95
N SER A 51 -7.53 0.87 9.04
CA SER A 51 -6.87 1.33 10.26
C SER A 51 -5.58 0.56 10.49
N GLU A 52 -5.55 -0.69 10.04
CA GLU A 52 -4.37 -1.53 10.21
C GLU A 52 -3.09 -0.74 9.95
N ASN A 53 -1.96 -1.30 10.39
CA ASN A 53 -0.67 -0.65 10.21
C ASN A 53 0.05 -1.20 8.97
N VAL A 54 0.75 -0.33 8.26
CA VAL A 54 1.48 -0.74 7.07
C VAL A 54 2.38 -1.94 7.36
N GLY A 55 2.64 -2.18 8.63
CA GLY A 55 3.48 -3.31 9.02
C GLY A 55 2.78 -4.64 8.82
N SER A 56 1.54 -4.73 9.27
CA SER A 56 0.77 -5.97 9.13
C SER A 56 0.65 -6.37 7.67
N LEU A 57 0.51 -5.37 6.79
CA LEU A 57 0.37 -5.62 5.37
C LEU A 57 1.56 -6.42 4.84
N LYS A 58 2.76 -5.95 5.13
CA LYS A 58 3.98 -6.62 4.69
C LYS A 58 3.92 -8.11 5.01
N GLU A 59 3.34 -8.45 6.15
CA GLU A 59 3.23 -9.85 6.57
C GLU A 59 2.41 -10.64 5.55
N LYS A 60 1.31 -10.06 5.09
CA LYS A 60 0.45 -10.71 4.12
C LYS A 60 1.25 -11.20 2.91
N ILE A 61 1.79 -10.27 2.15
CA ILE A 61 2.58 -10.60 0.98
C ILE A 61 3.83 -11.38 1.36
N ALA A 62 4.43 -11.01 2.49
CA ALA A 62 5.63 -11.68 2.97
C ALA A 62 5.53 -13.19 2.78
N GLY A 63 4.31 -13.70 2.83
CA GLY A 63 4.11 -15.13 2.66
C GLY A 63 4.27 -15.58 1.22
N GLU A 64 3.68 -14.84 0.30
CA GLU A 64 3.77 -15.16 -1.13
C GLU A 64 5.22 -15.09 -1.61
N ILE A 65 5.83 -13.93 -1.43
CA ILE A 65 7.22 -13.72 -1.85
C ILE A 65 8.18 -14.44 -0.91
N GLN A 66 7.67 -14.86 0.24
CA GLN A 66 8.49 -15.56 1.23
C GLN A 66 9.60 -14.65 1.75
N ILE A 67 9.27 -13.39 1.99
CA ILE A 67 10.24 -12.43 2.49
C ILE A 67 9.70 -11.68 3.71
N PRO A 68 10.56 -11.50 4.71
CA PRO A 68 10.20 -10.80 5.95
C PRO A 68 9.98 -9.30 5.74
N ALA A 69 8.93 -8.78 6.34
CA ALA A 69 8.61 -7.36 6.21
C ALA A 69 9.86 -6.50 6.30
N ASN A 70 10.85 -6.99 7.05
CA ASN A 70 12.11 -6.27 7.22
C ASN A 70 12.84 -6.14 5.89
N LYS A 71 12.96 -7.25 5.17
CA LYS A 71 13.64 -7.27 3.88
C LYS A 71 12.84 -6.50 2.84
N GLN A 72 11.63 -6.95 2.55
CA GLN A 72 10.77 -6.30 1.58
C GLN A 72 10.38 -4.90 2.05
N LYS A 73 10.40 -3.94 1.13
CA LYS A 73 10.06 -2.56 1.44
C LYS A 73 8.83 -2.12 0.64
N LEU A 74 7.96 -1.35 1.29
CA LEU A 74 6.75 -0.85 0.64
C LEU A 74 6.84 0.65 0.40
N SER A 75 6.60 1.07 -0.83
CA SER A 75 6.65 2.48 -1.20
C SER A 75 5.29 2.96 -1.69
N GLY A 76 4.89 4.13 -1.21
CA GLY A 76 3.60 4.70 -1.61
C GLY A 76 3.75 6.02 -2.33
N LYS A 77 2.64 6.52 -2.87
CA LYS A 77 2.65 7.79 -3.59
C LYS A 77 3.53 8.81 -2.88
N ALA A 78 3.38 8.92 -1.56
CA ALA A 78 4.16 9.86 -0.77
C ALA A 78 5.61 9.39 -0.66
N GLY A 79 5.80 8.09 -0.46
CA GLY A 79 7.14 7.55 -0.34
C GLY A 79 7.18 6.32 0.55
N PHE A 80 8.38 5.89 0.90
CA PHE A 80 8.56 4.71 1.75
C PHE A 80 7.59 4.74 2.92
N LEU A 81 6.65 3.80 2.93
CA LEU A 81 5.66 3.72 4.00
C LEU A 81 6.28 3.15 5.28
N LYS A 82 5.87 3.70 6.42
CA LYS A 82 6.39 3.24 7.71
C LYS A 82 5.29 2.54 8.51
N ASP A 83 5.64 1.40 9.09
CA ASP A 83 4.68 0.63 9.90
C ASP A 83 4.06 1.51 10.99
N ASN A 84 4.84 2.47 11.47
CA ASN A 84 4.37 3.37 12.52
C ASN A 84 3.14 4.15 12.07
N MET A 85 2.89 4.12 10.76
CA MET A 85 1.75 4.83 10.19
C MET A 85 0.70 3.85 9.67
N SER A 86 -0.54 4.29 9.58
CA SER A 86 -1.63 3.45 9.10
C SER A 86 -1.89 3.69 7.62
N LEU A 87 -2.86 2.96 7.07
CA LEU A 87 -3.21 3.09 5.66
C LEU A 87 -4.19 4.24 5.45
N ALA A 88 -5.26 4.24 6.23
CA ALA A 88 -6.28 5.28 6.13
C ALA A 88 -5.64 6.66 5.99
N HIS A 89 -4.79 7.01 6.95
CA HIS A 89 -4.12 8.30 6.93
C HIS A 89 -3.51 8.59 5.56
N TYR A 90 -2.70 7.65 5.07
CA TYR A 90 -2.06 7.80 3.77
C TYR A 90 -3.10 7.90 2.66
N ASN A 91 -4.33 7.52 2.97
CA ASN A 91 -5.42 7.57 1.99
C ASN A 91 -5.28 6.47 0.95
N VAL A 92 -4.98 5.25 1.42
CA VAL A 92 -4.81 4.11 0.53
C VAL A 92 -5.94 3.10 0.72
N GLY A 93 -6.67 2.83 -0.35
CA GLY A 93 -7.77 1.89 -0.29
C GLY A 93 -8.00 1.16 -1.60
N ALA A 94 -9.26 1.01 -1.99
CA ALA A 94 -9.59 0.33 -3.23
C ALA A 94 -9.37 1.24 -4.43
N GLY A 95 -8.17 1.82 -4.52
CA GLY A 95 -7.86 2.71 -5.62
C GLY A 95 -6.37 2.99 -5.73
N GLU A 96 -5.73 3.23 -4.58
CA GLU A 96 -4.30 3.51 -4.55
C GLU A 96 -3.50 2.24 -4.73
N ILE A 97 -2.41 2.34 -5.51
CA ILE A 97 -1.55 1.19 -5.76
C ILE A 97 -0.16 1.41 -5.17
N LEU A 98 0.29 0.47 -4.36
CA LEU A 98 1.61 0.56 -3.73
C LEU A 98 2.63 -0.27 -4.49
N THR A 99 3.90 0.06 -4.33
CA THR A 99 4.98 -0.66 -5.00
C THR A 99 5.79 -1.49 -4.01
N LEU A 100 6.16 -2.70 -4.42
CA LEU A 100 6.94 -3.59 -3.57
C LEU A 100 8.35 -3.76 -4.11
N SER A 101 9.34 -3.44 -3.27
CA SER A 101 10.74 -3.56 -3.67
C SER A 101 11.45 -4.63 -2.84
N LEU A 102 12.26 -5.44 -3.52
CA LEU A 102 12.99 -6.51 -2.84
C LEU A 102 14.39 -6.04 -2.45
N ARG A 103 15.02 -6.77 -1.54
CA ARG A 103 16.36 -6.43 -1.07
C ARG A 103 17.36 -7.49 -1.48
N GLU A 104 16.99 -8.77 -1.28
CA GLU A 104 17.87 -9.87 -1.63
C GLU A 104 17.11 -11.20 -1.57
N ARG A 105 17.49 -12.14 -2.42
CA ARG A 105 16.85 -13.44 -2.46
C ARG A 105 17.69 -14.44 -3.25
N SER A 106 17.74 -15.68 -2.77
CA SER A 106 18.52 -16.73 -3.43
C SER A 106 18.26 -16.74 -4.92
N GLY A 107 19.16 -17.38 -5.67
CA GLY A 107 19.01 -17.44 -7.12
C GLY A 107 19.91 -18.49 -7.73
N PRO A 108 19.47 -19.75 -7.70
CA PRO A 108 20.22 -20.88 -8.27
C PRO A 108 20.28 -20.82 -9.79
N SER A 109 21.07 -21.72 -10.37
CA SER A 109 21.21 -21.78 -11.82
C SER A 109 21.86 -20.51 -12.36
N SER A 110 22.70 -20.66 -13.38
CA SER A 110 23.39 -19.52 -13.98
C SER A 110 22.39 -18.50 -14.49
N GLY A 111 22.79 -17.23 -14.47
CA GLY A 111 21.92 -16.17 -14.94
C GLY A 111 21.24 -15.43 -13.79
N GLY A 1 -25.97 18.94 -13.20
CA GLY A 1 -26.43 17.68 -13.75
C GLY A 1 -25.32 16.67 -13.90
N SER A 2 -24.52 16.82 -14.97
CA SER A 2 -23.41 15.91 -15.23
C SER A 2 -22.21 16.25 -14.35
N SER A 3 -21.33 15.27 -14.19
CA SER A 3 -20.13 15.46 -13.37
C SER A 3 -18.99 14.61 -13.88
N GLY A 4 -17.77 14.92 -13.44
CA GLY A 4 -16.60 14.18 -13.86
C GLY A 4 -15.35 15.05 -13.93
N SER A 5 -14.72 15.26 -12.78
CA SER A 5 -13.51 16.08 -12.71
C SER A 5 -12.32 15.32 -13.29
N SER A 6 -11.20 16.03 -13.42
CA SER A 6 -9.98 15.43 -13.96
C SER A 6 -9.47 14.32 -13.06
N GLY A 7 -8.96 13.26 -13.67
CA GLY A 7 -8.45 12.13 -12.91
C GLY A 7 -7.08 12.40 -12.32
N LYS A 8 -7.02 13.37 -11.41
CA LYS A 8 -5.76 13.72 -10.76
C LYS A 8 -5.87 13.61 -9.25
N PHE A 9 -4.76 13.28 -8.60
CA PHE A 9 -4.74 13.13 -7.14
C PHE A 9 -4.23 14.41 -6.48
N ASP A 10 -5.14 15.18 -5.92
CA ASP A 10 -4.79 16.44 -5.25
C ASP A 10 -3.91 16.16 -4.03
N GLU A 11 -2.86 16.96 -3.86
CA GLU A 11 -1.95 16.80 -2.74
C GLU A 11 -2.17 17.91 -1.71
N SER A 12 -2.75 19.02 -2.15
CA SER A 12 -3.02 20.15 -1.26
C SER A 12 -4.21 19.86 -0.36
N ALA A 13 -5.27 19.31 -0.94
CA ALA A 13 -6.48 18.99 -0.19
C ALA A 13 -6.64 17.48 -0.05
N LEU A 14 -5.86 16.89 0.86
CA LEU A 14 -5.94 15.45 1.09
C LEU A 14 -6.95 15.12 2.17
N VAL A 15 -7.55 13.94 2.07
CA VAL A 15 -8.54 13.49 3.06
C VAL A 15 -7.87 12.97 4.31
N PRO A 16 -8.42 13.36 5.48
CA PRO A 16 -7.89 12.94 6.78
C PRO A 16 -8.13 11.47 7.05
N GLU A 17 -7.28 10.88 7.89
CA GLU A 17 -7.41 9.46 8.23
C GLU A 17 -8.71 9.19 8.97
N ASP A 18 -9.33 10.26 9.47
CA ASP A 18 -10.59 10.14 10.20
C ASP A 18 -11.75 9.92 9.25
N GLN A 19 -11.73 10.61 8.11
CA GLN A 19 -12.79 10.49 7.12
C GLN A 19 -12.51 9.33 6.17
N PHE A 20 -11.33 9.35 5.54
CA PHE A 20 -10.96 8.30 4.61
C PHE A 20 -11.37 6.93 5.14
N LEU A 21 -11.13 6.70 6.43
CA LEU A 21 -11.48 5.43 7.05
C LEU A 21 -12.93 5.05 6.76
N ALA A 22 -13.85 5.86 7.25
CA ALA A 22 -15.28 5.62 7.04
C ALA A 22 -15.61 5.58 5.54
N GLN A 23 -15.12 6.57 4.80
CA GLN A 23 -15.37 6.63 3.38
C GLN A 23 -15.41 5.24 2.75
N HIS A 24 -14.61 4.33 3.31
CA HIS A 24 -14.57 2.96 2.81
C HIS A 24 -14.78 1.96 3.95
N PRO A 25 -16.03 1.57 4.17
CA PRO A 25 -16.40 0.62 5.23
C PRO A 25 -15.91 -0.79 4.93
N GLY A 26 -16.16 -1.71 5.86
CA GLY A 26 -15.74 -3.08 5.67
C GLY A 26 -14.31 -3.20 5.19
N PRO A 27 -13.91 -4.41 4.79
CA PRO A 27 -12.55 -4.68 4.31
C PRO A 27 -12.29 -4.05 2.94
N ALA A 28 -11.10 -3.47 2.77
CA ALA A 28 -10.74 -2.83 1.51
C ALA A 28 -9.67 -3.64 0.79
N THR A 29 -9.91 -3.93 -0.49
CA THR A 29 -8.97 -4.70 -1.29
C THR A 29 -7.83 -3.81 -1.79
N ILE A 30 -6.65 -4.00 -1.22
CA ILE A 30 -5.48 -3.23 -1.61
C ILE A 30 -4.77 -3.86 -2.79
N ARG A 31 -3.99 -3.06 -3.52
CA ARG A 31 -3.26 -3.53 -4.68
C ARG A 31 -1.75 -3.39 -4.47
N VAL A 32 -1.00 -4.43 -4.85
CA VAL A 32 0.44 -4.42 -4.69
C VAL A 32 1.13 -4.96 -5.94
N SER A 33 2.06 -4.17 -6.48
CA SER A 33 2.79 -4.57 -7.68
C SER A 33 3.80 -5.67 -7.37
N LYS A 34 4.20 -6.40 -8.40
CA LYS A 34 5.15 -7.49 -8.25
C LYS A 34 6.55 -6.95 -7.96
N PRO A 35 7.37 -7.75 -7.28
CA PRO A 35 8.74 -7.37 -6.93
C PRO A 35 9.66 -7.32 -8.15
N ASN A 36 10.64 -6.43 -8.10
CA ASN A 36 11.59 -6.28 -9.21
C ASN A 36 10.87 -5.83 -10.47
N GLU A 37 11.65 -5.31 -11.43
CA GLU A 37 11.09 -4.83 -12.69
C GLU A 37 9.93 -5.71 -13.14
N ASN A 38 8.71 -5.23 -12.92
CA ASN A 38 7.51 -5.98 -13.31
C ASN A 38 6.29 -5.07 -13.34
N ASP A 39 5.83 -4.75 -14.55
CA ASP A 39 4.66 -3.88 -14.71
C ASP A 39 3.52 -4.64 -15.39
N GLY A 40 3.55 -5.97 -15.27
CA GLY A 40 2.51 -6.79 -15.88
C GLY A 40 1.22 -6.77 -15.08
N GLN A 41 1.13 -7.66 -14.10
CA GLN A 41 -0.05 -7.75 -13.26
C GLN A 41 0.29 -7.46 -11.80
N PHE A 42 -0.73 -7.47 -10.94
CA PHE A 42 -0.53 -7.20 -9.53
C PHE A 42 -1.30 -8.21 -8.67
N MET A 43 -1.07 -8.17 -7.37
CA MET A 43 -1.73 -9.08 -6.44
C MET A 43 -2.95 -8.41 -5.80
N GLU A 44 -3.73 -9.19 -5.06
CA GLU A 44 -4.92 -8.67 -4.40
C GLU A 44 -4.87 -8.96 -2.90
N ILE A 45 -4.49 -7.95 -2.12
CA ILE A 45 -4.39 -8.09 -0.67
C ILE A 45 -5.47 -7.27 0.03
N THR A 46 -6.47 -7.95 0.58
CA THR A 46 -7.57 -7.28 1.27
C THR A 46 -7.33 -7.27 2.77
N VAL A 47 -7.60 -6.14 3.41
CA VAL A 47 -7.42 -6.00 4.85
C VAL A 47 -8.75 -5.76 5.55
N GLN A 48 -8.97 -6.45 6.66
CA GLN A 48 -10.21 -6.29 7.42
C GLN A 48 -10.54 -4.83 7.63
N SER A 49 -9.52 -4.03 7.92
CA SER A 49 -9.71 -2.60 8.15
C SER A 49 -8.52 -1.80 7.63
N LEU A 50 -8.79 -0.65 7.04
CA LEU A 50 -7.74 0.21 6.51
C LEU A 50 -6.85 0.73 7.62
N SER A 51 -7.45 1.12 8.74
CA SER A 51 -6.72 1.64 9.88
C SER A 51 -5.43 0.84 10.10
N GLU A 52 -5.48 -0.44 9.77
CA GLU A 52 -4.32 -1.31 9.94
C GLU A 52 -3.02 -0.57 9.59
N ASN A 53 -1.91 -1.06 10.12
CA ASN A 53 -0.61 -0.45 9.87
C ASN A 53 0.07 -1.07 8.65
N VAL A 54 0.73 -0.24 7.85
CA VAL A 54 1.41 -0.71 6.66
C VAL A 54 2.28 -1.93 6.97
N GLY A 55 2.74 -2.02 8.22
CA GLY A 55 3.57 -3.15 8.62
C GLY A 55 2.83 -4.47 8.53
N SER A 56 1.54 -4.45 8.84
CA SER A 56 0.72 -5.66 8.80
C SER A 56 0.60 -6.18 7.38
N LEU A 57 0.51 -5.27 6.42
CA LEU A 57 0.39 -5.64 5.01
C LEU A 57 1.60 -6.46 4.56
N LYS A 58 2.79 -5.97 4.90
CA LYS A 58 4.02 -6.65 4.53
C LYS A 58 3.95 -8.14 4.88
N GLU A 59 3.23 -8.45 5.95
CA GLU A 59 3.08 -9.84 6.38
C GLU A 59 2.26 -10.64 5.38
N LYS A 60 1.15 -10.07 4.93
CA LYS A 60 0.30 -10.73 3.96
C LYS A 60 1.09 -11.20 2.74
N ILE A 61 1.76 -10.27 2.08
CA ILE A 61 2.57 -10.59 0.91
C ILE A 61 3.81 -11.37 1.30
N ALA A 62 4.39 -11.02 2.44
CA ALA A 62 5.59 -11.70 2.92
C ALA A 62 5.50 -13.21 2.71
N GLY A 63 4.27 -13.74 2.78
CA GLY A 63 4.07 -15.16 2.59
C GLY A 63 4.25 -15.58 1.15
N GLU A 64 3.68 -14.80 0.23
CA GLU A 64 3.78 -15.09 -1.19
C GLU A 64 5.22 -15.03 -1.67
N ILE A 65 5.86 -13.89 -1.44
CA ILE A 65 7.25 -13.70 -1.85
C ILE A 65 8.21 -14.38 -0.88
N GLN A 66 7.68 -14.81 0.26
CA GLN A 66 8.48 -15.48 1.27
C GLN A 66 9.59 -14.56 1.78
N ILE A 67 9.23 -13.32 2.08
CA ILE A 67 10.18 -12.34 2.58
C ILE A 67 9.63 -11.60 3.79
N PRO A 68 10.49 -11.41 4.81
CA PRO A 68 10.11 -10.72 6.04
C PRO A 68 9.88 -9.22 5.82
N ALA A 69 8.79 -8.71 6.40
CA ALA A 69 8.46 -7.30 6.26
C ALA A 69 9.71 -6.42 6.37
N ASN A 70 10.73 -6.94 7.05
CA ASN A 70 11.98 -6.21 7.23
C ASN A 70 12.72 -6.08 5.90
N LYS A 71 12.94 -7.21 5.24
CA LYS A 71 13.64 -7.23 3.96
C LYS A 71 12.87 -6.44 2.91
N GLN A 72 11.68 -6.92 2.58
CA GLN A 72 10.84 -6.25 1.58
C GLN A 72 10.36 -4.90 2.10
N LYS A 73 10.35 -3.90 1.22
CA LYS A 73 9.91 -2.56 1.58
C LYS A 73 8.70 -2.14 0.76
N LEU A 74 7.79 -1.40 1.39
CA LEU A 74 6.59 -0.93 0.71
C LEU A 74 6.65 0.57 0.45
N SER A 75 6.44 0.95 -0.81
CA SER A 75 6.47 2.36 -1.21
C SER A 75 5.11 2.81 -1.73
N GLY A 76 4.70 4.00 -1.31
CA GLY A 76 3.42 4.54 -1.74
C GLY A 76 3.57 5.79 -2.59
N LYS A 77 2.48 6.22 -3.21
CA LYS A 77 2.49 7.40 -4.05
C LYS A 77 3.35 8.50 -3.43
N ALA A 78 3.15 8.75 -2.14
CA ALA A 78 3.91 9.78 -1.44
C ALA A 78 5.38 9.37 -1.31
N GLY A 79 5.62 8.12 -0.95
CA GLY A 79 6.98 7.63 -0.80
C GLY A 79 7.07 6.43 0.11
N PHE A 80 8.29 6.13 0.57
CA PHE A 80 8.50 4.99 1.46
C PHE A 80 7.48 4.97 2.59
N LEU A 81 6.58 4.00 2.55
CA LEU A 81 5.55 3.86 3.57
C LEU A 81 6.13 3.33 4.88
N LYS A 82 5.80 3.98 5.98
CA LYS A 82 6.28 3.56 7.28
C LYS A 82 5.25 2.69 8.00
N ASP A 83 5.70 1.56 8.54
CA ASP A 83 4.82 0.65 9.24
C ASP A 83 4.04 1.38 10.33
N ASN A 84 4.68 2.36 10.97
CA ASN A 84 4.05 3.13 12.02
C ASN A 84 2.83 3.88 11.49
N MET A 85 2.82 4.14 10.19
CA MET A 85 1.72 4.85 9.55
C MET A 85 0.66 3.87 9.06
N SER A 86 -0.59 4.32 9.03
CA SER A 86 -1.71 3.49 8.59
C SER A 86 -1.91 3.62 7.07
N LEU A 87 -2.91 2.92 6.56
CA LEU A 87 -3.22 2.96 5.13
C LEU A 87 -4.15 4.13 4.81
N ALA A 88 -5.08 4.41 5.72
CA ALA A 88 -6.02 5.50 5.53
C ALA A 88 -5.30 6.84 5.47
N HIS A 89 -4.31 7.01 6.34
CA HIS A 89 -3.53 8.25 6.39
C HIS A 89 -2.91 8.56 5.02
N TYR A 90 -2.53 7.51 4.31
CA TYR A 90 -1.92 7.66 2.99
C TYR A 90 -2.99 7.69 1.89
N ASN A 91 -4.24 7.71 2.30
CA ASN A 91 -5.35 7.74 1.36
C ASN A 91 -5.38 6.47 0.51
N VAL A 92 -5.11 5.34 1.15
CA VAL A 92 -5.09 4.04 0.46
C VAL A 92 -6.33 3.23 0.81
N GLY A 93 -7.22 3.06 -0.17
CA GLY A 93 -8.44 2.30 0.06
C GLY A 93 -9.06 1.82 -1.24
N ALA A 94 -8.93 0.51 -1.50
CA ALA A 94 -9.48 -0.08 -2.71
C ALA A 94 -9.40 0.89 -3.89
N GLY A 95 -8.24 1.53 -4.04
CA GLY A 95 -8.06 2.48 -5.13
C GLY A 95 -6.60 2.79 -5.37
N GLU A 96 -5.84 2.95 -4.30
CA GLU A 96 -4.41 3.26 -4.42
C GLU A 96 -3.59 1.98 -4.54
N ILE A 97 -2.52 2.06 -5.32
CA ILE A 97 -1.65 0.91 -5.53
C ILE A 97 -0.32 1.08 -4.79
N LEU A 98 0.20 -0.02 -4.25
CA LEU A 98 1.46 0.00 -3.52
C LEU A 98 2.55 -0.75 -4.29
N THR A 99 3.78 -0.25 -4.19
CA THR A 99 4.91 -0.88 -4.88
C THR A 99 5.76 -1.69 -3.90
N LEU A 100 6.23 -2.85 -4.34
CA LEU A 100 7.04 -3.72 -3.51
C LEU A 100 8.49 -3.74 -4.01
N SER A 101 9.41 -3.35 -3.15
CA SER A 101 10.84 -3.34 -3.50
C SER A 101 11.60 -4.39 -2.70
N LEU A 102 12.47 -5.11 -3.40
CA LEU A 102 13.28 -6.15 -2.76
C LEU A 102 14.64 -5.61 -2.34
N ARG A 103 15.15 -6.11 -1.22
CA ARG A 103 16.44 -5.68 -0.71
C ARG A 103 17.58 -6.46 -1.37
N GLU A 104 17.37 -7.77 -1.53
CA GLU A 104 18.38 -8.62 -2.14
C GLU A 104 19.64 -8.68 -1.28
N ARG A 105 19.99 -9.88 -0.82
CA ARG A 105 21.17 -10.06 0.00
C ARG A 105 22.45 -9.90 -0.83
N SER A 106 23.28 -8.94 -0.43
CA SER A 106 24.53 -8.68 -1.15
C SER A 106 25.22 -9.98 -1.52
N GLY A 107 25.25 -10.28 -2.82
CA GLY A 107 25.89 -11.49 -3.29
C GLY A 107 26.41 -11.37 -4.71
N PRO A 108 25.60 -11.79 -5.68
CA PRO A 108 25.95 -11.73 -7.11
C PRO A 108 26.00 -10.30 -7.64
N SER A 109 27.17 -9.88 -8.08
CA SER A 109 27.35 -8.53 -8.61
C SER A 109 28.52 -8.47 -9.57
N SER A 110 29.65 -9.05 -9.16
CA SER A 110 30.85 -9.07 -9.99
C SER A 110 31.39 -10.49 -10.13
N GLY A 111 31.76 -11.08 -9.01
CA GLY A 111 32.29 -12.44 -9.02
C GLY A 111 31.59 -13.36 -8.05
N GLY A 1 -12.66 24.47 6.96
CA GLY A 1 -12.58 23.69 5.74
C GLY A 1 -13.82 23.81 4.88
N SER A 2 -13.93 22.96 3.88
CA SER A 2 -15.08 22.98 2.98
C SER A 2 -15.43 21.57 2.51
N SER A 3 -14.44 20.86 2.00
CA SER A 3 -14.64 19.50 1.52
C SER A 3 -15.66 19.48 0.38
N GLY A 4 -15.64 18.40 -0.41
CA GLY A 4 -16.57 18.28 -1.52
C GLY A 4 -15.86 18.00 -2.83
N SER A 5 -15.20 16.85 -2.92
CA SER A 5 -14.47 16.48 -4.13
C SER A 5 -14.37 14.97 -4.25
N SER A 6 -14.34 14.48 -5.49
CA SER A 6 -14.25 13.05 -5.75
C SER A 6 -13.60 12.78 -7.10
N GLY A 7 -12.27 12.80 -7.13
CA GLY A 7 -11.55 12.55 -8.36
C GLY A 7 -10.14 13.13 -8.34
N LYS A 8 -10.05 14.45 -8.23
CA LYS A 8 -8.76 15.12 -8.19
C LYS A 8 -8.16 15.07 -6.78
N PHE A 9 -6.83 15.06 -6.71
CA PHE A 9 -6.12 15.00 -5.44
C PHE A 9 -5.29 16.27 -5.22
N ASP A 10 -5.66 17.04 -4.20
CA ASP A 10 -4.95 18.27 -3.88
C ASP A 10 -4.15 18.12 -2.60
N GLU A 11 -2.94 18.67 -2.59
CA GLU A 11 -2.07 18.59 -1.42
C GLU A 11 -2.38 19.72 -0.44
N SER A 12 -3.67 19.97 -0.23
CA SER A 12 -4.10 21.02 0.68
C SER A 12 -5.15 20.50 1.65
N ALA A 13 -6.24 19.98 1.11
CA ALA A 13 -7.33 19.44 1.93
C ALA A 13 -7.35 17.92 1.89
N LEU A 14 -6.50 17.29 2.70
CA LEU A 14 -6.42 15.83 2.75
C LEU A 14 -7.39 15.26 3.77
N VAL A 15 -7.89 14.07 3.51
CA VAL A 15 -8.83 13.42 4.41
C VAL A 15 -8.11 12.79 5.60
N PRO A 16 -8.60 13.09 6.81
CA PRO A 16 -8.02 12.56 8.06
C PRO A 16 -8.23 11.06 8.22
N GLU A 17 -7.28 10.39 8.85
CA GLU A 17 -7.38 8.96 9.07
C GLU A 17 -8.71 8.59 9.73
N ASP A 18 -9.29 9.55 10.43
CA ASP A 18 -10.57 9.34 11.11
C ASP A 18 -11.71 9.21 10.10
N GLN A 19 -11.78 10.17 9.17
CA GLN A 19 -12.82 10.16 8.15
C GLN A 19 -12.56 9.09 7.10
N PHE A 20 -11.32 9.01 6.64
CA PHE A 20 -10.94 8.02 5.64
C PHE A 20 -11.34 6.62 6.08
N LEU A 21 -11.23 6.35 7.38
CA LEU A 21 -11.58 5.05 7.94
C LEU A 21 -13.03 4.70 7.62
N ALA A 22 -13.95 5.51 8.12
CA ALA A 22 -15.37 5.29 7.88
C ALA A 22 -15.70 5.38 6.41
N GLN A 23 -15.21 6.43 5.75
CA GLN A 23 -15.46 6.64 4.33
C GLN A 23 -15.49 5.31 3.58
N HIS A 24 -14.69 4.35 4.05
CA HIS A 24 -14.63 3.04 3.43
C HIS A 24 -14.82 1.94 4.46
N PRO A 25 -16.08 1.52 4.66
CA PRO A 25 -16.42 0.46 5.61
C PRO A 25 -15.93 -0.91 5.18
N GLY A 26 -16.10 -1.90 6.05
CA GLY A 26 -15.65 -3.25 5.73
C GLY A 26 -14.23 -3.29 5.23
N PRO A 27 -13.77 -4.49 4.83
CA PRO A 27 -12.41 -4.68 4.32
C PRO A 27 -12.21 -4.04 2.96
N ALA A 28 -11.05 -3.43 2.76
CA ALA A 28 -10.72 -2.77 1.50
C ALA A 28 -9.62 -3.51 0.76
N THR A 29 -9.89 -3.91 -0.48
CA THR A 29 -8.92 -4.62 -1.29
C THR A 29 -7.79 -3.69 -1.75
N ILE A 30 -6.56 -4.03 -1.38
CA ILE A 30 -5.40 -3.24 -1.76
C ILE A 30 -4.55 -3.96 -2.80
N ARG A 31 -4.29 -3.28 -3.91
CA ARG A 31 -3.49 -3.86 -4.99
C ARG A 31 -2.00 -3.65 -4.73
N VAL A 32 -1.19 -4.65 -5.05
CA VAL A 32 0.25 -4.58 -4.85
C VAL A 32 1.00 -5.13 -6.06
N SER A 33 2.10 -4.47 -6.42
CA SER A 33 2.90 -4.88 -7.56
C SER A 33 3.82 -6.05 -7.18
N LYS A 34 4.15 -6.87 -8.17
CA LYS A 34 5.02 -8.02 -7.95
C LYS A 34 6.49 -7.61 -7.97
N PRO A 35 7.31 -8.31 -7.18
CA PRO A 35 8.75 -8.03 -7.09
C PRO A 35 9.50 -8.43 -8.36
N ASN A 36 10.58 -7.73 -8.65
CA ASN A 36 11.38 -8.02 -9.84
C ASN A 36 10.52 -7.96 -11.10
N GLU A 37 11.16 -8.16 -12.25
CA GLU A 37 10.45 -8.14 -13.52
C GLU A 37 9.07 -8.78 -13.39
N ASN A 38 8.06 -8.14 -13.97
CA ASN A 38 6.69 -8.65 -13.91
C ASN A 38 6.00 -8.50 -15.26
N ASP A 39 4.88 -9.18 -15.42
CA ASP A 39 4.12 -9.12 -16.66
C ASP A 39 3.05 -8.03 -16.60
N GLY A 40 3.03 -7.30 -15.49
CA GLY A 40 2.06 -6.24 -15.33
C GLY A 40 1.00 -6.58 -14.31
N GLN A 41 0.51 -7.82 -14.34
CA GLN A 41 -0.51 -8.27 -13.42
C GLN A 41 -0.11 -8.00 -11.97
N PHE A 42 -1.09 -7.66 -11.14
CA PHE A 42 -0.83 -7.37 -9.73
C PHE A 42 -1.51 -8.40 -8.84
N MET A 43 -1.21 -8.34 -7.54
CA MET A 43 -1.78 -9.26 -6.57
C MET A 43 -2.98 -8.63 -5.87
N GLU A 44 -3.72 -9.45 -5.11
CA GLU A 44 -4.88 -8.97 -4.39
C GLU A 44 -4.70 -9.14 -2.89
N ILE A 45 -4.50 -8.02 -2.19
CA ILE A 45 -4.32 -8.05 -0.74
C ILE A 45 -5.34 -7.18 -0.04
N THR A 46 -6.35 -7.82 0.55
CA THR A 46 -7.41 -7.10 1.26
C THR A 46 -7.18 -7.13 2.76
N VAL A 47 -7.40 -5.99 3.41
CA VAL A 47 -7.22 -5.90 4.86
C VAL A 47 -8.56 -5.73 5.57
N GLN A 48 -8.74 -6.49 6.65
CA GLN A 48 -9.98 -6.44 7.41
C GLN A 48 -10.40 -4.99 7.68
N SER A 49 -9.41 -4.13 7.92
CA SER A 49 -9.67 -2.73 8.19
C SER A 49 -8.48 -1.86 7.78
N LEU A 50 -8.75 -0.73 7.15
CA LEU A 50 -7.71 0.18 6.70
C LEU A 50 -6.87 0.66 7.88
N SER A 51 -7.51 0.84 9.03
CA SER A 51 -6.82 1.30 10.23
C SER A 51 -5.57 0.47 10.49
N GLU A 52 -5.55 -0.75 9.93
CA GLU A 52 -4.41 -1.64 10.09
C GLU A 52 -3.09 -0.91 9.85
N ASN A 53 -2.02 -1.44 10.40
CA ASN A 53 -0.69 -0.83 10.24
C ASN A 53 0.00 -1.39 9.00
N VAL A 54 0.59 -0.49 8.21
CA VAL A 54 1.30 -0.87 7.00
C VAL A 54 2.10 -2.16 7.22
N GLY A 55 2.75 -2.25 8.37
CA GLY A 55 3.54 -3.43 8.69
C GLY A 55 2.74 -4.72 8.54
N SER A 56 1.52 -4.71 9.05
CA SER A 56 0.66 -5.88 8.99
C SER A 56 0.46 -6.33 7.55
N LEU A 57 0.33 -5.36 6.64
CA LEU A 57 0.13 -5.65 5.22
C LEU A 57 1.36 -6.36 4.64
N LYS A 58 2.54 -5.91 5.03
CA LYS A 58 3.78 -6.49 4.55
C LYS A 58 3.83 -7.99 4.86
N GLU A 59 3.15 -8.38 5.93
CA GLU A 59 3.12 -9.78 6.35
C GLU A 59 2.30 -10.61 5.37
N LYS A 60 1.17 -10.08 4.94
CA LYS A 60 0.30 -10.77 4.00
C LYS A 60 1.06 -11.18 2.74
N ILE A 61 1.85 -10.25 2.23
CA ILE A 61 2.63 -10.50 1.02
C ILE A 61 3.93 -11.24 1.36
N ALA A 62 4.41 -11.06 2.58
CA ALA A 62 5.63 -11.72 3.03
C ALA A 62 5.54 -13.23 2.84
N GLY A 63 4.32 -13.76 2.85
CA GLY A 63 4.12 -15.18 2.68
C GLY A 63 4.26 -15.62 1.24
N GLU A 64 3.91 -14.73 0.31
CA GLU A 64 4.00 -15.04 -1.11
C GLU A 64 5.45 -14.98 -1.59
N ILE A 65 6.09 -13.83 -1.39
CA ILE A 65 7.48 -13.66 -1.81
C ILE A 65 8.43 -14.37 -0.85
N GLN A 66 7.90 -14.82 0.27
CA GLN A 66 8.70 -15.53 1.27
C GLN A 66 9.79 -14.61 1.83
N ILE A 67 9.41 -13.38 2.14
CA ILE A 67 10.35 -12.41 2.69
C ILE A 67 9.76 -11.66 3.88
N PRO A 68 10.56 -11.47 4.93
CA PRO A 68 10.14 -10.77 6.14
C PRO A 68 9.92 -9.28 5.90
N ALA A 69 8.87 -8.73 6.52
CA ALA A 69 8.56 -7.31 6.38
C ALA A 69 9.82 -6.46 6.46
N ASN A 70 10.78 -6.92 7.25
CA ASN A 70 12.04 -6.20 7.42
C ASN A 70 12.78 -6.06 6.08
N LYS A 71 12.96 -7.19 5.41
CA LYS A 71 13.65 -7.20 4.12
C LYS A 71 12.85 -6.44 3.07
N GLN A 72 11.69 -6.98 2.69
CA GLN A 72 10.84 -6.36 1.70
C GLN A 72 10.37 -4.98 2.18
N LYS A 73 10.42 -4.01 1.27
CA LYS A 73 10.01 -2.65 1.59
C LYS A 73 8.82 -2.23 0.75
N LEU A 74 7.98 -1.35 1.30
CA LEU A 74 6.80 -0.87 0.60
C LEU A 74 6.92 0.63 0.30
N SER A 75 6.59 1.00 -0.94
CA SER A 75 6.67 2.39 -1.34
C SER A 75 5.31 2.90 -1.82
N GLY A 76 4.85 4.00 -1.25
CA GLY A 76 3.57 4.56 -1.63
C GLY A 76 3.70 5.92 -2.29
N LYS A 77 2.63 6.36 -2.94
CA LYS A 77 2.62 7.65 -3.62
C LYS A 77 3.38 8.70 -2.81
N ALA A 78 3.05 8.80 -1.52
CA ALA A 78 3.69 9.76 -0.64
C ALA A 78 5.16 9.41 -0.43
N GLY A 79 5.45 8.11 -0.38
CA GLY A 79 6.82 7.66 -0.19
C GLY A 79 6.89 6.37 0.60
N PHE A 80 8.08 6.06 1.12
CA PHE A 80 8.28 4.84 1.89
C PHE A 80 7.30 4.75 3.05
N LEU A 81 6.31 3.87 2.93
CA LEU A 81 5.31 3.69 3.96
C LEU A 81 5.92 3.11 5.23
N LYS A 82 5.61 3.70 6.37
CA LYS A 82 6.13 3.24 7.65
C LYS A 82 5.22 2.17 8.24
N ASP A 83 5.83 1.05 8.67
CA ASP A 83 5.07 -0.04 9.26
C ASP A 83 4.25 0.45 10.45
N ASN A 84 4.75 1.45 11.14
CA ASN A 84 4.06 2.01 12.30
C ASN A 84 2.81 2.77 11.86
N MET A 85 2.91 3.50 10.76
CA MET A 85 1.79 4.27 10.24
C MET A 85 0.71 3.35 9.68
N SER A 86 -0.49 3.89 9.48
CA SER A 86 -1.61 3.11 8.96
C SER A 86 -1.79 3.37 7.46
N LEU A 87 -2.78 2.71 6.88
CA LEU A 87 -3.07 2.87 5.46
C LEU A 87 -4.01 4.04 5.22
N ALA A 88 -4.99 4.20 6.11
CA ALA A 88 -5.96 5.28 5.99
C ALA A 88 -5.27 6.64 6.10
N HIS A 89 -4.29 6.73 6.99
CA HIS A 89 -3.55 7.98 7.20
C HIS A 89 -2.94 8.47 5.89
N TYR A 90 -2.45 7.53 5.08
CA TYR A 90 -1.84 7.88 3.81
C TYR A 90 -2.90 8.02 2.72
N ASN A 91 -4.16 7.94 3.11
CA ASN A 91 -5.27 8.06 2.17
C ASN A 91 -5.29 6.88 1.21
N VAL A 92 -4.85 5.73 1.68
CA VAL A 92 -4.81 4.52 0.87
C VAL A 92 -5.99 3.60 1.18
N GLY A 93 -6.85 3.40 0.20
CA GLY A 93 -8.01 2.54 0.39
C GLY A 93 -8.80 2.35 -0.88
N ALA A 94 -8.95 1.09 -1.29
CA ALA A 94 -9.70 0.76 -2.50
C ALA A 94 -9.50 1.84 -3.57
N GLY A 95 -8.25 2.01 -4.00
CA GLY A 95 -7.95 3.00 -5.02
C GLY A 95 -6.47 3.24 -5.17
N GLU A 96 -5.81 3.61 -4.08
CA GLU A 96 -4.38 3.87 -4.10
C GLU A 96 -3.58 2.58 -4.19
N ILE A 97 -2.62 2.54 -5.11
CA ILE A 97 -1.79 1.36 -5.30
C ILE A 97 -0.39 1.57 -4.74
N LEU A 98 0.20 0.49 -4.23
CA LEU A 98 1.55 0.56 -3.65
C LEU A 98 2.50 -0.36 -4.41
N THR A 99 3.79 -0.06 -4.33
CA THR A 99 4.81 -0.86 -5.00
C THR A 99 5.65 -1.63 -3.99
N LEU A 100 6.10 -2.81 -4.39
CA LEU A 100 6.92 -3.65 -3.53
C LEU A 100 8.36 -3.75 -4.06
N SER A 101 9.32 -3.48 -3.19
CA SER A 101 10.73 -3.54 -3.58
C SER A 101 11.48 -4.57 -2.75
N LEU A 102 12.26 -5.41 -3.41
CA LEU A 102 13.03 -6.44 -2.74
C LEU A 102 14.45 -5.96 -2.45
N ARG A 103 14.93 -6.26 -1.24
CA ARG A 103 16.28 -5.85 -0.84
C ARG A 103 17.33 -6.72 -1.53
N GLU A 104 18.00 -6.16 -2.53
CA GLU A 104 19.03 -6.88 -3.26
C GLU A 104 20.10 -7.42 -2.31
N ARG A 105 20.62 -6.54 -1.45
CA ARG A 105 21.65 -6.93 -0.50
C ARG A 105 22.91 -7.40 -1.22
N SER A 106 24.04 -6.77 -0.89
CA SER A 106 25.32 -7.12 -1.51
C SER A 106 26.20 -7.88 -0.53
N GLY A 107 26.98 -8.83 -1.05
CA GLY A 107 27.86 -9.61 -0.20
C GLY A 107 28.21 -10.95 -0.81
N PRO A 108 28.90 -11.79 -0.03
CA PRO A 108 29.31 -13.13 -0.48
C PRO A 108 28.13 -14.08 -0.62
N SER A 109 27.94 -14.61 -1.82
CA SER A 109 26.85 -15.54 -2.09
C SER A 109 27.37 -16.95 -2.37
N SER A 110 26.57 -17.94 -2.03
CA SER A 110 26.96 -19.34 -2.24
C SER A 110 25.73 -20.25 -2.27
N GLY A 111 25.43 -20.78 -3.44
CA GLY A 111 24.28 -21.65 -3.58
C GLY A 111 24.64 -23.12 -3.41
N GLY A 1 -25.90 21.33 -19.06
CA GLY A 1 -24.87 20.32 -19.25
C GLY A 1 -24.46 19.66 -17.95
N SER A 2 -24.15 18.37 -18.01
CA SER A 2 -23.74 17.63 -16.82
C SER A 2 -23.09 16.29 -17.21
N SER A 3 -21.77 16.32 -17.35
CA SER A 3 -21.02 15.12 -17.72
C SER A 3 -19.58 15.22 -17.25
N GLY A 4 -18.89 14.07 -17.23
CA GLY A 4 -17.51 14.04 -16.79
C GLY A 4 -17.38 13.87 -15.29
N SER A 5 -16.23 13.39 -14.85
CA SER A 5 -15.98 13.17 -13.42
C SER A 5 -14.48 13.09 -13.14
N SER A 6 -14.02 13.90 -12.19
CA SER A 6 -12.61 13.93 -11.82
C SER A 6 -12.37 14.87 -10.65
N GLY A 7 -11.27 14.66 -9.94
CA GLY A 7 -10.94 15.50 -8.81
C GLY A 7 -9.52 15.30 -8.33
N LYS A 8 -8.67 16.29 -8.58
CA LYS A 8 -7.27 16.23 -8.17
C LYS A 8 -7.14 16.34 -6.66
N PHE A 9 -6.30 15.49 -6.08
CA PHE A 9 -6.09 15.50 -4.64
C PHE A 9 -5.40 16.79 -4.19
N ASP A 10 -6.07 17.54 -3.34
CA ASP A 10 -5.53 18.80 -2.83
C ASP A 10 -4.79 18.59 -1.52
N GLU A 11 -3.46 18.62 -1.59
CA GLU A 11 -2.64 18.43 -0.41
C GLU A 11 -3.21 19.18 0.78
N SER A 12 -3.65 20.41 0.55
CA SER A 12 -4.23 21.23 1.61
C SER A 12 -5.71 20.92 1.80
N ALA A 13 -6.03 19.64 1.91
CA ALA A 13 -7.41 19.21 2.10
C ALA A 13 -7.51 17.68 2.12
N LEU A 14 -6.58 17.04 2.82
CA LEU A 14 -6.56 15.58 2.91
C LEU A 14 -7.53 15.10 3.99
N VAL A 15 -8.09 13.91 3.79
CA VAL A 15 -9.03 13.33 4.74
C VAL A 15 -8.29 12.76 5.95
N PRO A 16 -8.79 13.11 7.15
CA PRO A 16 -8.20 12.64 8.41
C PRO A 16 -8.43 11.15 8.64
N GLU A 17 -7.35 10.44 9.00
CA GLU A 17 -7.44 9.01 9.24
C GLU A 17 -8.66 8.67 10.08
N ASP A 18 -9.16 9.66 10.83
CA ASP A 18 -10.32 9.47 11.67
C ASP A 18 -11.58 9.26 10.83
N GLN A 19 -11.72 10.06 9.78
CA GLN A 19 -12.88 9.97 8.90
C GLN A 19 -12.67 8.89 7.84
N PHE A 20 -11.51 8.94 7.19
CA PHE A 20 -11.18 7.97 6.14
C PHE A 20 -11.48 6.55 6.61
N LEU A 21 -11.28 6.30 7.90
CA LEU A 21 -11.52 4.99 8.48
C LEU A 21 -12.99 4.58 8.31
N ALA A 22 -13.88 5.31 8.96
CA ALA A 22 -15.30 5.02 8.88
C ALA A 22 -15.78 5.02 7.43
N GLN A 23 -15.37 6.03 6.67
CA GLN A 23 -15.75 6.14 5.27
C GLN A 23 -15.82 4.77 4.61
N HIS A 24 -14.96 3.86 5.06
CA HIS A 24 -14.94 2.50 4.51
C HIS A 24 -15.08 1.47 5.63
N PRO A 25 -16.32 1.06 5.90
CA PRO A 25 -16.62 0.08 6.94
C PRO A 25 -16.15 -1.32 6.56
N GLY A 26 -16.45 -1.73 5.34
CA GLY A 26 -16.05 -3.05 4.87
C GLY A 26 -14.58 -3.10 4.49
N PRO A 27 -14.10 -4.30 4.14
CA PRO A 27 -12.70 -4.52 3.75
C PRO A 27 -12.37 -3.89 2.41
N ALA A 28 -11.14 -3.45 2.24
CA ALA A 28 -10.69 -2.83 1.01
C ALA A 28 -9.54 -3.61 0.38
N THR A 29 -9.69 -3.94 -0.91
CA THR A 29 -8.65 -4.68 -1.62
C THR A 29 -7.48 -3.79 -1.97
N ILE A 30 -6.34 -4.04 -1.31
CA ILE A 30 -5.13 -3.26 -1.55
C ILE A 30 -4.32 -3.84 -2.70
N ARG A 31 -4.13 -3.06 -3.74
CA ARG A 31 -3.37 -3.50 -4.91
C ARG A 31 -1.87 -3.28 -4.69
N VAL A 32 -1.08 -4.33 -4.93
CA VAL A 32 0.36 -4.25 -4.76
C VAL A 32 1.09 -4.75 -6.00
N SER A 33 2.10 -4.01 -6.44
CA SER A 33 2.87 -4.38 -7.62
C SER A 33 3.85 -5.50 -7.29
N LYS A 34 4.33 -6.19 -8.33
CA LYS A 34 5.28 -7.27 -8.16
C LYS A 34 6.65 -6.74 -7.74
N PRO A 35 7.41 -7.59 -7.03
CA PRO A 35 8.76 -7.22 -6.56
C PRO A 35 9.76 -7.13 -7.70
N ASN A 36 9.29 -7.37 -8.92
CA ASN A 36 10.15 -7.30 -10.10
C ASN A 36 10.20 -5.89 -10.66
N GLU A 37 11.07 -5.68 -11.64
CA GLU A 37 11.21 -4.37 -12.26
C GLU A 37 9.86 -3.83 -12.72
N ASN A 38 9.16 -4.62 -13.53
CA ASN A 38 7.85 -4.22 -14.02
C ASN A 38 7.24 -5.33 -14.89
N ASP A 39 6.46 -6.20 -14.26
CA ASP A 39 5.81 -7.30 -14.97
C ASP A 39 4.42 -6.89 -15.46
N GLY A 40 3.73 -6.09 -14.66
CA GLY A 40 2.41 -5.63 -15.04
C GLY A 40 1.35 -6.00 -14.01
N GLN A 41 0.58 -7.05 -14.31
CA GLN A 41 -0.46 -7.50 -13.40
C GLN A 41 -0.02 -7.35 -11.95
N PHE A 42 -0.98 -7.01 -11.07
CA PHE A 42 -0.69 -6.83 -9.66
C PHE A 42 -1.45 -7.86 -8.82
N MET A 43 -1.13 -7.90 -7.53
CA MET A 43 -1.78 -8.84 -6.62
C MET A 43 -2.98 -8.19 -5.94
N GLU A 44 -3.77 -8.99 -5.25
CA GLU A 44 -4.96 -8.49 -4.55
C GLU A 44 -4.94 -8.90 -3.08
N ILE A 45 -4.52 -7.97 -2.22
CA ILE A 45 -4.47 -8.23 -0.79
C ILE A 45 -5.52 -7.42 -0.03
N THR A 46 -6.58 -8.09 0.39
CA THR A 46 -7.66 -7.44 1.12
C THR A 46 -7.37 -7.42 2.62
N VAL A 47 -7.70 -6.30 3.26
CA VAL A 47 -7.47 -6.15 4.69
C VAL A 47 -8.78 -5.84 5.42
N GLN A 48 -9.18 -6.75 6.31
CA GLN A 48 -10.40 -6.60 7.07
C GLN A 48 -10.62 -5.12 7.43
N SER A 49 -9.54 -4.43 7.77
CA SER A 49 -9.62 -3.03 8.13
C SER A 49 -8.41 -2.26 7.60
N LEU A 50 -8.62 -0.98 7.29
CA LEU A 50 -7.56 -0.13 6.77
C LEU A 50 -6.69 0.40 7.89
N SER A 51 -7.31 0.69 9.03
CA SER A 51 -6.58 1.21 10.19
C SER A 51 -5.29 0.44 10.41
N GLU A 52 -5.28 -0.82 9.96
CA GLU A 52 -4.10 -1.67 10.12
C GLU A 52 -2.82 -0.89 9.83
N ASN A 53 -1.72 -1.34 10.43
CA ASN A 53 -0.43 -0.68 10.24
C ASN A 53 0.29 -1.22 9.01
N VAL A 54 0.74 -0.32 8.14
CA VAL A 54 1.44 -0.71 6.92
C VAL A 54 2.34 -1.91 7.17
N GLY A 55 2.94 -1.97 8.35
CA GLY A 55 3.82 -3.08 8.70
C GLY A 55 3.11 -4.42 8.61
N SER A 56 1.90 -4.49 9.14
CA SER A 56 1.13 -5.72 9.13
C SER A 56 0.88 -6.20 7.70
N LEU A 57 0.72 -5.25 6.79
CA LEU A 57 0.49 -5.57 5.38
C LEU A 57 1.63 -6.40 4.82
N LYS A 58 2.86 -6.01 5.15
CA LYS A 58 4.04 -6.73 4.68
C LYS A 58 3.94 -8.22 5.00
N GLU A 59 3.27 -8.54 6.10
CA GLU A 59 3.10 -9.93 6.51
C GLU A 59 2.33 -10.72 5.45
N LYS A 60 1.20 -10.16 5.02
CA LYS A 60 0.36 -10.80 4.01
C LYS A 60 1.20 -11.32 2.86
N ILE A 61 1.82 -10.40 2.13
CA ILE A 61 2.66 -10.76 1.00
C ILE A 61 3.87 -11.59 1.44
N ALA A 62 4.46 -11.19 2.56
CA ALA A 62 5.62 -11.89 3.09
C ALA A 62 5.44 -13.40 3.00
N GLY A 63 4.20 -13.85 3.05
CA GLY A 63 3.92 -15.27 2.97
C GLY A 63 4.08 -15.82 1.56
N GLU A 64 3.67 -15.03 0.58
CA GLU A 64 3.76 -15.44 -0.82
C GLU A 64 5.21 -15.41 -1.29
N ILE A 65 5.81 -14.23 -1.26
CA ILE A 65 7.20 -14.05 -1.68
C ILE A 65 8.15 -14.70 -0.69
N GLN A 66 7.62 -15.10 0.46
CA GLN A 66 8.43 -15.74 1.49
C GLN A 66 9.56 -14.81 1.96
N ILE A 67 9.22 -13.54 2.14
CA ILE A 67 10.20 -12.54 2.59
C ILE A 67 9.69 -11.78 3.80
N PRO A 68 10.60 -11.53 4.76
CA PRO A 68 10.27 -10.80 5.99
C PRO A 68 10.00 -9.32 5.73
N ALA A 69 8.98 -8.79 6.40
CA ALA A 69 8.63 -7.38 6.24
C ALA A 69 9.88 -6.50 6.21
N ASN A 70 10.94 -6.97 6.85
CA ASN A 70 12.19 -6.23 6.90
C ASN A 70 12.83 -6.14 5.52
N LYS A 71 13.02 -7.30 4.89
CA LYS A 71 13.61 -7.36 3.56
C LYS A 71 12.80 -6.54 2.56
N GLN A 72 11.63 -7.05 2.21
CA GLN A 72 10.75 -6.36 1.25
C GLN A 72 10.33 -5.00 1.79
N LYS A 73 10.37 -3.99 0.93
CA LYS A 73 9.98 -2.63 1.32
C LYS A 73 8.73 -2.19 0.57
N LEU A 74 7.86 -1.47 1.26
CA LEU A 74 6.63 -0.97 0.66
C LEU A 74 6.71 0.53 0.44
N SER A 75 6.36 0.96 -0.78
CA SER A 75 6.39 2.37 -1.14
C SER A 75 5.02 2.83 -1.64
N GLY A 76 4.64 4.05 -1.28
CA GLY A 76 3.36 4.58 -1.71
C GLY A 76 3.51 5.78 -2.62
N LYS A 77 2.41 6.20 -3.22
CA LYS A 77 2.42 7.35 -4.12
C LYS A 77 3.34 8.46 -3.59
N ALA A 78 3.18 8.78 -2.31
CA ALA A 78 4.00 9.81 -1.68
C ALA A 78 5.46 9.36 -1.58
N GLY A 79 5.67 8.11 -1.16
CA GLY A 79 7.02 7.59 -1.03
C GLY A 79 7.09 6.43 -0.05
N PHE A 80 8.30 6.09 0.36
CA PHE A 80 8.51 4.99 1.30
C PHE A 80 7.48 5.03 2.42
N LEU A 81 6.66 3.99 2.51
CA LEU A 81 5.64 3.90 3.54
C LEU A 81 6.24 3.51 4.89
N LYS A 82 5.65 4.02 5.97
CA LYS A 82 6.13 3.72 7.31
C LYS A 82 5.19 2.75 8.01
N ASP A 83 5.76 1.70 8.60
CA ASP A 83 4.96 0.71 9.31
C ASP A 83 4.14 1.35 10.42
N ASN A 84 4.72 2.37 11.06
CA ASN A 84 4.04 3.07 12.14
C ASN A 84 2.84 3.86 11.61
N MET A 85 2.80 4.04 10.30
CA MET A 85 1.71 4.77 9.67
C MET A 85 0.58 3.82 9.27
N SER A 86 -0.65 4.34 9.30
CA SER A 86 -1.82 3.54 8.94
C SER A 86 -2.17 3.70 7.47
N LEU A 87 -2.94 2.76 6.94
CA LEU A 87 -3.36 2.80 5.54
C LEU A 87 -4.37 3.90 5.30
N ALA A 88 -5.32 4.03 6.22
CA ALA A 88 -6.35 5.06 6.10
C ALA A 88 -5.74 6.45 6.03
N HIS A 89 -4.74 6.70 6.86
CA HIS A 89 -4.07 7.99 6.88
C HIS A 89 -3.48 8.33 5.52
N TYR A 90 -2.85 7.34 4.89
CA TYR A 90 -2.25 7.55 3.58
C TYR A 90 -3.31 7.84 2.53
N ASN A 91 -4.58 7.71 2.93
CA ASN A 91 -5.69 7.98 2.03
C ASN A 91 -5.82 6.87 0.98
N VAL A 92 -5.73 5.62 1.45
CA VAL A 92 -5.84 4.47 0.56
C VAL A 92 -7.18 3.77 0.74
N GLY A 93 -7.96 3.70 -0.34
CA GLY A 93 -9.26 3.05 -0.28
C GLY A 93 -9.72 2.54 -1.63
N ALA A 94 -9.63 1.23 -1.84
CA ALA A 94 -10.04 0.62 -3.09
C ALA A 94 -9.75 1.56 -4.27
N GLY A 95 -8.55 2.11 -4.30
CA GLY A 95 -8.18 3.01 -5.37
C GLY A 95 -6.68 3.23 -5.45
N GLU A 96 -6.05 3.43 -4.29
CA GLU A 96 -4.61 3.66 -4.24
C GLU A 96 -3.84 2.38 -4.55
N ILE A 97 -2.64 2.54 -5.11
CA ILE A 97 -1.82 1.39 -5.46
C ILE A 97 -0.47 1.45 -4.74
N LEU A 98 -0.05 0.31 -4.19
CA LEU A 98 1.22 0.23 -3.47
C LEU A 98 2.25 -0.55 -4.28
N THR A 99 3.51 -0.15 -4.16
CA THR A 99 4.60 -0.81 -4.88
C THR A 99 5.50 -1.59 -3.92
N LEU A 100 6.00 -2.72 -4.39
CA LEU A 100 6.87 -3.57 -3.58
C LEU A 100 8.26 -3.65 -4.19
N SER A 101 9.27 -3.30 -3.40
CA SER A 101 10.65 -3.34 -3.86
C SER A 101 11.46 -4.35 -3.07
N LEU A 102 12.40 -5.01 -3.74
CA LEU A 102 13.25 -6.02 -3.10
C LEU A 102 14.53 -5.38 -2.58
N ARG A 103 15.07 -5.95 -1.50
CA ARG A 103 16.29 -5.44 -0.90
C ARG A 103 17.49 -5.68 -1.81
N GLU A 104 17.91 -4.63 -2.51
CA GLU A 104 19.05 -4.73 -3.42
C GLU A 104 20.24 -3.94 -2.91
N ARG A 105 21.44 -4.36 -3.29
CA ARG A 105 22.66 -3.68 -2.87
C ARG A 105 22.62 -2.20 -3.20
N SER A 106 22.43 -1.89 -4.49
CA SER A 106 22.37 -0.51 -4.94
C SER A 106 23.73 0.17 -4.78
N GLY A 107 24.06 1.02 -5.75
CA GLY A 107 25.33 1.73 -5.70
C GLY A 107 25.16 3.24 -5.72
N PRO A 108 24.95 3.84 -4.54
CA PRO A 108 24.76 5.28 -4.40
C PRO A 108 26.04 6.06 -4.67
N SER A 109 27.19 5.39 -4.52
CA SER A 109 28.47 6.03 -4.74
C SER A 109 28.82 6.99 -3.61
N SER A 110 28.02 8.04 -3.46
CA SER A 110 28.24 9.03 -2.43
C SER A 110 26.91 9.63 -1.95
N GLY A 111 26.08 10.03 -2.91
CA GLY A 111 24.80 10.61 -2.57
C GLY A 111 24.10 11.21 -3.78
#